data_7LX6
# 
_entry.id   7LX6 
# 
_audit_conform.dict_name       mmcif_pdbx.dic 
_audit_conform.dict_version    5.380 
_audit_conform.dict_location   http://mmcif.pdb.org/dictionaries/ascii/mmcif_pdbx.dic 
# 
loop_
_database_2.database_id 
_database_2.database_code 
_database_2.pdbx_database_accession 
_database_2.pdbx_DOI 
PDB   7LX6         pdb_00007lx6 10.2210/pdb7lx6/pdb 
WWPDB D_1000254738 ?            ?                   
# 
_pdbx_database_status.status_code                     REL 
_pdbx_database_status.status_code_sf                  REL 
_pdbx_database_status.status_code_mr                  ? 
_pdbx_database_status.entry_id                        7LX6 
_pdbx_database_status.recvd_initial_deposition_date   2021-03-03 
_pdbx_database_status.SG_entry                        N 
_pdbx_database_status.deposit_site                    RCSB 
_pdbx_database_status.process_site                    RCSB 
_pdbx_database_status.status_code_cs                  ? 
_pdbx_database_status.status_code_nmr_data            ? 
_pdbx_database_status.methods_development_category    ? 
_pdbx_database_status.pdb_format_compatible           Y 
# 
loop_
_audit_author.name 
_audit_author.pdbx_ordinal 
_audit_author.identifier_ORCID 
'Kamenik, A.S.'  1 ? 
'Singh, I.'      2 ? 
'Lak, P.'        3 ? 
'Balius, T.E.'   4 ? 
'Liedl, K.R.'    5 ? 
'Shoichet, B.K.' 6 ? 
# 
_citation.abstract                  ? 
_citation.abstract_id_CAS           ? 
_citation.book_id_ISBN              ? 
_citation.book_publisher            ? 
_citation.book_publisher_city       ? 
_citation.book_title                ? 
_citation.coordinate_linkage        ? 
_citation.country                   US 
_citation.database_id_Medline       ? 
_citation.details                   ? 
_citation.id                        primary 
_citation.journal_abbrev            Proc.Natl.Acad.Sci.USA 
_citation.journal_id_ASTM           PNASA6 
_citation.journal_id_CSD            0040 
_citation.journal_id_ISSN           1091-6490 
_citation.journal_full              ? 
_citation.journal_issue             ? 
_citation.journal_volume            118 
_citation.language                  ? 
_citation.page_first                ? 
_citation.page_last                 ? 
_citation.title                     'Energy penalties enhance flexible receptor docking in a model cavity.' 
_citation.year                      2021 
_citation.database_id_CSD           ? 
_citation.pdbx_database_id_DOI      10.1073/pnas.2106195118 
_citation.pdbx_database_id_PubMed   34475217 
_citation.pdbx_database_id_patent   ? 
_citation.unpublished_flag          ? 
# 
loop_
_citation_author.citation_id 
_citation_author.name 
_citation_author.ordinal 
_citation_author.identifier_ORCID 
primary 'Kamenik, A.S.'  1 0000-0001-8657-0036 
primary 'Singh, I.'      2 ?                   
primary 'Lak, P.'        3 ?                   
primary 'Balius, T.E.'   4 0000-0002-6811-4667 
primary 'Liedl, K.R.'    5 ?                   
primary 'Shoichet, B.K.' 6 0000-0002-6098-7367 
# 
_cell.angle_alpha                  90.000 
_cell.angle_alpha_esd              ? 
_cell.angle_beta                   90.000 
_cell.angle_beta_esd               ? 
_cell.angle_gamma                  120.000 
_cell.angle_gamma_esd              ? 
_cell.entry_id                     7LX6 
_cell.details                      ? 
_cell.formula_units_Z              ? 
_cell.length_a                     60.272 
_cell.length_a_esd                 ? 
_cell.length_b                     60.272 
_cell.length_b_esd                 ? 
_cell.length_c                     96.500 
_cell.length_c_esd                 ? 
_cell.volume                       ? 
_cell.volume_esd                   ? 
_cell.Z_PDB                        6 
_cell.reciprocal_angle_alpha       ? 
_cell.reciprocal_angle_beta        ? 
_cell.reciprocal_angle_gamma       ? 
_cell.reciprocal_angle_alpha_esd   ? 
_cell.reciprocal_angle_beta_esd    ? 
_cell.reciprocal_angle_gamma_esd   ? 
_cell.reciprocal_length_a          ? 
_cell.reciprocal_length_b          ? 
_cell.reciprocal_length_c          ? 
_cell.reciprocal_length_a_esd      ? 
_cell.reciprocal_length_b_esd      ? 
_cell.reciprocal_length_c_esd      ? 
_cell.pdbx_unique_axis             ? 
# 
_symmetry.entry_id                         7LX6 
_symmetry.cell_setting                     ? 
_symmetry.Int_Tables_number                154 
_symmetry.space_group_name_Hall            ? 
_symmetry.space_group_name_H-M             'P 32 2 1' 
_symmetry.pdbx_full_space_group_name_H-M   ? 
# 
loop_
_entity.id 
_entity.type 
_entity.src_method 
_entity.pdbx_description 
_entity.formula_weight 
_entity.pdbx_number_of_molecules 
_entity.pdbx_ec 
_entity.pdbx_mutation 
_entity.pdbx_fragment 
_entity.details 
1 polymer     man Lysozyme                                        19691.541 1   3.2.1.17 L99A ? ? 
2 non-polymer syn '5-[(2-phenylethyl)sulfanyl]-1H-1,2,3-triazole' 205.279   1   ?        ?    ? ? 
3 non-polymer syn 2-AMINO-2-HYDROXYMETHYL-PROPANE-1,3-DIOL        122.143   1   ?        ?    ? ? 
4 water       nat water                                           18.015    123 ?        ?    ? ? 
# 
_entity_name_com.entity_id   1 
_entity_name_com.name        'Lysis protein,Endolysin,Muramidase' 
# 
_entity_poly.entity_id                      1 
_entity_poly.type                           'polypeptide(L)' 
_entity_poly.nstd_linkage                   no 
_entity_poly.nstd_monomer                   no 
_entity_poly.pdbx_seq_one_letter_code       
;MNIFEMLRIDEGLRLKIYKDTEGYYTIGIGHLLTKSPSLNAAKSELDKAIGRNCNGVITKDEAEKLFNQDVDAAVRGILR
NAKLKPVYDSLDAVRRCAAINMVFQMGETGVAGFTNSLRMLQQKRWDEAAVNLAKSRWYNQTPNRAKRVITTFRTGTWDA
YKNLLEHHHHHH
;
_entity_poly.pdbx_seq_one_letter_code_can   
;MNIFEMLRIDEGLRLKIYKDTEGYYTIGIGHLLTKSPSLNAAKSELDKAIGRNCNGVITKDEAEKLFNQDVDAAVRGILR
NAKLKPVYDSLDAVRRCAAINMVFQMGETGVAGFTNSLRMLQQKRWDEAAVNLAKSRWYNQTPNRAKRVITTFRTGTWDA
YKNLLEHHHHHH
;
_entity_poly.pdbx_strand_id                 A 
_entity_poly.pdbx_target_identifier         ? 
# 
loop_
_entity_poly_seq.entity_id 
_entity_poly_seq.num 
_entity_poly_seq.mon_id 
_entity_poly_seq.hetero 
1 1   MET n 
1 2   ASN n 
1 3   ILE n 
1 4   PHE n 
1 5   GLU n 
1 6   MET n 
1 7   LEU n 
1 8   ARG n 
1 9   ILE n 
1 10  ASP n 
1 11  GLU n 
1 12  GLY n 
1 13  LEU n 
1 14  ARG n 
1 15  LEU n 
1 16  LYS n 
1 17  ILE n 
1 18  TYR n 
1 19  LYS n 
1 20  ASP n 
1 21  THR n 
1 22  GLU n 
1 23  GLY n 
1 24  TYR n 
1 25  TYR n 
1 26  THR n 
1 27  ILE n 
1 28  GLY n 
1 29  ILE n 
1 30  GLY n 
1 31  HIS n 
1 32  LEU n 
1 33  LEU n 
1 34  THR n 
1 35  LYS n 
1 36  SER n 
1 37  PRO n 
1 38  SER n 
1 39  LEU n 
1 40  ASN n 
1 41  ALA n 
1 42  ALA n 
1 43  LYS n 
1 44  SER n 
1 45  GLU n 
1 46  LEU n 
1 47  ASP n 
1 48  LYS n 
1 49  ALA n 
1 50  ILE n 
1 51  GLY n 
1 52  ARG n 
1 53  ASN n 
1 54  CYS n 
1 55  ASN n 
1 56  GLY n 
1 57  VAL n 
1 58  ILE n 
1 59  THR n 
1 60  LYS n 
1 61  ASP n 
1 62  GLU n 
1 63  ALA n 
1 64  GLU n 
1 65  LYS n 
1 66  LEU n 
1 67  PHE n 
1 68  ASN n 
1 69  GLN n 
1 70  ASP n 
1 71  VAL n 
1 72  ASP n 
1 73  ALA n 
1 74  ALA n 
1 75  VAL n 
1 76  ARG n 
1 77  GLY n 
1 78  ILE n 
1 79  LEU n 
1 80  ARG n 
1 81  ASN n 
1 82  ALA n 
1 83  LYS n 
1 84  LEU n 
1 85  LYS n 
1 86  PRO n 
1 87  VAL n 
1 88  TYR n 
1 89  ASP n 
1 90  SER n 
1 91  LEU n 
1 92  ASP n 
1 93  ALA n 
1 94  VAL n 
1 95  ARG n 
1 96  ARG n 
1 97  CYS n 
1 98  ALA n 
1 99  ALA n 
1 100 ILE n 
1 101 ASN n 
1 102 MET n 
1 103 VAL n 
1 104 PHE n 
1 105 GLN n 
1 106 MET n 
1 107 GLY n 
1 108 GLU n 
1 109 THR n 
1 110 GLY n 
1 111 VAL n 
1 112 ALA n 
1 113 GLY n 
1 114 PHE n 
1 115 THR n 
1 116 ASN n 
1 117 SER n 
1 118 LEU n 
1 119 ARG n 
1 120 MET n 
1 121 LEU n 
1 122 GLN n 
1 123 GLN n 
1 124 LYS n 
1 125 ARG n 
1 126 TRP n 
1 127 ASP n 
1 128 GLU n 
1 129 ALA n 
1 130 ALA n 
1 131 VAL n 
1 132 ASN n 
1 133 LEU n 
1 134 ALA n 
1 135 LYS n 
1 136 SER n 
1 137 ARG n 
1 138 TRP n 
1 139 TYR n 
1 140 ASN n 
1 141 GLN n 
1 142 THR n 
1 143 PRO n 
1 144 ASN n 
1 145 ARG n 
1 146 ALA n 
1 147 LYS n 
1 148 ARG n 
1 149 VAL n 
1 150 ILE n 
1 151 THR n 
1 152 THR n 
1 153 PHE n 
1 154 ARG n 
1 155 THR n 
1 156 GLY n 
1 157 THR n 
1 158 TRP n 
1 159 ASP n 
1 160 ALA n 
1 161 TYR n 
1 162 LYS n 
1 163 ASN n 
1 164 LEU n 
1 165 LEU n 
1 166 GLU n 
1 167 HIS n 
1 168 HIS n 
1 169 HIS n 
1 170 HIS n 
1 171 HIS n 
1 172 HIS n 
# 
_entity_src_gen.entity_id                          1 
_entity_src_gen.pdbx_src_id                        1 
_entity_src_gen.pdbx_alt_source_flag               sample 
_entity_src_gen.pdbx_seq_type                      'Biological sequence' 
_entity_src_gen.pdbx_beg_seq_num                   1 
_entity_src_gen.pdbx_end_seq_num                   172 
_entity_src_gen.gene_src_common_name               'Bacteriophage T4' 
_entity_src_gen.gene_src_genus                     ? 
_entity_src_gen.pdbx_gene_src_gene                 'e, T4Tp126' 
_entity_src_gen.gene_src_species                   ? 
_entity_src_gen.gene_src_strain                    ? 
_entity_src_gen.gene_src_tissue                    ? 
_entity_src_gen.gene_src_tissue_fraction           ? 
_entity_src_gen.gene_src_details                   ? 
_entity_src_gen.pdbx_gene_src_fragment             ? 
_entity_src_gen.pdbx_gene_src_scientific_name      'Enterobacteria phage T4' 
_entity_src_gen.pdbx_gene_src_ncbi_taxonomy_id     10665 
_entity_src_gen.pdbx_gene_src_variant              ? 
_entity_src_gen.pdbx_gene_src_cell_line            ? 
_entity_src_gen.pdbx_gene_src_atcc                 ? 
_entity_src_gen.pdbx_gene_src_organ                ? 
_entity_src_gen.pdbx_gene_src_organelle            ? 
_entity_src_gen.pdbx_gene_src_cell                 ? 
_entity_src_gen.pdbx_gene_src_cellular_location    ? 
_entity_src_gen.host_org_common_name               ? 
_entity_src_gen.pdbx_host_org_scientific_name      
;Escherichia coli 'BL21-Gold(DE3)pLysS AG'
;
_entity_src_gen.pdbx_host_org_ncbi_taxonomy_id     866768 
_entity_src_gen.host_org_genus                     ? 
_entity_src_gen.pdbx_host_org_gene                 ? 
_entity_src_gen.pdbx_host_org_organ                ? 
_entity_src_gen.host_org_species                   ? 
_entity_src_gen.pdbx_host_org_tissue               ? 
_entity_src_gen.pdbx_host_org_tissue_fraction      ? 
_entity_src_gen.pdbx_host_org_strain               ? 
_entity_src_gen.pdbx_host_org_variant              ? 
_entity_src_gen.pdbx_host_org_cell_line            ? 
_entity_src_gen.pdbx_host_org_atcc                 ? 
_entity_src_gen.pdbx_host_org_culture_collection   ? 
_entity_src_gen.pdbx_host_org_cell                 ? 
_entity_src_gen.pdbx_host_org_organelle            ? 
_entity_src_gen.pdbx_host_org_cellular_location    ? 
_entity_src_gen.pdbx_host_org_vector_type          ? 
_entity_src_gen.pdbx_host_org_vector               ? 
_entity_src_gen.host_org_details                   ? 
_entity_src_gen.expression_system_id               ? 
_entity_src_gen.plasmid_name                       ? 
_entity_src_gen.plasmid_details                    ? 
_entity_src_gen.pdbx_description                   ? 
# 
_struct_ref.id                         1 
_struct_ref.db_name                    UNP 
_struct_ref.db_code                    D9IEF7_BPT4 
_struct_ref.pdbx_db_accession          D9IEF7 
_struct_ref.pdbx_db_isoform            ? 
_struct_ref.entity_id                  1 
_struct_ref.pdbx_seq_one_letter_code   
;MNIFEMLRIDEGLRLKIYKDTEGYYTIGIGHLLTKSPSLNAAKSELDKAIGRNCNGVITKDEAEKLFNQDVDAAVRGILR
NAKLKPVYDSLDAVRRCALINMVFQMGETGVAGFTNSLRMLQQKRWDEAAVNLAKSRWYNQTPNRAKRVITTFRTGTWDA
YKNL
;
_struct_ref.pdbx_align_begin           1 
# 
_struct_ref_seq.align_id                      1 
_struct_ref_seq.ref_id                        1 
_struct_ref_seq.pdbx_PDB_id_code              7LX6 
_struct_ref_seq.pdbx_strand_id                A 
_struct_ref_seq.seq_align_beg                 1 
_struct_ref_seq.pdbx_seq_align_beg_ins_code   ? 
_struct_ref_seq.seq_align_end                 164 
_struct_ref_seq.pdbx_seq_align_end_ins_code   ? 
_struct_ref_seq.pdbx_db_accession             D9IEF7 
_struct_ref_seq.db_align_beg                  1 
_struct_ref_seq.pdbx_db_align_beg_ins_code    ? 
_struct_ref_seq.db_align_end                  164 
_struct_ref_seq.pdbx_db_align_end_ins_code    ? 
_struct_ref_seq.pdbx_auth_seq_align_beg       1 
_struct_ref_seq.pdbx_auth_seq_align_end       164 
# 
loop_
_struct_ref_seq_dif.align_id 
_struct_ref_seq_dif.pdbx_pdb_id_code 
_struct_ref_seq_dif.mon_id 
_struct_ref_seq_dif.pdbx_pdb_strand_id 
_struct_ref_seq_dif.seq_num 
_struct_ref_seq_dif.pdbx_pdb_ins_code 
_struct_ref_seq_dif.pdbx_seq_db_name 
_struct_ref_seq_dif.pdbx_seq_db_accession_code 
_struct_ref_seq_dif.db_mon_id 
_struct_ref_seq_dif.pdbx_seq_db_seq_num 
_struct_ref_seq_dif.details 
_struct_ref_seq_dif.pdbx_auth_seq_num 
_struct_ref_seq_dif.pdbx_ordinal 
1 7LX6 ALA A 99  ? UNP D9IEF7 LEU 99 'engineered mutation' 99  1 
1 7LX6 LEU A 165 ? UNP D9IEF7 ?   ?  'expression tag'      165 2 
1 7LX6 GLU A 166 ? UNP D9IEF7 ?   ?  'expression tag'      166 3 
1 7LX6 HIS A 167 ? UNP D9IEF7 ?   ?  'expression tag'      167 4 
1 7LX6 HIS A 168 ? UNP D9IEF7 ?   ?  'expression tag'      168 5 
1 7LX6 HIS A 169 ? UNP D9IEF7 ?   ?  'expression tag'      169 6 
1 7LX6 HIS A 170 ? UNP D9IEF7 ?   ?  'expression tag'      170 7 
1 7LX6 HIS A 171 ? UNP D9IEF7 ?   ?  'expression tag'      171 8 
1 7LX6 HIS A 172 ? UNP D9IEF7 ?   ?  'expression tag'      172 9 
# 
loop_
_chem_comp.id 
_chem_comp.type 
_chem_comp.mon_nstd_flag 
_chem_comp.name 
_chem_comp.pdbx_synonyms 
_chem_comp.formula 
_chem_comp.formula_weight 
ALA 'L-peptide linking' y ALANINE                                         ?             'C3 H7 N O2'     89.093  
ARG 'L-peptide linking' y ARGININE                                        ?             'C6 H15 N4 O2 1' 175.209 
ASN 'L-peptide linking' y ASPARAGINE                                      ?             'C4 H8 N2 O3'    132.118 
ASP 'L-peptide linking' y 'ASPARTIC ACID'                                 ?             'C4 H7 N O4'     133.103 
CYS 'L-peptide linking' y CYSTEINE                                        ?             'C3 H7 N O2 S'   121.158 
GLN 'L-peptide linking' y GLUTAMINE                                       ?             'C5 H10 N2 O3'   146.144 
GLU 'L-peptide linking' y 'GLUTAMIC ACID'                                 ?             'C5 H9 N O4'     147.129 
GLY 'peptide linking'   y GLYCINE                                         ?             'C2 H5 N O2'     75.067  
HIS 'L-peptide linking' y HISTIDINE                                       ?             'C6 H10 N3 O2 1' 156.162 
HOH non-polymer         . WATER                                           ?             'H2 O'           18.015  
ILE 'L-peptide linking' y ISOLEUCINE                                      ?             'C6 H13 N O2'    131.173 
LEU 'L-peptide linking' y LEUCINE                                         ?             'C6 H13 N O2'    131.173 
LYS 'L-peptide linking' y LYSINE                                          ?             'C6 H15 N2 O2 1' 147.195 
MET 'L-peptide linking' y METHIONINE                                      ?             'C5 H11 N O2 S'  149.211 
PHE 'L-peptide linking' y PHENYLALANINE                                   ?             'C9 H11 N O2'    165.189 
PRO 'L-peptide linking' y PROLINE                                         ?             'C5 H9 N O2'     115.130 
SER 'L-peptide linking' y SERINE                                          ?             'C3 H7 N O3'     105.093 
THR 'L-peptide linking' y THREONINE                                       ?             'C4 H9 N O3'     119.119 
TRP 'L-peptide linking' y TRYPTOPHAN                                      ?             'C11 H12 N2 O2'  204.225 
TRS non-polymer         . 2-AMINO-2-HYDROXYMETHYL-PROPANE-1,3-DIOL        'TRIS BUFFER' 'C4 H12 N O3 1'  122.143 
TYR 'L-peptide linking' y TYROSINE                                        ?             'C9 H11 N O3'    181.189 
VAL 'L-peptide linking' y VALINE                                          ?             'C5 H11 N O2'    117.146 
YGG non-polymer         . '5-[(2-phenylethyl)sulfanyl]-1H-1,2,3-triazole' ?             'C10 H11 N3 S'   205.279 
# 
_exptl.absorpt_coefficient_mu     ? 
_exptl.absorpt_correction_T_max   ? 
_exptl.absorpt_correction_T_min   ? 
_exptl.absorpt_correction_type    ? 
_exptl.absorpt_process_details    ? 
_exptl.entry_id                   7LX6 
_exptl.crystals_number            1 
_exptl.details                    ? 
_exptl.method                     'X-RAY DIFFRACTION' 
_exptl.method_details             ? 
# 
_exptl_crystal.colour                      ? 
_exptl_crystal.density_diffrn              ? 
_exptl_crystal.density_Matthews            2.57 
_exptl_crystal.density_method              ? 
_exptl_crystal.density_percent_sol         52.13 
_exptl_crystal.description                 ? 
_exptl_crystal.F_000                       ? 
_exptl_crystal.id                          1 
_exptl_crystal.preparation                 ? 
_exptl_crystal.size_max                    ? 
_exptl_crystal.size_mid                    ? 
_exptl_crystal.size_min                    ? 
_exptl_crystal.size_rad                    ? 
_exptl_crystal.colour_lustre               ? 
_exptl_crystal.colour_modifier             ? 
_exptl_crystal.colour_primary              ? 
_exptl_crystal.density_meas                ? 
_exptl_crystal.density_meas_esd            ? 
_exptl_crystal.density_meas_gt             ? 
_exptl_crystal.density_meas_lt             ? 
_exptl_crystal.density_meas_temp           ? 
_exptl_crystal.density_meas_temp_esd       ? 
_exptl_crystal.density_meas_temp_gt        ? 
_exptl_crystal.density_meas_temp_lt        ? 
_exptl_crystal.pdbx_crystal_image_url      ? 
_exptl_crystal.pdbx_crystal_image_format   ? 
_exptl_crystal.pdbx_mosaicity              ? 
_exptl_crystal.pdbx_mosaicity_esd          ? 
# 
_exptl_crystal_grow.apparatus       ? 
_exptl_crystal_grow.atmosphere      ? 
_exptl_crystal_grow.crystal_id      1 
_exptl_crystal_grow.details         ? 
_exptl_crystal_grow.method          'VAPOR DIFFUSION, HANGING DROP' 
_exptl_crystal_grow.method_ref      ? 
_exptl_crystal_grow.pH              8 
_exptl_crystal_grow.pressure        ? 
_exptl_crystal_grow.pressure_esd    ? 
_exptl_crystal_grow.seeding         ? 
_exptl_crystal_grow.seeding_ref     ? 
_exptl_crystal_grow.temp            294 
_exptl_crystal_grow.temp_details    ? 
_exptl_crystal_grow.temp_esd        ? 
_exptl_crystal_grow.time            ? 
_exptl_crystal_grow.pdbx_details    'Isopropanol, PEG 4000, Tris-Cl pH 8.0, Beta-mercaptoethanol,  2-hyrdoxyethyl disulfide' 
_exptl_crystal_grow.pdbx_pH_range   ? 
# 
_diffrn.ambient_environment              ? 
_diffrn.ambient_temp                     100 
_diffrn.ambient_temp_details             ? 
_diffrn.ambient_temp_esd                 ? 
_diffrn.crystal_id                       1 
_diffrn.crystal_support                  ? 
_diffrn.crystal_treatment                ? 
_diffrn.details                          ? 
_diffrn.id                               1 
_diffrn.ambient_pressure                 ? 
_diffrn.ambient_pressure_esd             ? 
_diffrn.ambient_pressure_gt              ? 
_diffrn.ambient_pressure_lt              ? 
_diffrn.ambient_temp_gt                  ? 
_diffrn.ambient_temp_lt                  ? 
_diffrn.pdbx_serial_crystal_experiment   N 
# 
_diffrn_detector.details                      ? 
_diffrn_detector.detector                     PIXEL 
_diffrn_detector.diffrn_id                    1 
_diffrn_detector.type                         'DECTRIS PILATUS3 S 6M' 
_diffrn_detector.area_resol_mean              ? 
_diffrn_detector.dtime                        ? 
_diffrn_detector.pdbx_frames_total            ? 
_diffrn_detector.pdbx_collection_time_total   ? 
_diffrn_detector.pdbx_collection_date         2020-11-24 
_diffrn_detector.pdbx_frequency               ? 
# 
_diffrn_radiation.collimation                      ? 
_diffrn_radiation.diffrn_id                        1 
_diffrn_radiation.filter_edge                      ? 
_diffrn_radiation.inhomogeneity                    ? 
_diffrn_radiation.monochromator                    M 
_diffrn_radiation.polarisn_norm                    ? 
_diffrn_radiation.polarisn_ratio                   ? 
_diffrn_radiation.probe                            ? 
_diffrn_radiation.type                             ? 
_diffrn_radiation.xray_symbol                      ? 
_diffrn_radiation.wavelength_id                    1 
_diffrn_radiation.pdbx_monochromatic_or_laue_m_l   M 
_diffrn_radiation.pdbx_wavelength_list             ? 
_diffrn_radiation.pdbx_wavelength                  ? 
_diffrn_radiation.pdbx_diffrn_protocol             'SINGLE WAVELENGTH' 
_diffrn_radiation.pdbx_analyzer                    ? 
_diffrn_radiation.pdbx_scattering_type             x-ray 
# 
_diffrn_radiation_wavelength.id           1 
_diffrn_radiation_wavelength.wavelength   0.95386 
_diffrn_radiation_wavelength.wt           1.0 
# 
_diffrn_source.current                     ? 
_diffrn_source.details                     ? 
_diffrn_source.diffrn_id                   1 
_diffrn_source.power                       ? 
_diffrn_source.size                        ? 
_diffrn_source.source                      SYNCHROTRON 
_diffrn_source.target                      ? 
_diffrn_source.type                        'ALS BEAMLINE 8.3.1' 
_diffrn_source.voltage                     ? 
_diffrn_source.take-off_angle              ? 
_diffrn_source.pdbx_wavelength_list        0.95386 
_diffrn_source.pdbx_wavelength             ? 
_diffrn_source.pdbx_synchrotron_beamline   8.3.1 
_diffrn_source.pdbx_synchrotron_site       ALS 
# 
_reflns.B_iso_Wilson_estimate            13.100 
_reflns.entry_id                         7LX6 
_reflns.data_reduction_details           ? 
_reflns.data_reduction_method            ? 
_reflns.d_resolution_high                1.050 
_reflns.d_resolution_low                 96.500 
_reflns.details                          ? 
_reflns.limit_h_max                      ? 
_reflns.limit_h_min                      ? 
_reflns.limit_k_max                      ? 
_reflns.limit_k_min                      ? 
_reflns.limit_l_max                      ? 
_reflns.limit_l_min                      ? 
_reflns.number_all                       ? 
_reflns.number_obs                       95141 
_reflns.observed_criterion               ? 
_reflns.observed_criterion_F_max         ? 
_reflns.observed_criterion_F_min         ? 
_reflns.observed_criterion_I_max         ? 
_reflns.observed_criterion_I_min         ? 
_reflns.observed_criterion_sigma_F       ? 
_reflns.observed_criterion_sigma_I       ? 
_reflns.percent_possible_obs             100.000 
_reflns.R_free_details                   ? 
_reflns.Rmerge_F_all                     ? 
_reflns.Rmerge_F_obs                     ? 
_reflns.Friedel_coverage                 ? 
_reflns.number_gt                        ? 
_reflns.threshold_expression             ? 
_reflns.pdbx_redundancy                  17.900 
_reflns.pdbx_Rmerge_I_obs                0.054 
_reflns.pdbx_Rmerge_I_all                ? 
_reflns.pdbx_Rsym_value                  ? 
_reflns.pdbx_netI_over_av_sigmaI         ? 
_reflns.pdbx_netI_over_sigmaI            20.500 
_reflns.pdbx_res_netI_over_av_sigmaI_2   ? 
_reflns.pdbx_res_netI_over_sigmaI_2      ? 
_reflns.pdbx_chi_squared                 ? 
_reflns.pdbx_scaling_rejects             56 
_reflns.pdbx_d_res_high_opt              ? 
_reflns.pdbx_d_res_low_opt               ? 
_reflns.pdbx_d_res_opt_method            ? 
_reflns.phase_calculation_details        ? 
_reflns.pdbx_Rrim_I_all                  0.056 
_reflns.pdbx_Rpim_I_all                  0.013 
_reflns.pdbx_d_opt                       ? 
_reflns.pdbx_number_measured_all         1705504 
_reflns.pdbx_diffrn_id                   1 
_reflns.pdbx_ordinal                     1 
_reflns.pdbx_CC_half                     1.000 
_reflns.pdbx_CC_star                     ? 
_reflns.pdbx_R_split                     ? 
# 
loop_
_reflns_shell.d_res_high 
_reflns_shell.d_res_low 
_reflns_shell.meanI_over_sigI_all 
_reflns_shell.meanI_over_sigI_obs 
_reflns_shell.number_measured_all 
_reflns_shell.number_measured_obs 
_reflns_shell.number_possible 
_reflns_shell.number_unique_all 
_reflns_shell.number_unique_obs 
_reflns_shell.percent_possible_all 
_reflns_shell.percent_possible_obs 
_reflns_shell.Rmerge_F_all 
_reflns_shell.Rmerge_F_obs 
_reflns_shell.Rmerge_I_all 
_reflns_shell.Rmerge_I_obs 
_reflns_shell.meanI_over_sigI_gt 
_reflns_shell.meanI_over_uI_all 
_reflns_shell.meanI_over_uI_gt 
_reflns_shell.number_measured_gt 
_reflns_shell.number_unique_gt 
_reflns_shell.percent_possible_gt 
_reflns_shell.Rmerge_F_gt 
_reflns_shell.Rmerge_I_gt 
_reflns_shell.pdbx_redundancy 
_reflns_shell.pdbx_Rsym_value 
_reflns_shell.pdbx_chi_squared 
_reflns_shell.pdbx_netI_over_sigmaI_all 
_reflns_shell.pdbx_netI_over_sigmaI_obs 
_reflns_shell.pdbx_Rrim_I_all 
_reflns_shell.pdbx_Rpim_I_all 
_reflns_shell.pdbx_rejects 
_reflns_shell.pdbx_ordinal 
_reflns_shell.pdbx_diffrn_id 
_reflns_shell.pdbx_CC_half 
_reflns_shell.pdbx_CC_star 
_reflns_shell.pdbx_R_split 
1.050 1.070  ? ? 41010 ? ? ? 4610 99.500  ? ? ? ? 1.923 ? ? ? ? ? ? ? ? 8.900  ? ? ? 1.100  2.041 0.669 ? 1 1 0.518 ? ? 
5.750 96.500 ? ? 12772 ? ? ? 688  100.000 ? ? ? ? 0.027 ? ? ? ? ? ? ? ? 18.600 ? ? ? 72.500 0.028 0.006 ? 2 1 1.000 ? ? 
# 
_refine.aniso_B[1][1]                            ? 
_refine.aniso_B[1][2]                            ? 
_refine.aniso_B[1][3]                            ? 
_refine.aniso_B[2][2]                            ? 
_refine.aniso_B[2][3]                            ? 
_refine.aniso_B[3][3]                            ? 
_refine.B_iso_max                                50.260 
_refine.B_iso_mean                               15.9047 
_refine.B_iso_min                                9.420 
_refine.correlation_coeff_Fo_to_Fc               ? 
_refine.correlation_coeff_Fo_to_Fc_free          ? 
_refine.details                                  ? 
_refine.diff_density_max                         ? 
_refine.diff_density_max_esd                     ? 
_refine.diff_density_min                         ? 
_refine.diff_density_min_esd                     ? 
_refine.diff_density_rms                         ? 
_refine.diff_density_rms_esd                     ? 
_refine.entry_id                                 7LX6 
_refine.pdbx_refine_id                           'X-RAY DIFFRACTION' 
_refine.ls_abs_structure_details                 ? 
_refine.ls_abs_structure_Flack                   ? 
_refine.ls_abs_structure_Flack_esd               ? 
_refine.ls_abs_structure_Rogers                  ? 
_refine.ls_abs_structure_Rogers_esd              ? 
_refine.ls_d_res_high                            1.0500 
_refine.ls_d_res_low                             52.1970 
_refine.ls_extinction_coef                       ? 
_refine.ls_extinction_coef_esd                   ? 
_refine.ls_extinction_expression                 ? 
_refine.ls_extinction_method                     ? 
_refine.ls_goodness_of_fit_all                   ? 
_refine.ls_goodness_of_fit_all_esd               ? 
_refine.ls_goodness_of_fit_obs                   ? 
_refine.ls_goodness_of_fit_obs_esd               ? 
_refine.ls_hydrogen_treatment                    ? 
_refine.ls_matrix_type                           ? 
_refine.ls_number_constraints                    ? 
_refine.ls_number_parameters                     ? 
_refine.ls_number_reflns_all                     ? 
_refine.ls_number_reflns_obs                     95046 
_refine.ls_number_reflns_R_free                  4906 
_refine.ls_number_reflns_R_work                  90140 
_refine.ls_number_restraints                     ? 
_refine.ls_percent_reflns_obs                    99.9300 
_refine.ls_percent_reflns_R_free                 5.1600 
_refine.ls_R_factor_all                          ? 
_refine.ls_R_factor_obs                          0.1993 
_refine.ls_R_factor_R_free                       0.2017 
_refine.ls_R_factor_R_free_error                 ? 
_refine.ls_R_factor_R_free_error_details         ? 
_refine.ls_R_factor_R_work                       0.1991 
_refine.ls_R_Fsqd_factor_obs                     ? 
_refine.ls_R_I_factor_obs                        ? 
_refine.ls_redundancy_reflns_all                 ? 
_refine.ls_redundancy_reflns_obs                 ? 
_refine.ls_restrained_S_all                      ? 
_refine.ls_restrained_S_obs                      ? 
_refine.ls_shift_over_esd_max                    ? 
_refine.ls_shift_over_esd_mean                   ? 
_refine.ls_structure_factor_coef                 ? 
_refine.ls_weighting_details                     ? 
_refine.ls_weighting_scheme                      ? 
_refine.ls_wR_factor_all                         ? 
_refine.ls_wR_factor_obs                         ? 
_refine.ls_wR_factor_R_free                      ? 
_refine.ls_wR_factor_R_work                      ? 
_refine.occupancy_max                            ? 
_refine.occupancy_min                            ? 
_refine.solvent_model_details                    'FLAT BULK SOLVENT MODEL' 
_refine.solvent_model_param_bsol                 ? 
_refine.solvent_model_param_ksol                 ? 
_refine.pdbx_R_complete                          ? 
_refine.ls_R_factor_gt                           ? 
_refine.ls_goodness_of_fit_gt                    ? 
_refine.ls_goodness_of_fit_ref                   ? 
_refine.ls_shift_over_su_max                     ? 
_refine.ls_shift_over_su_max_lt                  ? 
_refine.ls_shift_over_su_mean                    ? 
_refine.ls_shift_over_su_mean_lt                 ? 
_refine.pdbx_ls_sigma_I                          ? 
_refine.pdbx_ls_sigma_F                          1.330 
_refine.pdbx_ls_sigma_Fsqd                       ? 
_refine.pdbx_data_cutoff_high_absF               ? 
_refine.pdbx_data_cutoff_high_rms_absF           ? 
_refine.pdbx_data_cutoff_low_absF                ? 
_refine.pdbx_isotropic_thermal_model             ? 
_refine.pdbx_ls_cross_valid_method               THROUGHOUT 
_refine.pdbx_method_to_determine_struct          'MOLECULAR REPLACEMENT' 
_refine.pdbx_starting_model                      4W57 
_refine.pdbx_stereochemistry_target_values       ML 
_refine.pdbx_R_Free_selection_details            ? 
_refine.pdbx_stereochem_target_val_spec_case     ? 
_refine.pdbx_overall_ESU_R                       ? 
_refine.pdbx_overall_ESU_R_Free                  ? 
_refine.pdbx_solvent_vdw_probe_radii             1.1100 
_refine.pdbx_solvent_ion_probe_radii             ? 
_refine.pdbx_solvent_shrinkage_radii             0.9000 
_refine.pdbx_real_space_R                        ? 
_refine.pdbx_density_correlation                 ? 
_refine.pdbx_pd_number_of_powder_patterns        ? 
_refine.pdbx_pd_number_of_points                 ? 
_refine.pdbx_pd_meas_number_of_points            ? 
_refine.pdbx_pd_proc_ls_prof_R_factor            ? 
_refine.pdbx_pd_proc_ls_prof_wR_factor           ? 
_refine.pdbx_pd_Marquardt_correlation_coeff      ? 
_refine.pdbx_pd_Fsqrd_R_factor                   ? 
_refine.pdbx_pd_ls_matrix_band_width             ? 
_refine.pdbx_overall_phase_error                 21.0300 
_refine.pdbx_overall_SU_R_free_Cruickshank_DPI   ? 
_refine.pdbx_overall_SU_R_free_Blow_DPI          ? 
_refine.pdbx_overall_SU_R_Blow_DPI               ? 
_refine.pdbx_TLS_residual_ADP_flag               ? 
_refine.pdbx_diffrn_id                           1 
_refine.overall_SU_B                             ? 
_refine.overall_SU_ML                            0.1100 
_refine.overall_SU_R_Cruickshank_DPI             ? 
_refine.overall_SU_R_free                        ? 
_refine.overall_FOM_free_R_set                   ? 
_refine.overall_FOM_work_R_set                   ? 
_refine.pdbx_average_fsc_overall                 ? 
_refine.pdbx_average_fsc_work                    ? 
_refine.pdbx_average_fsc_free                    ? 
# 
_refine_hist.pdbx_refine_id                   'X-RAY DIFFRACTION' 
_refine_hist.cycle_id                         final 
_refine_hist.details                          ? 
_refine_hist.d_res_high                       1.0500 
_refine_hist.d_res_low                        52.1970 
_refine_hist.number_atoms_solvent             124 
_refine_hist.number_atoms_total               1435 
_refine_hist.number_reflns_all                ? 
_refine_hist.number_reflns_obs                ? 
_refine_hist.number_reflns_R_free             ? 
_refine_hist.number_reflns_R_work             ? 
_refine_hist.R_factor_all                     ? 
_refine_hist.R_factor_obs                     ? 
_refine_hist.R_factor_R_free                  ? 
_refine_hist.R_factor_R_work                  ? 
_refine_hist.pdbx_number_residues_total       162 
_refine_hist.pdbx_B_iso_mean_ligand           17.56 
_refine_hist.pdbx_B_iso_mean_solvent          22.41 
_refine_hist.pdbx_number_atoms_protein        1289 
_refine_hist.pdbx_number_atoms_nucleic_acid   0 
_refine_hist.pdbx_number_atoms_ligand         22 
_refine_hist.pdbx_number_atoms_lipid          ? 
_refine_hist.pdbx_number_atoms_carb           ? 
_refine_hist.pdbx_pseudo_atom_details         ? 
# 
loop_
_refine_ls_restr.pdbx_refine_id 
_refine_ls_restr.criterion 
_refine_ls_restr.dev_ideal 
_refine_ls_restr.dev_ideal_target 
_refine_ls_restr.number 
_refine_ls_restr.rejects 
_refine_ls_restr.type 
_refine_ls_restr.weight 
_refine_ls_restr.pdbx_restraint_function 
'X-RAY DIFFRACTION' ? 0.004 ? 1340 ? f_bond_d           ? ? 
'X-RAY DIFFRACTION' ? 1.077 ? 1802 ? f_angle_d          ? ? 
'X-RAY DIFFRACTION' ? 0.065 ? 196  ? f_chiral_restr     ? ? 
'X-RAY DIFFRACTION' ? 0.005 ? 230  ? f_plane_restr      ? ? 
'X-RAY DIFFRACTION' ? 4.376 ? 818  ? f_dihedral_angle_d ? ? 
# 
loop_
_refine_ls_shell.pdbx_refine_id 
_refine_ls_shell.d_res_high 
_refine_ls_shell.d_res_low 
_refine_ls_shell.number_reflns_all 
_refine_ls_shell.number_reflns_obs 
_refine_ls_shell.number_reflns_R_free 
_refine_ls_shell.number_reflns_R_work 
_refine_ls_shell.percent_reflns_obs 
_refine_ls_shell.percent_reflns_R_free 
_refine_ls_shell.R_factor_all 
_refine_ls_shell.R_factor_obs 
_refine_ls_shell.R_factor_R_free 
_refine_ls_shell.R_factor_R_free_error 
_refine_ls_shell.R_factor_R_work 
_refine_ls_shell.redundancy_reflns_all 
_refine_ls_shell.redundancy_reflns_obs 
_refine_ls_shell.wR_factor_all 
_refine_ls_shell.wR_factor_obs 
_refine_ls_shell.wR_factor_R_free 
_refine_ls_shell.wR_factor_R_work 
_refine_ls_shell.pdbx_R_complete 
_refine_ls_shell.pdbx_total_number_of_bins_used 
_refine_ls_shell.pdbx_phase_error 
_refine_ls_shell.pdbx_fsc_work 
_refine_ls_shell.pdbx_fsc_free 
'X-RAY DIFFRACTION' 1.0500 1.0619  . . 168 2916 99.0000  . . . 0.3404 0.0000 0.3470 . . . . . . . . . . . 
'X-RAY DIFFRACTION' 1.0619 1.0744  . . 174 2974 100.0000 . . . 0.3163 0.0000 0.3123 . . . . . . . . . . . 
'X-RAY DIFFRACTION' 1.0744 1.0875  . . 156 2977 100.0000 . . . 0.3361 0.0000 0.2867 . . . . . . . . . . . 
'X-RAY DIFFRACTION' 1.0875 1.1013  . . 148 2979 100.0000 . . . 0.2644 0.0000 0.2637 . . . . . . . . . . . 
'X-RAY DIFFRACTION' 1.1013 1.1158  . . 146 3005 100.0000 . . . 0.2644 0.0000 0.2548 . . . . . . . . . . . 
'X-RAY DIFFRACTION' 1.1158 1.1311  . . 133 2977 100.0000 . . . 0.2314 0.0000 0.2414 . . . . . . . . . . . 
'X-RAY DIFFRACTION' 1.1311 1.1472  . . 151 2999 100.0000 . . . 0.2014 0.0000 0.2274 . . . . . . . . . . . 
'X-RAY DIFFRACTION' 1.1472 1.1644  . . 158 2985 100.0000 . . . 0.2216 0.0000 0.2247 . . . . . . . . . . . 
'X-RAY DIFFRACTION' 1.1644 1.1826  . . 121 3000 100.0000 . . . 0.2295 0.0000 0.2161 . . . . . . . . . . . 
'X-RAY DIFFRACTION' 1.1826 1.2020  . . 158 2983 100.0000 . . . 0.2319 0.0000 0.2071 . . . . . . . . . . . 
'X-RAY DIFFRACTION' 1.2020 1.2227  . . 157 2978 100.0000 . . . 0.2193 0.0000 0.2008 . . . . . . . . . . . 
'X-RAY DIFFRACTION' 1.2227 1.2449  . . 170 2986 100.0000 . . . 0.2125 0.0000 0.2051 . . . . . . . . . . . 
'X-RAY DIFFRACTION' 1.2449 1.2689  . . 171 2967 100.0000 . . . 0.1952 0.0000 0.2013 . . . . . . . . . . . 
'X-RAY DIFFRACTION' 1.2689 1.2948  . . 157 3007 100.0000 . . . 0.1947 0.0000 0.1941 . . . . . . . . . . . 
'X-RAY DIFFRACTION' 1.2948 1.3229  . . 212 2922 100.0000 . . . 0.1924 0.0000 0.1956 . . . . . . . . . . . 
'X-RAY DIFFRACTION' 1.3229 1.3537  . . 192 2969 100.0000 . . . 0.1945 0.0000 0.1917 . . . . . . . . . . . 
'X-RAY DIFFRACTION' 1.3537 1.3876  . . 161 2990 100.0000 . . . 0.1889 0.0000 0.1929 . . . . . . . . . . . 
'X-RAY DIFFRACTION' 1.3876 1.4251  . . 177 2984 100.0000 . . . 0.1955 0.0000 0.1914 . . . . . . . . . . . 
'X-RAY DIFFRACTION' 1.4251 1.4670  . . 175 2992 100.0000 . . . 0.2133 0.0000 0.1912 . . . . . . . . . . . 
'X-RAY DIFFRACTION' 1.4670 1.5144  . . 167 2998 100.0000 . . . 0.2019 0.0000 0.1849 . . . . . . . . . . . 
'X-RAY DIFFRACTION' 1.5144 1.5685  . . 144 2981 100.0000 . . . 0.1900 0.0000 0.1838 . . . . . . . . . . . 
'X-RAY DIFFRACTION' 1.5685 1.6313  . . 193 3011 100.0000 . . . 0.1830 0.0000 0.1781 . . . . . . . . . . . 
'X-RAY DIFFRACTION' 1.6313 1.7055  . . 152 3005 100.0000 . . . 0.1977 0.0000 0.1848 . . . . . . . . . . . 
'X-RAY DIFFRACTION' 1.7055 1.7955  . . 173 3020 100.0000 . . . 0.1823 0.0000 0.1838 . . . . . . . . . . . 
'X-RAY DIFFRACTION' 1.7955 1.9080  . . 173 3006 100.0000 . . . 0.1828 0.0000 0.1907 . . . . . . . . . . . 
'X-RAY DIFFRACTION' 1.9080 2.0553  . . 174 3043 100.0000 . . . 0.1862 0.0000 0.1872 . . . . . . . . . . . 
'X-RAY DIFFRACTION' 2.0553 2.2621  . . 158 3047 100.0000 . . . 0.1995 0.0000 0.1837 . . . . . . . . . . . 
'X-RAY DIFFRACTION' 2.2621 2.5894  . . 150 3092 100.0000 . . . 0.2373 0.0000 0.2002 . . . . . . . . . . . 
'X-RAY DIFFRACTION' 2.5894 3.2624  . . 147 3122 100.0000 . . . 0.2072 0.0000 0.2139 . . . . . . . . . . . 
'X-RAY DIFFRACTION' 3.2624 52.1970 . . 190 3225 100.0000 . . . 0.1878 0.0000 0.1966 . . . . . . . . . . . 
# 
_struct.entry_id                     7LX6 
_struct.title                        'T4 lysozyme mutant L99A' 
_struct.pdbx_model_details           ? 
_struct.pdbx_formula_weight          ? 
_struct.pdbx_formula_weight_method   ? 
_struct.pdbx_model_type_details      ? 
_struct.pdbx_CASP_flag               N 
# 
_struct_keywords.entry_id        7LX6 
_struct_keywords.text            'mutant, lysozyme, small molecule, L99A, complex, PROTEIN BINDING, HYDROLASE' 
_struct_keywords.pdbx_keywords   'PROTEIN BINDING,HYDROLASE' 
# 
loop_
_struct_asym.id 
_struct_asym.pdbx_blank_PDB_chainid_flag 
_struct_asym.pdbx_modified 
_struct_asym.entity_id 
_struct_asym.details 
A N N 1 ? 
B N N 2 ? 
C N N 3 ? 
D N N 4 ? 
# 
loop_
_struct_conf.conf_type_id 
_struct_conf.id 
_struct_conf.pdbx_PDB_helix_id 
_struct_conf.beg_label_comp_id 
_struct_conf.beg_label_asym_id 
_struct_conf.beg_label_seq_id 
_struct_conf.pdbx_beg_PDB_ins_code 
_struct_conf.end_label_comp_id 
_struct_conf.end_label_asym_id 
_struct_conf.end_label_seq_id 
_struct_conf.pdbx_end_PDB_ins_code 
_struct_conf.beg_auth_comp_id 
_struct_conf.beg_auth_asym_id 
_struct_conf.beg_auth_seq_id 
_struct_conf.end_auth_comp_id 
_struct_conf.end_auth_asym_id 
_struct_conf.end_auth_seq_id 
_struct_conf.pdbx_PDB_helix_class 
_struct_conf.details 
_struct_conf.pdbx_PDB_helix_length 
HELX_P HELX_P1  AA1 ASN A 2   ? GLY A 12  ? ASN A 2   GLY A 12  1 ? 11 
HELX_P HELX_P2  AA2 SER A 38  ? GLY A 51  ? SER A 38  GLY A 51  1 ? 14 
HELX_P HELX_P3  AA3 THR A 59  ? ASN A 81  ? THR A 59  ASN A 81  1 ? 23 
HELX_P HELX_P4  AA4 LYS A 83  ? LEU A 91  ? LYS A 83  LEU A 91  1 ? 9  
HELX_P HELX_P5  AA5 ASP A 92  ? GLY A 107 ? ASP A 92  GLY A 107 1 ? 16 
HELX_P HELX_P6  AA6 GLY A 110 ? GLY A 113 ? GLY A 110 GLY A 113 5 ? 4  
HELX_P HELX_P7  AA7 PHE A 114 ? GLN A 123 ? PHE A 114 GLN A 123 1 ? 10 
HELX_P HELX_P8  AA8 ARG A 125 ? LYS A 135 ? ARG A 125 LYS A 135 1 ? 11 
HELX_P HELX_P9  AA9 SER A 136 ? THR A 142 ? SER A 136 THR A 142 1 ? 7  
HELX_P HELX_P10 AB1 THR A 142 ? GLY A 156 ? THR A 142 GLY A 156 1 ? 15 
# 
_struct_conf_type.id          HELX_P 
_struct_conf_type.criteria    ? 
_struct_conf_type.reference   ? 
# 
_struct_sheet.id               AA1 
_struct_sheet.type             ? 
_struct_sheet.number_strands   3 
_struct_sheet.details          ? 
# 
loop_
_struct_sheet_order.sheet_id 
_struct_sheet_order.range_id_1 
_struct_sheet_order.range_id_2 
_struct_sheet_order.offset 
_struct_sheet_order.sense 
AA1 1 2 ? anti-parallel 
AA1 2 3 ? anti-parallel 
# 
loop_
_struct_sheet_range.sheet_id 
_struct_sheet_range.id 
_struct_sheet_range.beg_label_comp_id 
_struct_sheet_range.beg_label_asym_id 
_struct_sheet_range.beg_label_seq_id 
_struct_sheet_range.pdbx_beg_PDB_ins_code 
_struct_sheet_range.end_label_comp_id 
_struct_sheet_range.end_label_asym_id 
_struct_sheet_range.end_label_seq_id 
_struct_sheet_range.pdbx_end_PDB_ins_code 
_struct_sheet_range.beg_auth_comp_id 
_struct_sheet_range.beg_auth_asym_id 
_struct_sheet_range.beg_auth_seq_id 
_struct_sheet_range.end_auth_comp_id 
_struct_sheet_range.end_auth_asym_id 
_struct_sheet_range.end_auth_seq_id 
AA1 1 ARG A 14 ? LYS A 19 ? ARG A 14 LYS A 19 
AA1 2 TYR A 25 ? GLY A 28 ? TYR A 25 GLY A 28 
AA1 3 HIS A 31 ? THR A 34 ? HIS A 31 THR A 34 
# 
loop_
_pdbx_struct_sheet_hbond.sheet_id 
_pdbx_struct_sheet_hbond.range_id_1 
_pdbx_struct_sheet_hbond.range_id_2 
_pdbx_struct_sheet_hbond.range_1_label_atom_id 
_pdbx_struct_sheet_hbond.range_1_label_comp_id 
_pdbx_struct_sheet_hbond.range_1_label_asym_id 
_pdbx_struct_sheet_hbond.range_1_label_seq_id 
_pdbx_struct_sheet_hbond.range_1_PDB_ins_code 
_pdbx_struct_sheet_hbond.range_1_auth_atom_id 
_pdbx_struct_sheet_hbond.range_1_auth_comp_id 
_pdbx_struct_sheet_hbond.range_1_auth_asym_id 
_pdbx_struct_sheet_hbond.range_1_auth_seq_id 
_pdbx_struct_sheet_hbond.range_2_label_atom_id 
_pdbx_struct_sheet_hbond.range_2_label_comp_id 
_pdbx_struct_sheet_hbond.range_2_label_asym_id 
_pdbx_struct_sheet_hbond.range_2_label_seq_id 
_pdbx_struct_sheet_hbond.range_2_PDB_ins_code 
_pdbx_struct_sheet_hbond.range_2_auth_atom_id 
_pdbx_struct_sheet_hbond.range_2_auth_comp_id 
_pdbx_struct_sheet_hbond.range_2_auth_asym_id 
_pdbx_struct_sheet_hbond.range_2_auth_seq_id 
AA1 1 2 N TYR A 18 ? N TYR A 18 O THR A 26 ? O THR A 26 
AA1 2 3 N TYR A 25 ? N TYR A 25 O LEU A 33 ? O LEU A 33 
# 
loop_
_struct_site.id 
_struct_site.pdbx_evidence_code 
_struct_site.pdbx_auth_asym_id 
_struct_site.pdbx_auth_comp_id 
_struct_site.pdbx_auth_seq_id 
_struct_site.pdbx_auth_ins_code 
_struct_site.pdbx_num_residues 
_struct_site.details 
AC1 Software A YGG 201 ? 7 'binding site for residue YGG A 201' 
AC2 Software A TRS 202 ? 4 'binding site for residue TRS A 202' 
# 
loop_
_struct_site_gen.id 
_struct_site_gen.site_id 
_struct_site_gen.pdbx_num_res 
_struct_site_gen.label_comp_id 
_struct_site_gen.label_asym_id 
_struct_site_gen.label_seq_id 
_struct_site_gen.pdbx_auth_ins_code 
_struct_site_gen.auth_comp_id 
_struct_site_gen.auth_asym_id 
_struct_site_gen.auth_seq_id 
_struct_site_gen.label_atom_id 
_struct_site_gen.label_alt_id 
_struct_site_gen.symmetry 
_struct_site_gen.details 
1  AC1 7 ALA A 99  ? ALA A 99  . ? 1_555 ? 
2  AC1 7 MET A 106 ? MET A 106 . ? 1_555 ? 
3  AC1 7 GLY A 107 ? GLY A 107 . ? 1_555 ? 
4  AC1 7 VAL A 111 ? VAL A 111 . ? 1_555 ? 
5  AC1 7 PHE A 114 ? PHE A 114 . ? 1_555 ? 
6  AC1 7 LEU A 118 ? LEU A 118 . ? 1_555 ? 
7  AC1 7 HOH D .   ? HOH A 334 . ? 1_555 ? 
8  AC2 4 GLU A 11  ? GLU A 11  . ? 1_555 ? 
9  AC2 4 GLY A 30  ? GLY A 30  . ? 1_555 ? 
10 AC2 4 GLN A 105 ? GLN A 105 . ? 1_555 ? 
11 AC2 4 HOH D .   ? HOH A 304 . ? 1_555 ? 
# 
_atom_sites.entry_id                    7LX6 
_atom_sites.Cartn_transf_matrix[1][1]   ? 
_atom_sites.Cartn_transf_matrix[1][2]   ? 
_atom_sites.Cartn_transf_matrix[1][3]   ? 
_atom_sites.Cartn_transf_matrix[2][1]   ? 
_atom_sites.Cartn_transf_matrix[2][2]   ? 
_atom_sites.Cartn_transf_matrix[2][3]   ? 
_atom_sites.Cartn_transf_matrix[3][1]   ? 
_atom_sites.Cartn_transf_matrix[3][2]   ? 
_atom_sites.Cartn_transf_matrix[3][3]   ? 
_atom_sites.Cartn_transf_vector[1]      ? 
_atom_sites.Cartn_transf_vector[2]      ? 
_atom_sites.Cartn_transf_vector[3]      ? 
_atom_sites.fract_transf_matrix[1][1]   0.01809538 
_atom_sites.fract_transf_matrix[1][2]   0.00262832 
_atom_sites.fract_transf_matrix[1][3]   0.00571558 
_atom_sites.fract_transf_matrix[2][1]   0.00425602 
_atom_sites.fract_transf_matrix[2][2]   0.01424517 
_atom_sites.fract_transf_matrix[2][3]   0.01208265 
_atom_sites.fract_transf_matrix[3][1]   -0.00161916 
_atom_sites.fract_transf_matrix[3][2]   -0.00633531 
_atom_sites.fract_transf_matrix[3][3]   0.00803953 
_atom_sites.fract_transf_vector[1]      -0.459217 
_atom_sites.fract_transf_vector[2]      0.315377 
_atom_sites.fract_transf_vector[3]      -0.065201 
_atom_sites.solution_primary            ? 
_atom_sites.solution_secondary          ? 
_atom_sites.solution_hydrogens          ? 
_atom_sites.special_details             ? 
# 
loop_
_atom_type.symbol 
C 
N 
O 
S 
# 
loop_
_atom_site.group_PDB 
_atom_site.id 
_atom_site.type_symbol 
_atom_site.label_atom_id 
_atom_site.label_alt_id 
_atom_site.label_comp_id 
_atom_site.label_asym_id 
_atom_site.label_entity_id 
_atom_site.label_seq_id 
_atom_site.pdbx_PDB_ins_code 
_atom_site.Cartn_x 
_atom_site.Cartn_y 
_atom_site.Cartn_z 
_atom_site.occupancy 
_atom_site.B_iso_or_equiv 
_atom_site.pdbx_formal_charge 
_atom_site.auth_seq_id 
_atom_site.auth_comp_id 
_atom_site.auth_asym_id 
_atom_site.auth_atom_id 
_atom_site.pdbx_PDB_model_num 
ATOM   1    N N   . MET A 1 1   ? -16.662 4.920   -0.357  1.00 21.16 ? 1   MET A N   1 
ATOM   2    C CA  . MET A 1 1   ? -15.287 4.453   -0.458  1.00 18.29 ? 1   MET A CA  1 
ATOM   3    C C   . MET A 1 1   ? -14.446 4.920   0.742   1.00 15.56 ? 1   MET A C   1 
ATOM   4    O O   . MET A 1 1   ? -14.672 5.989   1.327   1.00 15.75 ? 1   MET A O   1 
ATOM   5    C CB  . MET A 1 1   ? -14.669 4.844   -1.807  1.00 22.21 ? 1   MET A CB  1 
ATOM   6    C CG  . MET A 1 1   ? -13.429 4.033   -2.177  1.00 18.74 ? 1   MET A CG  1 
ATOM   7    S SD  . MET A 1 1   ? -13.659 2.447   -2.997  1.00 32.69 ? 1   MET A SD  1 
ATOM   8    C CE  . MET A 1 1   ? -15.061 2.773   -4.065  1.00 28.82 ? 1   MET A CE  1 
ATOM   9    N N   . ASN A 1 2   ? -13.506 4.060   1.126   1.00 13.05 ? 2   ASN A N   1 
ATOM   10   C CA  . ASN A 1 2   ? -12.606 4.289   2.242   1.00 13.10 ? 2   ASN A CA  1 
ATOM   11   C C   . ASN A 1 2   ? -11.327 3.520   1.933   1.00 11.66 ? 2   ASN A C   1 
ATOM   12   O O   . ASN A 1 2   ? -11.257 2.786   0.947   1.00 11.74 ? 2   ASN A O   1 
ATOM   13   C CB  . ASN A 1 2   ? -13.261 3.874   3.572   1.00 13.50 ? 2   ASN A CB  1 
ATOM   14   C CG  . ASN A 1 2   ? -13.639 2.408   3.601   1.00 12.38 ? 2   ASN A CG  1 
ATOM   15   O OD1 . ASN A 1 2   ? -12.794 1.542   3.364   1.00 12.76 ? 2   ASN A OD1 1 
ATOM   16   N ND2 . ASN A 1 2   ? -14.912 2.115   3.888   1.00 14.22 ? 2   ASN A ND2 1 
ATOM   17   N N   . ILE A 1 3   ? -10.317 3.668   2.791   1.00 11.05 ? 3   ILE A N   1 
ATOM   18   C CA  . ILE A 1 3   ? -9.017  3.058   2.517   1.00 11.42 ? 3   ILE A CA  1 
ATOM   19   C C   . ILE A 1 3   ? -9.115  1.539   2.416   1.00 10.69 ? 3   ILE A C   1 
ATOM   20   O O   . ILE A 1 3   ? -8.390  0.912   1.633   1.00 10.83 ? 3   ILE A O   1 
ATOM   21   C CB  . ILE A 1 3   ? -7.965  3.511   3.555   1.00 11.54 ? 3   ILE A CB  1 
ATOM   22   C CG1 . ILE A 1 3   ? -6.587  2.921   3.243   1.00 11.75 ? 3   ILE A CG1 1 
ATOM   23   C CG2 . ILE A 1 3   ? -8.390  3.151   4.980   1.00 12.71 ? 3   ILE A CG2 1 
ATOM   24   C CD1 . ILE A 1 3   ? -6.039  3.280   1.876   1.00 11.27 ? 3   ILE A CD1 1 
ATOM   25   N N   . PHE A 1 4   ? -9.989  0.916   3.213   1.00 11.33 ? 4   PHE A N   1 
ATOM   26   C CA  . PHE A 1 4   ? -10.110 -0.541  3.164   1.00 11.65 ? 4   PHE A CA  1 
ATOM   27   C C   . PHE A 1 4   ? -10.678 -1.002  1.829   1.00 11.90 ? 4   PHE A C   1 
ATOM   28   O O   . PHE A 1 4   ? -10.152 -1.936  1.210   1.00 12.33 ? 4   PHE A O   1 
ATOM   29   C CB  . PHE A 1 4   ? -10.947 -1.050  4.337   1.00 12.00 ? 4   PHE A CB  1 
ATOM   30   C CG  . PHE A 1 4   ? -10.309 -0.791  5.663   1.00 12.67 ? 4   PHE A CG  1 
ATOM   31   C CD1 . PHE A 1 4   ? -9.356  -1.655  6.171   1.00 15.16 ? 4   PHE A CD1 1 
ATOM   32   C CD2 . PHE A 1 4   ? -10.629 0.336   6.385   1.00 13.93 ? 4   PHE A CD2 1 
ATOM   33   C CE1 . PHE A 1 4   ? -8.749  -1.399  7.393   1.00 16.99 ? 4   PHE A CE1 1 
ATOM   34   C CE2 . PHE A 1 4   ? -10.034 0.594   7.597   1.00 17.07 ? 4   PHE A CE2 1 
ATOM   35   C CZ  . PHE A 1 4   ? -9.092  -0.274  8.103   1.00 17.19 ? 4   PHE A CZ  1 
ATOM   36   N N   . GLU A 1 5   ? -11.745 -0.348  1.357   1.00 12.06 ? 5   GLU A N   1 
ATOM   37   C CA  . GLU A 1 5   ? -12.321 -0.718  0.065   1.00 13.13 ? 5   GLU A CA  1 
ATOM   38   C C   . GLU A 1 5   ? -11.332 -0.463  -1.064  1.00 12.22 ? 5   GLU A C   1 
ATOM   39   O O   . GLU A 1 5   ? -11.213 -1.269  -1.995  1.00 12.57 ? 5   GLU A O   1 
ATOM   40   C CB  . GLU A 1 5   ? -13.618 0.058   -0.186  1.00 13.72 ? 5   GLU A CB  1 
ATOM   41   C CG  . GLU A 1 5   ? -14.758 -0.285  0.756   1.00 17.00 ? 5   GLU A CG  1 
ATOM   42   C CD  . GLU A 1 5   ? -16.065 0.395   0.374   1.00 23.79 ? 5   GLU A CD  1 
ATOM   43   O OE1 . GLU A 1 5   ? -16.158 0.960   -0.740  1.00 26.33 ? 5   GLU A OE1 1 
ATOM   44   O OE2 . GLU A 1 5   ? -17.006 0.368   1.199   1.00 28.25 ? 5   GLU A OE2 1 
ATOM   45   N N   . MET A 1 6   ? -10.614 0.658   -0.993  1.00 11.41 ? 6   MET A N   1 
ATOM   46   C CA  . MET A 1 6   ? -9.645  1.021   -2.022  1.00 11.05 ? 6   MET A CA  1 
ATOM   47   C C   . MET A 1 6   ? -8.541  -0.025  -2.131  1.00 10.77 ? 6   MET A C   1 
ATOM   48   O O   . MET A 1 6   ? -8.237  -0.528  -3.221  1.00 11.56 ? 6   MET A O   1 
ATOM   49   C CB  . MET A 1 6   ? -9.054  2.380   -1.660  1.00 11.35 ? 6   MET A CB  1 
ATOM   50   C CG  . MET A 1 6   ? -8.092  2.940   -2.679  1.00 11.13 ? 6   MET A CG  1 
ATOM   51   S SD  . MET A 1 6   ? -7.085  4.234   -1.925  1.00 11.41 ? 6   MET A SD  1 
ATOM   52   C CE  . MET A 1 6   ? -6.608  5.216   -3.343  1.00 12.46 ? 6   MET A CE  1 
ATOM   53   N N   . LEU A 1 7   ? -7.933  -0.378  -0.996  1.00 11.28 ? 7   LEU A N   1 
ATOM   54   C CA  . LEU A 1 7   ? -6.855  -1.361  -1.025  1.00 10.88 ? 7   LEU A CA  1 
ATOM   55   C C   . LEU A 1 7   ? -7.373  -2.765  -1.323  1.00 11.75 ? 7   LEU A C   1 
ATOM   56   O O   . LEU A 1 7   ? -6.662  -3.564  -1.939  1.00 12.36 ? 7   LEU A O   1 
ATOM   57   C CB  . LEU A 1 7   ? -6.047  -1.318  0.277   1.00 11.18 ? 7   LEU A CB  1 
ATOM   58   C CG  . LEU A 1 7   ? -4.960  -0.238  0.311   1.00 11.21 ? 7   LEU A CG  1 
ATOM   59   C CD1 . LEU A 1 7   ? -4.442  -0.047  1.727   1.00 11.59 ? 7   LEU A CD1 1 
ATOM   60   C CD2 . LEU A 1 7   ? -3.823  -0.599  -0.629  1.00 11.50 ? 7   LEU A CD2 1 
ATOM   61   N N   . ARG A 1 8   ? -8.600  -3.090  -0.914  1.00 11.76 ? 8   ARG A N   1 
ATOM   62   C CA  . ARG A 1 8   ? -9.160  -4.388  -1.281  1.00 13.07 ? 8   ARG A CA  1 
ATOM   63   C C   . ARG A 1 8   ? -9.309  -4.512  -2.793  1.00 13.81 ? 8   ARG A C   1 
ATOM   64   O O   . ARG A 1 8   ? -9.047  -5.576  -3.366  1.00 14.11 ? 8   ARG A O   1 
ATOM   65   C CB  . ARG A 1 8   ? -10.495 -4.601  -0.565  1.00 14.17 ? 8   ARG A CB  1 
ATOM   66   C CG  . ARG A 1 8   ? -11.299 -5.797  -1.046  1.00 16.31 ? 8   ARG A CG  1 
ATOM   67   C CD  . ARG A 1 8   ? -10.609 -7.116  -0.753  1.00 17.30 ? 8   ARG A CD  1 
ATOM   68   N NE  . ARG A 1 8   ? -11.431 -8.240  -1.196  1.00 19.37 ? 8   ARG A NE  1 
ATOM   69   C CZ  . ARG A 1 8   ? -11.533 -8.647  -2.456  1.00 20.17 ? 8   ARG A CZ  1 
ATOM   70   N NH1 . ARG A 1 8   ? -10.866 -8.028  -3.417  1.00 21.05 ? 8   ARG A NH1 1 
ATOM   71   N NH2 . ARG A 1 8   ? -12.314 -9.678  -2.757  1.00 24.20 ? 8   ARG A NH2 1 
ATOM   72   N N   . ILE A 1 9   ? -9.699  -3.425  -3.463  1.00 13.40 ? 9   ILE A N   1 
ATOM   73   C CA  . ILE A 1 9   ? -9.740  -3.418  -4.924  1.00 14.25 ? 9   ILE A CA  1 
ATOM   74   C C   . ILE A 1 9   ? -8.343  -3.613  -5.500  1.00 12.90 ? 9   ILE A C   1 
ATOM   75   O O   . ILE A 1 9   ? -8.131  -4.438  -6.395  1.00 14.61 ? 9   ILE A O   1 
ATOM   76   C CB  . ILE A 1 9   ? -10.393 -2.125  -5.441  1.00 13.91 ? 9   ILE A CB  1 
ATOM   77   C CG1 . ILE A 1 9   ? -11.898 -2.144  -5.170  1.00 15.52 ? 9   ILE A CG1 1 
ATOM   78   C CG2 . ILE A 1 9   ? -10.091 -1.910  -6.932  1.00 17.01 ? 9   ILE A CG2 1 
ATOM   79   C CD1 . ILE A 1 9   ? -12.554 -0.766  -5.272  1.00 16.33 ? 9   ILE A CD1 1 
ATOM   80   N N   . ASP A 1 10  ? -7.366  -2.860  -4.992  1.00 11.92 ? 10  ASP A N   1 
ATOM   81   C CA  . ASP A 1 10  ? -6.031  -2.885  -5.574  1.00 11.29 ? 10  ASP A CA  1 
ATOM   82   C C   . ASP A 1 10  ? -5.300  -4.193  -5.296  1.00 11.64 ? 10  ASP A C   1 
ATOM   83   O O   . ASP A 1 10  ? -4.484  -4.621  -6.118  1.00 13.17 ? 10  ASP A O   1 
ATOM   84   C CB  . ASP A 1 10  ? -5.205  -1.702  -5.069  1.00 11.48 ? 10  ASP A CB  1 
ATOM   85   C CG  . ASP A 1 10  ? -5.601  -0.389  -5.715  1.00 11.94 ? 10  ASP A CG  1 
ATOM   86   O OD1 . ASP A 1 10  ? -6.098  -0.416  -6.861  1.00 12.16 ? 10  ASP A OD1 1 
ATOM   87   O OD2 . ASP A 1 10  ? -5.404  0.671   -5.076  1.00 12.27 ? 10  ASP A OD2 1 
ATOM   88   N N   . GLU A 1 11  ? -5.562  -4.834  -4.155  1.00 11.47 ? 11  GLU A N   1 
ATOM   89   C CA  . GLU A 1 11  ? -4.801  -6.009  -3.746  1.00 11.45 ? 11  GLU A CA  1 
ATOM   90   C C   . GLU A 1 11  ? -5.523  -7.331  -3.980  1.00 12.05 ? 11  GLU A C   1 
ATOM   91   O O   . GLU A 1 11  ? -4.861  -8.374  -4.042  1.00 14.23 ? 11  GLU A O   1 
ATOM   92   C CB  . GLU A 1 11  ? -4.426  -5.921  -2.256  1.00 11.62 ? 11  GLU A CB  1 
ATOM   93   C CG  . GLU A 1 11  ? -3.596  -4.700  -1.893  1.00 12.73 ? 11  GLU A CG  1 
ATOM   94   C CD  . GLU A 1 11  ? -2.166  -4.762  -2.397  1.00 12.40 ? 11  GLU A CD  1 
ATOM   95   O OE1 . GLU A 1 11  ? -1.673  -5.860  -2.762  1.00 13.95 ? 11  GLU A OE1 1 
ATOM   96   O OE2 . GLU A 1 11  ? -1.526  -3.689  -2.446  1.00 14.50 ? 11  GLU A OE2 1 
ATOM   97   N N   . GLY A 1 12  ? -6.840  -7.324  -4.105  1.00 12.41 ? 12  GLY A N   1 
ATOM   98   C CA  . GLY A 1 12  ? -7.583  -8.569  -4.212  1.00 13.94 ? 12  GLY A CA  1 
ATOM   99   C C   . GLY A 1 12  ? -7.603  -9.326  -2.888  1.00 13.67 ? 12  GLY A C   1 
ATOM   100  O O   . GLY A 1 12  ? -7.202  -8.823  -1.835  1.00 13.62 ? 12  GLY A O   1 
ATOM   101  N N   . LEU A 1 13  ? -8.081  -10.569 -2.959  1.00 14.14 ? 13  LEU A N   1 
ATOM   102  C CA  . LEU A 1 13  ? -8.136  -11.448 -1.794  1.00 14.60 ? 13  LEU A CA  1 
ATOM   103  C C   . LEU A 1 13  ? -7.804  -12.862 -2.235  1.00 15.36 ? 13  LEU A C   1 
ATOM   104  O O   . LEU A 1 13  ? -8.504  -13.428 -3.081  1.00 16.74 ? 13  LEU A O   1 
ATOM   105  C CB  . LEU A 1 13  ? -9.524  -11.421 -1.151  1.00 16.49 ? 13  LEU A CB  1 
ATOM   106  C CG  . LEU A 1 13  ? -9.787  -12.460 -0.055  1.00 17.45 ? 13  LEU A CG  1 
ATOM   107  C CD1 . LEU A 1 13  ? -8.921  -12.200 1.163   1.00 17.57 ? 13  LEU A CD1 1 
ATOM   108  C CD2 . LEU A 1 13  ? -11.258 -12.491 0.325   1.00 20.01 ? 13  LEU A CD2 1 
ATOM   109  N N   . ARG A 1 14  ? -6.750  -13.434 -1.652  1.00 14.40 ? 14  ARG A N   1 
ATOM   110  C CA  . ARG A 1 14  ? -6.367  -14.814 -1.911  1.00 14.79 ? 14  ARG A CA  1 
ATOM   111  C C   . ARG A 1 14  ? -6.060  -15.485 -0.582  1.00 14.14 ? 14  ARG A C   1 
ATOM   112  O O   . ARG A 1 14  ? -5.323  -14.932 0.239   1.00 15.13 ? 14  ARG A O   1 
ATOM   113  C CB  . ARG A 1 14  ? -5.146  -14.877 -2.835  1.00 17.19 ? 14  ARG A CB  1 
ATOM   114  C CG  . ARG A 1 14  ? -5.455  -14.396 -4.250  1.00 19.36 ? 14  ARG A CG  1 
ATOM   115  C CD  . ARG A 1 14  ? -4.229  -14.375 -5.156  1.00 22.95 ? 14  ARG A CD  1 
ATOM   116  N NE  . ARG A 1 14  ? -3.924  -15.695 -5.697  1.00 29.59 ? 14  ARG A NE  1 
ATOM   117  C CZ  . ARG A 1 14  ? -3.009  -15.931 -6.632  1.00 33.45 ? 14  ARG A CZ  1 
ATOM   118  N NH1 . ARG A 1 14  ? -2.302  -14.931 -7.141  1.00 30.97 ? 14  ARG A NH1 1 
ATOM   119  N NH2 . ARG A 1 14  ? -2.799  -17.170 -7.061  1.00 35.86 ? 14  ARG A NH2 1 
ATOM   120  N N   . LEU A 1 15  ? -6.626  -16.676 -0.364  1.00 13.88 ? 15  LEU A N   1 
ATOM   121  C CA  . LEU A 1 15  ? -6.522  -17.335 0.930   1.00 14.87 ? 15  LEU A CA  1 
ATOM   122  C C   . LEU A 1 15  ? -5.349  -18.299 1.025   1.00 14.10 ? 15  LEU A C   1 
ATOM   123  O O   . LEU A 1 15  ? -5.102  -18.841 2.107   1.00 15.44 ? 15  LEU A O   1 
ATOM   124  C CB  . LEU A 1 15  ? -7.835  -18.050 1.263   1.00 16.33 ? 15  LEU A CB  1 
ATOM   125  C CG  . LEU A 1 15  ? -9.061  -17.139 1.341   1.00 16.90 ? 15  LEU A CG  1 
ATOM   126  C CD1 . LEU A 1 15  ? -10.276 -17.943 1.768   1.00 19.83 ? 15  LEU A CD1 1 
ATOM   127  C CD2 . LEU A 1 15  ? -8.834  -15.961 2.282   1.00 17.73 ? 15  LEU A CD2 1 
ATOM   128  N N   . LYS A 1 16  ? -4.622  -18.527 -0.062  1.00 14.63 ? 16  LYS A N   1 
ATOM   129  C CA  . LYS A 1 16  ? -3.427  -19.352 -0.053  1.00 14.88 ? 16  LYS A CA  1 
ATOM   130  C C   . LYS A 1 16  ? -2.234  -18.501 -0.457  1.00 12.97 ? 16  LYS A C   1 
ATOM   131  O O   . LYS A 1 16  ? -2.382  -17.514 -1.185  1.00 13.38 ? 16  LYS A O   1 
ATOM   132  C CB  . LYS A 1 16  ? -3.578  -20.541 -1.014  1.00 17.44 ? 16  LYS A CB  1 
ATOM   133  C CG  . LYS A 1 16  ? -4.711  -21.482 -0.634  1.00 23.24 ? 16  LYS A CG  1 
ATOM   134  C CD  . LYS A 1 16  ? -4.925  -22.581 -1.667  1.00 29.60 ? 16  LYS A CD  1 
ATOM   135  C CE  . LYS A 1 16  ? -5.555  -23.812 -1.019  1.00 26.93 ? 16  LYS A CE  1 
ATOM   136  N NZ  . LYS A 1 16  ? -4.792  -25.064 -1.279  1.00 35.74 ? 16  LYS A NZ  1 
ATOM   137  N N   . ILE A 1 17  ? -1.041  -18.893 -0.004  1.00 13.05 ? 17  ILE A N   1 
ATOM   138  C CA  . ILE A 1 17  ? 0.172   -18.153 -0.335  1.00 12.59 ? 17  ILE A CA  1 
ATOM   139  C C   . ILE A 1 17  ? 0.278   -17.992 -1.838  1.00 12.13 ? 17  ILE A C   1 
ATOM   140  O O   . ILE A 1 17  ? 0.081   -18.948 -2.600  1.00 14.23 ? 17  ILE A O   1 
ATOM   141  C CB  . ILE A 1 17  ? 1.406   -18.871 0.236   1.00 13.29 ? 17  ILE A CB  1 
ATOM   142  C CG1 . ILE A 1 17  ? 1.397   -18.817 1.762   1.00 13.12 ? 17  ILE A CG1 1 
ATOM   143  C CG2 . ILE A 1 17  ? 2.690   -18.246 -0.316  1.00 14.57 ? 17  ILE A CG2 1 
ATOM   144  C CD1 . ILE A 1 17  ? 2.592   -19.509 2.415   1.00 14.91 ? 17  ILE A CD1 1 
ATOM   145  N N   . TYR A 1 18  ? 0.569   -16.769 -2.271  1.00 11.83 ? 18  TYR A N   1 
ATOM   146  C CA  . TYR A 1 18  ? 0.763   -16.422 -3.667  1.00 13.67 ? 18  TYR A CA  1 
ATOM   147  C C   . TYR A 1 18  ? 2.010   -15.554 -3.773  1.00 13.01 ? 18  TYR A C   1 
ATOM   148  O O   . TYR A 1 18  ? 2.663   -15.245 -2.774  1.00 13.49 ? 18  TYR A O   1 
ATOM   149  C CB  . TYR A 1 18  ? -0.478  -15.731 -4.254  1.00 14.68 ? 18  TYR A CB  1 
ATOM   150  C CG  . TYR A 1 18  ? -0.858  -14.376 -3.666  1.00 14.07 ? 18  TYR A CG  1 
ATOM   151  C CD1 . TYR A 1 18  ? -1.607  -14.284 -2.502  1.00 14.08 ? 18  TYR A CD1 1 
ATOM   152  C CD2 . TYR A 1 18  ? -0.507  -13.186 -4.305  1.00 14.27 ? 18  TYR A CD2 1 
ATOM   153  C CE1 . TYR A 1 18  ? -1.976  -13.060 -1.977  1.00 13.45 ? 18  TYR A CE1 1 
ATOM   154  C CE2 . TYR A 1 18  ? -0.876  -11.952 -3.775  1.00 13.91 ? 18  TYR A CE2 1 
ATOM   155  C CZ  . TYR A 1 18  ? -1.617  -11.894 -2.618  1.00 13.30 ? 18  TYR A CZ  1 
ATOM   156  O OH  . TYR A 1 18  ? -2.003  -10.679 -2.080  1.00 13.60 ? 18  TYR A OH  1 
ATOM   157  N N   . LYS A 1 19  ? 2.356   -15.154 -4.990  1.00 14.44 ? 19  LYS A N   1 
ATOM   158  C CA  . LYS A 1 19  ? 3.475   -14.249 -5.197  1.00 15.02 ? 19  LYS A CA  1 
ATOM   159  C C   . LYS A 1 19  ? 2.951   -12.901 -5.663  1.00 13.67 ? 19  LYS A C   1 
ATOM   160  O O   . LYS A 1 19  ? 2.033   -12.835 -6.488  1.00 15.43 ? 19  LYS A O   1 
ATOM   161  C CB  . LYS A 1 19  ? 4.450   -14.807 -6.227  1.00 15.40 ? 19  LYS A CB  1 
ATOM   162  C CG  . LYS A 1 19  ? 5.299   -15.953 -5.702  1.00 16.08 ? 19  LYS A CG  1 
ATOM   163  C CD  . LYS A 1 19  ? 6.287   -16.406 -6.753  1.00 16.71 ? 19  LYS A CD  1 
ATOM   164  C CE  . LYS A 1 19  ? 7.157   -17.533 -6.241  1.00 18.10 ? 19  LYS A CE  1 
ATOM   165  N NZ  . LYS A 1 19  ? 8.145   -17.930 -7.284  1.00 19.21 ? 19  LYS A NZ  1 
ATOM   166  N N   . ASP A 1 20  ? 3.509   -11.835 -5.101  1.00 13.09 ? 20  ASP A N   1 
ATOM   167  C CA  . ASP A 1 20  ? 3.136   -10.488 -5.515  1.00 13.36 ? 20  ASP A CA  1 
ATOM   168  C C   . ASP A 1 20  ? 3.760   -10.158 -6.867  1.00 13.12 ? 20  ASP A C   1 
ATOM   169  O O   . ASP A 1 20  ? 4.411   -10.988 -7.506  1.00 13.18 ? 20  ASP A O   1 
ATOM   170  C CB  . ASP A 1 20  ? 3.421   -9.473  -4.407  1.00 14.28 ? 20  ASP A CB  1 
ATOM   171  C CG  . ASP A 1 20  ? 4.903   -9.165  -4.226  1.00 13.51 ? 20  ASP A CG  1 
ATOM   172  O OD1 . ASP A 1 20  ? 5.748   -9.634  -5.014  1.00 13.74 ? 20  ASP A OD1 1 
ATOM   173  O OD2 . ASP A 1 20  ? 5.223   -8.431  -3.264  1.00 16.28 ? 20  ASP A OD2 1 
ATOM   174  N N   . THR A 1 21  ? 3.574   -8.914  -7.308  1.00 12.46 ? 21  THR A N   1 
ATOM   175  C CA  . THR A 1 21  ? 4.069   -8.519  -8.618  1.00 12.94 ? 21  THR A CA  1 
ATOM   176  C C   . THR A 1 21  ? 5.589   -8.538  -8.698  1.00 13.21 ? 21  THR A C   1 
ATOM   177  O O   . THR A 1 21  ? 6.136   -8.570  -9.809  1.00 14.77 ? 21  THR A O   1 
ATOM   178  C CB  . THR A 1 21  ? 3.535   -7.134  -9.005  1.00 16.02 ? 21  THR A CB  1 
ATOM   179  O OG1 . THR A 1 21  ? 4.073   -6.143  -8.126  1.00 20.51 ? 21  THR A OG1 1 
ATOM   180  C CG2 . THR A 1 21  ? 2.023   -7.086  -8.920  1.00 19.24 ? 21  THR A CG2 1 
ATOM   181  N N   . GLU A 1 22  ? 6.281   -8.496  -7.561  1.00 14.06 ? 22  GLU A N   1 
ATOM   182  C CA  . GLU A 1 22  ? 7.733   -8.563  -7.515  1.00 13.91 ? 22  GLU A CA  1 
ATOM   183  C C   . GLU A 1 22  ? 8.248   -9.982  -7.328  1.00 14.75 ? 22  GLU A C   1 
ATOM   184  O O   . GLU A 1 22  ? 9.466   -10.184 -7.291  1.00 16.42 ? 22  GLU A O   1 
ATOM   185  C CB  . GLU A 1 22  ? 8.282   -7.657  -6.404  1.00 15.18 ? 22  GLU A CB  1 
ATOM   186  C CG  . GLU A 1 22  ? 7.886   -6.183  -6.533  1.00 19.28 ? 22  GLU A CG  1 
ATOM   187  C CD  . GLU A 1 22  ? 8.602   -5.467  -7.665  1.00 20.63 ? 22  GLU A CD  1 
ATOM   188  O OE1 . GLU A 1 22  ? 9.655   -5.958  -8.116  1.00 21.63 ? 22  GLU A OE1 1 
ATOM   189  O OE2 . GLU A 1 22  ? 8.105   -4.410  -8.112  1.00 24.37 ? 22  GLU A OE2 1 
ATOM   190  N N   . GLY A 1 23  ? 7.357   -10.965 -7.213  1.00 13.80 ? 23  GLY A N   1 
ATOM   191  C CA  . GLY A 1 23  ? 7.746   -12.345 -7.014  1.00 14.38 ? 23  GLY A CA  1 
ATOM   192  C C   . GLY A 1 23  ? 7.877   -12.787 -5.573  1.00 13.72 ? 23  GLY A C   1 
ATOM   193  O O   . GLY A 1 23  ? 8.414   -13.873 -5.327  1.00 15.29 ? 23  GLY A O   1 
ATOM   194  N N   . TYR A 1 24  ? 7.394   -12.000 -4.616  1.00 12.42 ? 24  TYR A N   1 
ATOM   195  C CA  . TYR A 1 24  ? 7.587   -12.287 -3.203  1.00 12.74 ? 24  TYR A CA  1 
ATOM   196  C C   . TYR A 1 24  ? 6.353   -12.952 -2.616  1.00 11.34 ? 24  TYR A C   1 
ATOM   197  O O   . TYR A 1 24  ? 5.221   -12.576 -2.925  1.00 11.92 ? 24  TYR A O   1 
ATOM   198  C CB  . TYR A 1 24  ? 7.839   -10.998 -2.432  1.00 14.07 ? 24  TYR A CB  1 
ATOM   199  C CG  . TYR A 1 24  ? 9.115   -10.282 -2.804  1.00 14.98 ? 24  TYR A CG  1 
ATOM   200  C CD1 . TYR A 1 24  ? 10.305  -10.978 -2.943  1.00 17.26 ? 24  TYR A CD1 1 
ATOM   201  C CD2 . TYR A 1 24  ? 9.132   -8.905  -2.997  1.00 17.28 ? 24  TYR A CD2 1 
ATOM   202  C CE1 . TYR A 1 24  ? 11.480  -10.327 -3.270  1.00 19.66 ? 24  TYR A CE1 1 
ATOM   203  C CE2 . TYR A 1 24  ? 10.303  -8.244  -3.321  1.00 18.69 ? 24  TYR A CE2 1 
ATOM   204  C CZ  . TYR A 1 24  ? 11.471  -8.960  -3.459  1.00 18.44 ? 24  TYR A CZ  1 
ATOM   205  O OH  . TYR A 1 24  ? 12.642  -8.300  -3.786  1.00 22.54 ? 24  TYR A OH  1 
ATOM   206  N N   . TYR A 1 25  ? 6.576   -13.915 -1.721  1.00 11.63 ? 25  TYR A N   1 
ATOM   207  C CA  . TYR A 1 25  ? 5.478   -14.643 -1.088  1.00 11.68 ? 25  TYR A CA  1 
ATOM   208  C C   . TYR A 1 25  ? 4.600   -13.718 -0.246  1.00 10.55 ? 25  TYR A C   1 
ATOM   209  O O   . TYR A 1 25  ? 5.096   -12.963 0.597   1.00 12.12 ? 25  TYR A O   1 
ATOM   210  C CB  . TYR A 1 25  ? 6.044   -15.766 -0.222  1.00 12.01 ? 25  TYR A CB  1 
ATOM   211  C CG  . TYR A 1 25  ? 6.657   -16.890 -1.021  1.00 13.21 ? 25  TYR A CG  1 
ATOM   212  C CD1 . TYR A 1 25  ? 5.914   -17.578 -1.965  1.00 13.49 ? 25  TYR A CD1 1 
ATOM   213  C CD2 . TYR A 1 25  ? 7.979   -17.266 -0.828  1.00 13.71 ? 25  TYR A CD2 1 
ATOM   214  C CE1 . TYR A 1 25  ? 6.470   -18.616 -2.697  1.00 15.93 ? 25  TYR A CE1 1 
ATOM   215  C CE2 . TYR A 1 25  ? 8.541   -18.305 -1.556  1.00 16.14 ? 25  TYR A CE2 1 
ATOM   216  C CZ  . TYR A 1 25  ? 7.780   -18.969 -2.487  1.00 15.65 ? 25  TYR A CZ  1 
ATOM   217  O OH  . TYR A 1 25  ? 8.339   -20.002 -3.211  1.00 20.95 ? 25  TYR A OH  1 
ATOM   218  N N   . THR A 1 26  ? 3.289   -13.831 -0.456  1.00 11.01 ? 26  THR A N   1 
ATOM   219  C CA  . THR A 1 26  ? 2.264   -12.926 0.043   1.00 10.85 ? 26  THR A CA  1 
ATOM   220  C C   . THR A 1 26  ? 1.029   -13.777 0.332   1.00 10.73 ? 26  THR A C   1 
ATOM   221  O O   . THR A 1 26  ? 0.911   -14.894 -0.172  1.00 11.80 ? 26  THR A O   1 
ATOM   222  C CB  . THR A 1 26  ? 1.985   -11.882 -1.064  1.00 11.50 ? 26  THR A CB  1 
ATOM   223  O OG1 . THR A 1 26  ? 3.213   -11.236 -1.418  1.00 12.42 ? 26  THR A OG1 1 
ATOM   224  C CG2 . THR A 1 26  ? 0.988   -10.805 -0.647  1.00 12.05 ? 26  THR A CG2 1 
ATOM   225  N N   . ILE A 1 27  ? 0.096   -13.251 1.128   1.00 11.17 ? 27  ILE A N   1 
ATOM   226  C CA  . ILE A 1 27  ? -1.183  -13.921 1.346   1.00 11.40 ? 27  ILE A CA  1 
ATOM   227  C C   . ILE A 1 27  ? -2.254  -12.878 1.651   1.00 10.83 ? 27  ILE A C   1 
ATOM   228  O O   . ILE A 1 27  ? -1.957  -11.730 2.004   1.00 10.92 ? 27  ILE A O   1 
ATOM   229  C CB  . ILE A 1 27  ? -1.086  -14.984 2.470   1.00 12.36 ? 27  ILE A CB  1 
ATOM   230  C CG1 . ILE A 1 27  ? -2.223  -16.022 2.385   1.00 12.69 ? 27  ILE A CG1 1 
ATOM   231  C CG2 . ILE A 1 27  ? -1.050  -14.303 3.815   1.00 13.87 ? 27  ILE A CG2 1 
ATOM   232  C CD1 . ILE A 1 27  ? -1.982  -17.269 3.205   1.00 14.08 ? 27  ILE A CD1 1 
ATOM   233  N N   . GLY A 1 28  ? -3.511  -13.292 1.519   1.00 11.71 ? 28  GLY A N   1 
ATOM   234  C CA  . GLY A 1 28  ? -4.611  -12.463 1.976   1.00 11.42 ? 28  GLY A CA  1 
ATOM   235  C C   . GLY A 1 28  ? -4.843  -11.281 1.053   1.00 11.00 ? 28  GLY A C   1 
ATOM   236  O O   . GLY A 1 28  ? -4.903  -11.427 -0.175  1.00 12.41 ? 28  GLY A O   1 
ATOM   237  N N   . ILE A 1 29  ? -5.002  -10.101 1.657   1.00 11.22 ? 29  ILE A N   1 
ATOM   238  C CA  . ILE A 1 29  ? -5.182  -8.841  0.941   1.00 11.23 ? 29  ILE A CA  1 
ATOM   239  C C   . ILE A 1 29  ? -3.822  -8.151  0.883   1.00 10.77 ? 29  ILE A C   1 
ATOM   240  O O   . ILE A 1 29  ? -3.573  -7.153  1.571   1.00 11.30 ? 29  ILE A O   1 
ATOM   241  C CB  . ILE A 1 29  ? -6.279  -7.990  1.614   1.00 11.38 ? 29  ILE A CB  1 
ATOM   242  C CG1 . ILE A 1 29  ? -7.572  -8.805  1.759   1.00 12.83 ? 29  ILE A CG1 1 
ATOM   243  C CG2 . ILE A 1 29  ? -6.556  -6.730  0.808   1.00 11.96 ? 29  ILE A CG2 1 
ATOM   244  C CD1 . ILE A 1 29  ? -8.599  -8.212  2.708   1.00 14.25 ? 29  ILE A CD1 1 
ATOM   245  N N   . GLY A 1 30  ? -2.915  -8.719  0.093   1.00 10.88 ? 30  GLY A N   1 
ATOM   246  C CA  . GLY A 1 30  ? -1.604  -8.128  -0.093  1.00 11.73 ? 30  GLY A CA  1 
ATOM   247  C C   . GLY A 1 30  ? -0.687  -8.122  1.113   1.00 11.11 ? 30  GLY A C   1 
ATOM   248  O O   . GLY A 1 30  ? 0.134   -7.207  1.245   1.00 12.14 ? 30  GLY A O   1 
ATOM   249  N N   . HIS A 1 31  ? -0.770  -9.124  1.986   1.00 11.16 ? 31  HIS A N   1 
ATOM   250  C CA  . HIS A 1 31  ? 0.118   -9.189  3.142   1.00 11.30 ? 31  HIS A CA  1 
ATOM   251  C C   . HIS A 1 31  ? 1.437   -9.849  2.748   1.00 10.97 ? 31  HIS A C   1 
ATOM   252  O O   . HIS A 1 31  ? 1.489   -11.067 2.558   1.00 11.27 ? 31  HIS A O   1 
ATOM   253  C CB  . HIS A 1 31  ? -0.524  -9.964  4.285   1.00 12.36 ? 31  HIS A CB  1 
ATOM   254  C CG  . HIS A 1 31  ? 0.352   -10.027 5.489   1.00 12.57 ? 31  HIS A CG  1 
ATOM   255  N ND1 . HIS A 1 31  ? 0.421   -9.001  6.406   1.00 13.74 ? 31  HIS A ND1 1 
ATOM   256  C CD2 . HIS A 1 31  ? 1.248   -10.958 5.894   1.00 13.89 ? 31  HIS A CD2 1 
ATOM   257  C CE1 . HIS A 1 31  ? 1.306   -9.308  7.339   1.00 14.08 ? 31  HIS A CE1 1 
ATOM   258  N NE2 . HIS A 1 31  ? 1.821   -10.491 7.053   1.00 14.70 ? 31  HIS A NE2 1 
ATOM   259  N N   . LEU A 1 32  ? 2.510   -9.060  2.664   1.00 12.04 ? 32  LEU A N   1 
ATOM   260  C CA  . LEU A 1 32  ? 3.826   -9.617  2.371   1.00 11.76 ? 32  LEU A CA  1 
ATOM   261  C C   . LEU A 1 32  ? 4.275   -10.537 3.502   1.00 12.47 ? 32  LEU A C   1 
ATOM   262  O O   . LEU A 1 32  ? 4.231   -10.160 4.675   1.00 13.86 ? 32  LEU A O   1 
ATOM   263  C CB  . LEU A 1 32  ? 4.841   -8.483  2.197   1.00 14.30 ? 32  LEU A CB  1 
ATOM   264  C CG  . LEU A 1 32  ? 6.312   -8.904  2.079   1.00 15.68 ? 32  LEU A CG  1 
ATOM   265  C CD1 . LEU A 1 32  ? 6.575   -9.617  0.755   1.00 16.17 ? 32  LEU A CD1 1 
ATOM   266  C CD2 . LEU A 1 32  ? 7.244   -7.706  2.243   1.00 19.17 ? 32  LEU A CD2 1 
ATOM   267  N N   . LEU A 1 33  ? 4.727   -11.743 3.150   1.00 11.63 ? 33  LEU A N   1 
ATOM   268  C CA  . LEU A 1 33  ? 5.250   -12.673 4.146   1.00 12.15 ? 33  LEU A CA  1 
ATOM   269  C C   . LEU A 1 33  ? 6.767   -12.611 4.263   1.00 13.43 ? 33  LEU A C   1 
ATOM   270  O O   . LEU A 1 33  ? 7.301   -12.553 5.377   1.00 14.80 ? 33  LEU A O   1 
ATOM   271  C CB  . LEU A 1 33  ? 4.792   -14.104 3.839   1.00 12.56 ? 33  LEU A CB  1 
ATOM   272  C CG  . LEU A 1 33  ? 3.297   -14.349 4.058   1.00 12.42 ? 33  LEU A CG  1 
ATOM   273  C CD1 . LEU A 1 33  ? 2.858   -15.661 3.415   1.00 13.25 ? 33  LEU A CD1 1 
ATOM   274  C CD2 . LEU A 1 33  ? 2.955   -14.341 5.548   1.00 12.98 ? 33  LEU A CD2 1 
ATOM   275  N N   . THR A 1 34  ? 7.480   -12.614 3.142   1.00 13.60 ? 34  THR A N   1 
ATOM   276  C CA  . THR A 1 34  ? 8.935   -12.585 3.172   1.00 14.28 ? 34  THR A CA  1 
ATOM   277  C C   . THR A 1 34  ? 9.434   -12.265 1.776   1.00 14.37 ? 34  THR A C   1 
ATOM   278  O O   . THR A 1 34  ? 8.753   -12.544 0.788   1.00 14.97 ? 34  THR A O   1 
ATOM   279  C CB  . THR A 1 34  ? 9.519   -13.931 3.632   1.00 14.31 ? 34  THR A CB  1 
ATOM   280  O OG1 . THR A 1 34  ? 10.948  -13.837 3.679   1.00 16.17 ? 34  THR A OG1 1 
ATOM   281  C CG2 . THR A 1 34  ? 9.124   -15.045 2.675   1.00 15.35 ? 34  THR A CG2 1 
ATOM   282  N N   . LYS A 1 35  ? 10.627  -11.683 1.703   1.00 15.65 ? 35  LYS A N   1 
ATOM   283  C CA  . LYS A 1 35  ? 11.332  -11.552 0.438   1.00 16.17 ? 35  LYS A CA  1 
ATOM   284  C C   . LYS A 1 35  ? 12.271  -12.724 0.170   1.00 16.91 ? 35  LYS A C   1 
ATOM   285  O O   . LYS A 1 35  ? 12.905  -12.766 -0.890  1.00 17.93 ? 35  LYS A O   1 
ATOM   286  C CB  . LYS A 1 35  ? 12.071  -10.208 0.374   1.00 18.66 ? 35  LYS A CB  1 
ATOM   287  C CG  . LYS A 1 35  ? 11.111  -9.025  0.371   1.00 16.75 ? 35  LYS A CG  1 
ATOM   288  C CD  . LYS A 1 35  ? 11.810  -7.692  0.145   1.00 19.71 ? 35  LYS A CD  1 
ATOM   289  C CE  . LYS A 1 35  ? 10.787  -6.569  0.043   1.00 22.97 ? 35  LYS A CE  1 
ATOM   290  N NZ  . LYS A 1 35  ? 11.394  -5.272  -0.362  1.00 26.08 ? 35  LYS A NZ  1 
ATOM   291  N N   . SER A 1 36  ? 12.340  -13.692 1.087   1.00 17.12 ? 36  SER A N   1 
ATOM   292  C CA  . SER A 1 36  ? 13.183  -14.858 0.887   1.00 17.78 ? 36  SER A CA  1 
ATOM   293  C C   . SER A 1 36  ? 12.587  -15.760 -0.193  1.00 16.73 ? 36  SER A C   1 
ATOM   294  O O   . SER A 1 36  ? 11.359  -15.886 -0.285  1.00 17.14 ? 36  SER A O   1 
ATOM   295  C CB  . SER A 1 36  ? 13.287  -15.652 2.189   1.00 18.88 ? 36  SER A CB  1 
ATOM   296  O OG  . SER A 1 36  ? 13.781  -16.959 1.952   1.00 20.28 ? 36  SER A OG  1 
ATOM   297  N N   . PRO A 1 37  ? 13.413  -16.413 -1.003  1.00 17.65 ? 37  PRO A N   1 
ATOM   298  C CA  . PRO A 1 37  ? 12.888  -17.378 -1.981  1.00 18.44 ? 37  PRO A CA  1 
ATOM   299  C C   . PRO A 1 37  ? 12.391  -18.677 -1.361  1.00 18.24 ? 37  PRO A C   1 
ATOM   300  O O   . PRO A 1 37  ? 11.852  -19.522 -2.085  1.00 19.79 ? 37  PRO A O   1 
ATOM   301  C CB  . PRO A 1 37  ? 14.085  -17.628 -2.910  1.00 20.94 ? 37  PRO A CB  1 
ATOM   302  C CG  . PRO A 1 37  ? 15.273  -17.365 -2.050  1.00 21.14 ? 37  PRO A CG  1 
ATOM   303  C CD  . PRO A 1 37  ? 14.872  -16.236 -1.133  1.00 19.81 ? 37  PRO A CD  1 
ATOM   304  N N   . SER A 1 38  ? 12.521  -18.854 -0.049  1.00 17.30 ? 38  SER A N   1 
ATOM   305  C CA  . SER A 1 38  ? 12.144  -20.100 0.607   1.00 18.07 ? 38  SER A CA  1 
ATOM   306  C C   . SER A 1 38  ? 10.661  -20.079 0.966   1.00 16.30 ? 38  SER A C   1 
ATOM   307  O O   . SER A 1 38  ? 10.219  -19.246 1.770   1.00 15.59 ? 38  SER A O   1 
ATOM   308  C CB  . SER A 1 38  ? 12.985  -20.296 1.865   1.00 18.84 ? 38  SER A CB  1 
ATOM   309  O OG  . SER A 1 38  ? 12.412  -21.286 2.698   1.00 18.65 ? 38  SER A OG  1 
ATOM   310  N N   . LEU A 1 39  ? 9.894   -21.002 0.382   1.00 16.24 ? 39  LEU A N   1 
ATOM   311  C CA  . LEU A 1 39  ? 8.492   -21.140 0.762   1.00 15.70 ? 39  LEU A CA  1 
ATOM   312  C C   . LEU A 1 39  ? 8.346   -21.528 2.228   1.00 14.24 ? 39  LEU A C   1 
ATOM   313  O O   . LEU A 1 39  ? 7.387   -21.111 2.893   1.00 14.48 ? 39  LEU A O   1 
ATOM   314  C CB  . LEU A 1 39  ? 7.800   -22.167 -0.140  1.00 16.86 ? 39  LEU A CB  1 
ATOM   315  C CG  . LEU A 1 39  ? 6.323   -22.451 0.146   1.00 16.52 ? 39  LEU A CG  1 
ATOM   316  C CD1 . LEU A 1 39  ? 5.480   -21.182 0.056   1.00 16.25 ? 39  LEU A CD1 1 
ATOM   317  C CD2 . LEU A 1 39  ? 5.779   -23.534 -0.784  1.00 18.75 ? 39  LEU A CD2 1 
ATOM   318  N N   . ASN A 1 40  ? 9.278   -22.329 2.756   1.00 15.76 ? 40  ASN A N   1 
ATOM   319  C CA  . ASN A 1 40  ? 9.227   -22.667 4.174   1.00 15.20 ? 40  ASN A CA  1 
ATOM   320  C C   . ASN A 1 40  ? 9.372   -21.423 5.042   1.00 14.47 ? 40  ASN A C   1 
ATOM   321  O O   . ASN A 1 40  ? 8.686   -21.287 6.064   1.00 14.15 ? 40  ASN A O   1 
ATOM   322  C CB  . ASN A 1 40  ? 10.299  -23.703 4.513   1.00 18.01 ? 40  ASN A CB  1 
ATOM   323  C CG  . ASN A 1 40  ? 9.901   -25.113 4.115   1.00 19.54 ? 40  ASN A CG  1 
ATOM   324  O OD1 . ASN A 1 40  ? 8.721   -25.415 3.942   1.00 22.48 ? 40  ASN A OD1 1 
ATOM   325  N ND2 . ASN A 1 40  ? 10.891  -25.988 3.985   1.00 24.46 ? 40  ASN A ND2 1 
ATOM   326  N N   . ALA A 1 41  ? 10.253  -20.500 4.650   1.00 15.17 ? 41  ALA A N   1 
ATOM   327  C CA  . ALA A 1 41  ? 10.386  -19.256 5.398   1.00 14.96 ? 41  ALA A CA  1 
ATOM   328  C C   . ALA A 1 41  ? 9.084   -18.470 5.380   1.00 13.54 ? 41  ALA A C   1 
ATOM   329  O O   . ALA A 1 41  ? 8.685   -17.893 6.398   1.00 13.15 ? 41  ALA A O   1 
ATOM   330  C CB  . ALA A 1 41  ? 11.532  -18.419 4.834   1.00 15.86 ? 41  ALA A CB  1 
ATOM   331  N N   . ALA A 1 42  ? 8.406   -18.437 4.225   1.00 12.76 ? 42  ALA A N   1 
ATOM   332  C CA  . ALA A 1 42  ? 7.117   -17.757 4.135   1.00 12.96 ? 42  ALA A CA  1 
ATOM   333  C C   . ALA A 1 42  ? 6.079   -18.429 5.025   1.00 12.21 ? 42  ALA A C   1 
ATOM   334  O O   . ALA A 1 42  ? 5.280   -17.751 5.684   1.00 12.29 ? 42  ALA A O   1 
ATOM   335  C CB  . ALA A 1 42  ? 6.637   -17.752 2.684   1.00 13.13 ? 42  ALA A CB  1 
ATOM   336  N N   . LYS A 1 43  ? 6.070   -19.764 5.045   1.00 12.28 ? 43  LYS A N   1 
ATOM   337  C CA  . LYS A 1 43  ? 5.115   -20.493 5.879   1.00 13.11 ? 43  LYS A CA  1 
ATOM   338  C C   . LYS A 1 43  ? 5.353   -20.234 7.362   1.00 12.21 ? 43  LYS A C   1 
ATOM   339  O O   . LYS A 1 43  ? 4.399   -20.111 8.138   1.00 12.78 ? 43  LYS A O   1 
ATOM   340  C CB  . LYS A 1 43  ? 5.179   -21.987 5.573   1.00 13.99 ? 43  LYS A CB  1 
ATOM   341  C CG  . LYS A 1 43  ? 4.521   -22.359 4.255   1.00 14.36 ? 43  LYS A CG  1 
ATOM   342  C CD  . LYS A 1 43  ? 4.689   -23.826 3.940   1.00 17.44 ? 43  LYS A CD  1 
ATOM   343  C CE  . LYS A 1 43  ? 3.846   -24.209 2.740   1.00 18.28 ? 43  LYS A CE  1 
ATOM   344  N NZ  . LYS A 1 43  ? 4.031   -25.647 2.396   1.00 22.16 ? 43  LYS A NZ  1 
ATOM   345  N N   . SER A 1 44  ? 6.618   -20.132 7.773   1.00 12.56 ? 44  SER A N   1 
ATOM   346  C CA  . SER A 1 44  ? 6.901   -19.782 9.162   1.00 13.16 ? 44  SER A CA  1 
ATOM   347  C C   . SER A 1 44  ? 6.356   -18.399 9.492   1.00 12.82 ? 44  SER A C   1 
ATOM   348  O O   . SER A 1 44  ? 5.696   -18.204 10.520  1.00 13.13 ? 44  SER A O   1 
ATOM   349  C CB  . SER A 1 44  ? 8.405   -19.843 9.430   1.00 14.14 ? 44  SER A CB  1 
ATOM   350  O OG  . SER A 1 44  ? 8.905   -21.166 9.320   1.00 16.23 ? 44  SER A OG  1 
ATOM   351  N N   . GLU A 1 45  ? 6.616   -17.421 8.619   1.00 12.47 ? 45  GLU A N   1 
ATOM   352  C CA  . GLU A 1 45  ? 6.095   -16.081 8.857   1.00 12.70 ? 45  GLU A CA  1 
ATOM   353  C C   . GLU A 1 45  ? 4.579   -16.093 8.952   1.00 12.43 ? 45  GLU A C   1 
ATOM   354  O O   . GLU A 1 45  ? 3.998   -15.403 9.798   1.00 13.11 ? 45  GLU A O   1 
ATOM   355  C CB  . GLU A 1 45  ? 6.551   -15.126 7.753   1.00 12.66 ? 45  GLU A CB  1 
ATOM   356  C CG  . GLU A 1 45  ? 8.036   -14.816 7.774   1.00 13.35 ? 45  GLU A CG  1 
ATOM   357  C CD  . GLU A 1 45  ? 8.483   -14.219 9.101   1.00 13.73 ? 45  GLU A CD  1 
ATOM   358  O OE1 . GLU A 1 45  ? 7.923   -13.178 9.512   1.00 14.31 ? 45  GLU A OE1 1 
ATOM   359  O OE2 . GLU A 1 45  ? 9.380   -14.806 9.752   1.00 15.54 ? 45  GLU A OE2 1 
ATOM   360  N N   . LEU A 1 46  ? 3.914   -16.874 8.097   1.00 12.07 ? 46  LEU A N   1 
ATOM   361  C CA  . LEU A 1 46  ? 2.459   -16.942 8.141   1.00 11.98 ? 46  LEU A CA  1 
ATOM   362  C C   . LEU A 1 46  ? 1.977   -17.484 9.482   1.00 11.59 ? 46  LEU A C   1 
ATOM   363  O O   . LEU A 1 46  ? 1.079   -16.915 10.111  1.00 12.34 ? 46  LEU A O   1 
ATOM   364  C CB  . LEU A 1 46  ? 1.938   -17.801 6.989   1.00 12.32 ? 46  LEU A CB  1 
ATOM   365  C CG  . LEU A 1 46  ? 0.417   -17.969 6.969   1.00 12.38 ? 46  LEU A CG  1 
ATOM   366  C CD1 . LEU A 1 46  ? -0.280  -16.627 6.801   1.00 13.50 ? 46  LEU A CD1 1 
ATOM   367  C CD2 . LEU A 1 46  ? -0.021  -18.934 5.882   1.00 13.56 ? 46  LEU A CD2 1 
ATOM   368  N N   . ASP A 1 47  ? 2.563   -18.593 9.935   1.00 11.67 ? 47  ASP A N   1 
ATOM   369  C CA  . ASP A 1 47  ? 2.126   -19.194 11.192  1.00 12.36 ? 47  ASP A CA  1 
ATOM   370  C C   . ASP A 1 47  ? 2.329   -18.241 12.364  1.00 12.39 ? 47  ASP A C   1 
ATOM   371  O O   . ASP A 1 47  ? 1.486   -18.164 13.266  1.00 13.21 ? 47  ASP A O   1 
ATOM   372  C CB  . ASP A 1 47  ? 2.868   -20.508 11.419  1.00 13.27 ? 47  ASP A CB  1 
ATOM   373  C CG  . ASP A 1 47  ? 2.432   -21.593 10.456  1.00 14.54 ? 47  ASP A CG  1 
ATOM   374  O OD1 . ASP A 1 47  ? 1.463   -21.385 9.701   1.00 16.27 ? 47  ASP A OD1 1 
ATOM   375  O OD2 . ASP A 1 47  ? 3.054   -22.676 10.467  1.00 18.55 ? 47  ASP A OD2 1 
ATOM   376  N N   . LYS A 1 48  ? 3.447   -17.514 12.368  1.00 12.34 ? 48  LYS A N   1 
ATOM   377  C CA  . LYS A 1 48  ? 3.706   -16.504 13.392  1.00 12.54 ? 48  LYS A CA  1 
ATOM   378  C C   . LYS A 1 48  ? 2.673   -15.379 13.343  1.00 12.02 ? 48  LYS A C   1 
ATOM   379  O O   . LYS A 1 48  ? 2.194   -14.910 14.387  1.00 12.01 ? 48  LYS A O   1 
ATOM   380  C CB  . LYS A 1 48  ? 5.125   -15.962 13.193  1.00 13.35 ? 48  LYS A CB  1 
ATOM   381  C CG  . LYS A 1 48  ? 5.519   -14.802 14.085  1.00 13.71 ? 48  LYS A CG  1 
ATOM   382  C CD  . LYS A 1 48  ? 7.033   -14.580 14.114  1.00 14.56 ? 48  LYS A CD  1 
ATOM   383  C CE  . LYS A 1 48  ? 7.627   -14.392 12.725  1.00 15.13 ? 48  LYS A CE  1 
ATOM   384  N NZ  . LYS A 1 48  ? 7.424   -13.003 12.233  1.00 15.00 ? 48  LYS A NZ  1 
ATOM   385  N N   . ALA A 1 49  ? 2.295   -14.949 12.135  1.00 11.53 ? 49  ALA A N   1 
ATOM   386  C CA  . ALA A 1 49  ? 1.359   -13.836 11.999  1.00 12.38 ? 49  ALA A CA  1 
ATOM   387  C C   . ALA A 1 49  ? -0.043  -14.219 12.454  1.00 12.32 ? 49  ALA A C   1 
ATOM   388  O O   . ALA A 1 49  ? -0.762  -13.388 13.016  1.00 12.20 ? 49  ALA A O   1 
ATOM   389  C CB  . ALA A 1 49  ? 1.318   -13.353 10.549  1.00 12.69 ? 49  ALA A CB  1 
ATOM   390  N N   . ILE A 1 50  ? -0.457  -15.457 12.181  1.00 12.54 ? 50  ILE A N   1 
ATOM   391  C CA  . ILE A 1 50  ? -1.815  -15.904 12.475  1.00 12.94 ? 50  ILE A CA  1 
ATOM   392  C C   . ILE A 1 50  ? -1.924  -16.500 13.880  1.00 13.73 ? 50  ILE A C   1 
ATOM   393  O O   . ILE A 1 50  ? -2.994  -16.441 14.499  1.00 14.24 ? 50  ILE A O   1 
ATOM   394  C CB  . ILE A 1 50  ? -2.285  -16.914 11.407  1.00 13.27 ? 50  ILE A CB  1 
ATOM   395  C CG1 . ILE A 1 50  ? -2.148  -16.331 10.002  1.00 14.58 ? 50  ILE A CG1 1 
ATOM   396  C CG2 . ILE A 1 50  ? -3.729  -17.381 11.662  1.00 15.76 ? 50  ILE A CG2 1 
ATOM   397  C CD1 . ILE A 1 50  ? -2.989  -15.104 9.766   1.00 17.34 ? 50  ILE A CD1 1 
ATOM   398  N N   . GLY A 1 51  ? -0.852  -17.095 14.393  1.00 13.05 ? 51  GLY A N   1 
ATOM   399  C CA  . GLY A 1 51  ? -0.897  -17.747 15.688  1.00 13.78 ? 51  GLY A CA  1 
ATOM   400  C C   . GLY A 1 51  ? -1.370  -19.181 15.668  1.00 15.02 ? 51  GLY A C   1 
ATOM   401  O O   . GLY A 1 51  ? -1.842  -19.679 16.699  1.00 15.90 ? 51  GLY A O   1 
ATOM   402  N N   . ARG A 1 52  ? -1.267  -19.863 14.533  1.00 14.60 ? 52  ARG A N   1 
ATOM   403  C CA  . ARG A 1 52  ? -1.572  -21.284 14.454  1.00 16.70 ? 52  ARG A CA  1 
ATOM   404  C C   . ARG A 1 52  ? -0.809  -21.841 13.265  1.00 14.96 ? 52  ARG A C   1 
ATOM   405  O O   . ARG A 1 52  ? -0.250  -21.094 12.462  1.00 14.80 ? 52  ARG A O   1 
ATOM   406  C CB  . ARG A 1 52  ? -3.076  -21.528 14.315  1.00 16.39 ? 52  ARG A CB  1 
ATOM   407  C CG  . ARG A 1 52  ? -3.632  -21.077 12.980  1.00 15.60 ? 52  ARG A CG  1 
ATOM   408  C CD  . ARG A 1 52  ? -5.133  -21.330 12.836  1.00 15.81 ? 52  ARG A CD  1 
ATOM   409  N NE  . ARG A 1 52  ? -5.600  -20.809 11.555  1.00 15.57 ? 52  ARG A NE  1 
ATOM   410  C CZ  . ARG A 1 52  ? -5.577  -21.485 10.413  1.00 14.78 ? 52  ARG A CZ  1 
ATOM   411  N NH1 . ARG A 1 52  ? -5.120  -22.732 10.375  1.00 17.04 ? 52  ARG A NH1 1 
ATOM   412  N NH2 . ARG A 1 52  ? -5.997  -20.905 9.295   1.00 15.87 ? 52  ARG A NH2 1 
ATOM   413  N N   . ASN A 1 53  ? -0.787  -23.164 13.167  1.00 15.29 ? 53  ASN A N   1 
ATOM   414  C CA  . ASN A 1 53  ? -0.129  -23.855 12.064  1.00 16.21 ? 53  ASN A CA  1 
ATOM   415  C C   . ASN A 1 53  ? -1.076  -23.855 10.872  1.00 15.82 ? 53  ASN A C   1 
ATOM   416  O O   . ASN A 1 53  ? -2.076  -24.581 10.869  1.00 17.47 ? 53  ASN A O   1 
ATOM   417  C CB  . ASN A 1 53  ? 0.164   -25.287 12.504  1.00 20.56 ? 53  ASN A CB  1 
ATOM   418  C CG  . ASN A 1 53  ? 1.297   -25.922 11.733  1.00 27.16 ? 53  ASN A CG  1 
ATOM   419  O OD1 . ASN A 1 53  ? 1.376   -25.804 10.513  1.00 31.97 ? 53  ASN A OD1 1 
ATOM   420  N ND2 . ASN A 1 53  ? 2.176   -26.624 12.444  1.00 30.49 ? 53  ASN A ND2 1 
ATOM   421  N N   . CYS A 1 54  ? -0.765  -23.044 9.855   1.00 15.04 ? 54  CYS A N   1 
ATOM   422  C CA  . CYS A 1 54  ? -1.699  -22.766 8.767   1.00 15.81 ? 54  CYS A CA  1 
ATOM   423  C C   . CYS A 1 54  ? -1.462  -23.596 7.513   1.00 14.43 ? 54  CYS A C   1 
ATOM   424  O O   . CYS A 1 54  ? -2.364  -23.676 6.671   1.00 15.88 ? 54  CYS A O   1 
ATOM   425  C CB  . CYS A 1 54  ? -1.600  -21.292 8.348   1.00 15.96 ? 54  CYS A CB  1 
ATOM   426  S SG  . CYS A 1 54  ? -2.184  -20.141 9.581   1.00 15.84 ? 54  CYS A SG  1 
ATOM   427  N N   . ASN A 1 55  ? -0.271  -24.145 7.318   1.00 16.51 ? 55  ASN A N   1 
ATOM   428  C CA  . ASN A 1 55  ? 0.008   -24.907 6.101   1.00 19.51 ? 55  ASN A CA  1 
ATOM   429  C C   . ASN A 1 55  ? -0.140  -24.045 4.841   1.00 18.01 ? 55  ASN A C   1 
ATOM   430  O O   . ASN A 1 55  ? -0.486  -24.558 3.780   1.00 20.05 ? 55  ASN A O   1 
ATOM   431  C CB  . ASN A 1 55  ? -0.886  -26.161 6.048   1.00 22.34 ? 55  ASN A CB  1 
ATOM   432  C CG  . ASN A 1 55  ? -0.470  -27.181 4.985   1.00 23.65 ? 55  ASN A CG  1 
ATOM   433  O OD1 . ASN A 1 55  ? 0.712   -27.340 4.675   1.00 25.22 ? 55  ASN A OD1 1 
ATOM   434  N ND2 . ASN A 1 55  ? -1.457  -27.894 4.442   1.00 23.66 ? 55  ASN A ND2 1 
ATOM   435  N N   . GLY A 1 56  ? 0.093   -22.727 4.941   1.00 15.24 ? 56  GLY A N   1 
ATOM   436  C CA  . GLY A 1 56  ? -0.015  -21.838 3.796   1.00 14.27 ? 56  GLY A CA  1 
ATOM   437  C C   . GLY A 1 56  ? -1.418  -21.414 3.413   1.00 14.32 ? 56  GLY A C   1 
ATOM   438  O O   . GLY A 1 56  ? -1.589  -20.847 2.324   1.00 14.50 ? 56  GLY A O   1 
ATOM   439  N N   . VAL A 1 57  ? -2.417  -21.646 4.267   1.00 14.56 ? 57  VAL A N   1 
ATOM   440  C CA  . VAL A 1 57  ? -3.812  -21.351 3.955   1.00 14.20 ? 57  VAL A CA  1 
ATOM   441  C C   . VAL A 1 57  ? -4.452  -20.664 5.155   1.00 13.88 ? 57  VAL A C   1 
ATOM   442  O O   . VAL A 1 57  ? -4.285  -21.114 6.295   1.00 14.34 ? 57  VAL A O   1 
ATOM   443  C CB  . VAL A 1 57  ? -4.594  -22.636 3.604   1.00 17.31 ? 57  VAL A CB  1 
ATOM   444  C CG1 . VAL A 1 57  ? -6.055  -22.317 3.324   1.00 19.48 ? 57  VAL A CG1 1 
ATOM   445  C CG2 . VAL A 1 57  ? -3.952  -23.359 2.431   1.00 19.15 ? 57  VAL A CG2 1 
ATOM   446  N N   . ILE A 1 58  ? -5.222  -19.599 4.901   1.00 13.89 ? 58  ILE A N   1 
ATOM   447  C CA  . ILE A 1 58  ? -5.931  -18.880 5.955   1.00 13.46 ? 58  ILE A CA  1 
ATOM   448  C C   . ILE A 1 58  ? -7.410  -18.749 5.596   1.00 14.32 ? 58  ILE A C   1 
ATOM   449  O O   . ILE A 1 58  ? -7.829  -19.030 4.474   1.00 14.90 ? 58  ILE A O   1 
ATOM   450  C CB  . ILE A 1 58  ? -5.307  -17.498 6.262   1.00 13.31 ? 58  ILE A CB  1 
ATOM   451  C CG1 . ILE A 1 58  ? -5.348  -16.581 5.036   1.00 13.06 ? 58  ILE A CG1 1 
ATOM   452  C CG2 . ILE A 1 58  ? -3.884  -17.660 6.777   1.00 13.88 ? 58  ILE A CG2 1 
ATOM   453  C CD1 . ILE A 1 58  ? -4.857  -15.152 5.317   1.00 13.81 ? 58  ILE A CD1 1 
ATOM   454  N N   . THR A 1 59  ? -8.203  -18.312 6.574   1.00 14.90 ? 59  THR A N   1 
ATOM   455  C CA  . THR A 1 59  ? -9.610  -18.011 6.359   1.00 15.69 ? 59  THR A CA  1 
ATOM   456  C C   . THR A 1 59  ? -9.796  -16.545 5.967   1.00 15.39 ? 59  THR A C   1 
ATOM   457  O O   . THR A 1 59  ? -8.898  -15.710 6.118   1.00 14.60 ? 59  THR A O   1 
ATOM   458  C CB  . THR A 1 59  ? -10.418 -18.290 7.624   1.00 15.76 ? 59  THR A CB  1 
ATOM   459  O OG1 . THR A 1 59  ? -10.085 -17.305 8.611   1.00 16.22 ? 59  THR A OG1 1 
ATOM   460  C CG2 . THR A 1 59  ? -10.135 -19.695 8.166   1.00 18.51 ? 59  THR A CG2 1 
ATOM   461  N N   . LYS A 1 60  ? -10.996 -16.230 5.470   1.00 16.52 ? 60  LYS A N   1 
ATOM   462  C CA  . LYS A 1 60  ? -11.305 -14.846 5.116   1.00 15.95 ? 60  LYS A CA  1 
ATOM   463  C C   . LYS A 1 60  ? -11.237 -13.931 6.332   1.00 16.02 ? 60  LYS A C   1 
ATOM   464  O O   . LYS A 1 60  ? -10.716 -12.811 6.238   1.00 14.66 ? 60  LYS A O   1 
ATOM   465  C CB  . LYS A 1 60  ? -12.674 -14.763 4.442   1.00 18.35 ? 60  LYS A CB  1 
ATOM   466  C CG  . LYS A 1 60  ? -13.031 -13.373 3.933   1.00 19.42 ? 60  LYS A CG  1 
ATOM   467  C CD  . LYS A 1 60  ? -14.207 -13.438 2.973   1.00 22.49 ? 60  LYS A CD  1 
ATOM   468  C CE  . LYS A 1 60  ? -14.567 -12.058 2.452   1.00 26.86 ? 60  LYS A CE  1 
ATOM   469  N NZ  . LYS A 1 60  ? -15.509 -11.351 3.364   1.00 34.64 ? 60  LYS A NZ  1 
ATOM   470  N N   . ASP A 1 61  ? -11.754 -14.387 7.480   1.00 16.12 ? 61  ASP A N   1 
ATOM   471  C CA  . ASP A 1 61  ? -11.660 -13.594 8.704   1.00 15.41 ? 61  ASP A CA  1 
ATOM   472  C C   . ASP A 1 61  ? -10.209 -13.285 9.043   1.00 14.82 ? 61  ASP A C   1 
ATOM   473  O O   . ASP A 1 61  ? -9.879  -12.155 9.424   1.00 14.12 ? 61  ASP A O   1 
ATOM   474  C CB  . ASP A 1 61  ? -12.283 -14.365 9.866   1.00 17.64 ? 61  ASP A CB  1 
ATOM   475  C CG  . ASP A 1 61  ? -13.798 -14.290 9.891   1.00 21.50 ? 61  ASP A CG  1 
ATOM   476  O OD1 . ASP A 1 61  ? -14.398 -13.572 9.063   1.00 23.33 ? 61  ASP A OD1 1 
ATOM   477  O OD2 . ASP A 1 61  ? -14.393 -14.982 10.750  1.00 23.85 ? 61  ASP A OD2 1 
ATOM   478  N N   . GLU A 1 62  ? -9.332  -14.285 8.930   1.00 14.01 ? 62  GLU A N   1 
ATOM   479  C CA  . GLU A 1 62  ? -7.919  -14.071 9.220   1.00 13.11 ? 62  GLU A CA  1 
ATOM   480  C C   . GLU A 1 62  ? -7.290  -13.098 8.228   1.00 12.67 ? 62  GLU A C   1 
ATOM   481  O O   . GLU A 1 62  ? -6.514  -12.217 8.619   1.00 12.41 ? 62  GLU A O   1 
ATOM   482  C CB  . GLU A 1 62  ? -7.183  -15.410 9.227   1.00 13.21 ? 62  GLU A CB  1 
ATOM   483  C CG  . GLU A 1 62  ? -7.554  -16.283 10.419  1.00 14.09 ? 62  GLU A CG  1 
ATOM   484  C CD  . GLU A 1 62  ? -7.081  -17.723 10.300  1.00 12.88 ? 62  GLU A CD  1 
ATOM   485  O OE1 . GLU A 1 62  ? -6.776  -18.190 9.186   1.00 14.56 ? 62  GLU A OE1 1 
ATOM   486  O OE2 . GLU A 1 62  ? -7.056  -18.420 11.339  1.00 15.57 ? 62  GLU A OE2 1 
ATOM   487  N N   . ALA A 1 63  ? -7.625  -13.231 6.942   1.00 12.50 ? 63  ALA A N   1 
ATOM   488  C CA  . ALA A 1 63  ? -7.114  -12.289 5.953   1.00 12.54 ? 63  ALA A CA  1 
ATOM   489  C C   . ALA A 1 63  ? -7.554  -10.866 6.272   1.00 12.66 ? 63  ALA A C   1 
ATOM   490  O O   . ALA A 1 63  ? -6.768  -9.919  6.144   1.00 12.32 ? 63  ALA A O   1 
ATOM   491  C CB  . ALA A 1 63  ? -7.590  -12.696 4.561   1.00 13.20 ? 63  ALA A CB  1 
ATOM   492  N N   . GLU A 1 64  ? -8.805  -10.694 6.700   1.00 12.25 ? 64  GLU A N   1 
ATOM   493  C CA  . GLU A 1 64  ? -9.304  -9.355  6.998   1.00 12.99 ? 64  GLU A CA  1 
ATOM   494  C C   . GLU A 1 64  ? -8.675  -8.777  8.258   1.00 12.91 ? 64  GLU A C   1 
ATOM   495  O O   . GLU A 1 64  ? -8.451  -7.561  8.338   1.00 12.47 ? 64  GLU A O   1 
ATOM   496  C CB  . GLU A 1 64  ? -10.832 -9.377  7.062   1.00 14.48 ? 64  GLU A CB  1 
ATOM   497  C CG  . GLU A 1 64  ? -11.423 -9.615  5.679   1.00 16.14 ? 64  GLU A CG  1 
ATOM   498  C CD  . GLU A 1 64  ? -12.909 -9.875  5.672   1.00 20.24 ? 64  GLU A CD  1 
ATOM   499  O OE1 . GLU A 1 64  ? -13.467 -10.226 6.730   1.00 21.97 ? 64  GLU A OE1 1 
ATOM   500  O OE2 . GLU A 1 64  ? -13.513 -9.733  4.585   1.00 23.12 ? 64  GLU A OE2 1 
ATOM   501  N N   . LYS A 1 65  ? -8.373  -9.625  9.241   1.00 12.48 ? 65  LYS A N   1 
ATOM   502  C CA  . LYS A 1 65  ? -7.698  -9.152  10.445  1.00 12.97 ? 65  LYS A CA  1 
ATOM   503  C C   . LYS A 1 65  ? -6.272  -8.712  10.134  1.00 12.66 ? 65  LYS A C   1 
ATOM   504  O O   . LYS A 1 65  ? -5.830  -7.651  10.591  1.00 12.48 ? 65  LYS A O   1 
ATOM   505  C CB  . LYS A 1 65  ? -7.717  -10.243 11.516  1.00 15.05 ? 65  LYS A CB  1 
ATOM   506  C CG  . LYS A 1 65  ? -6.939  -9.916  12.784  1.00 17.71 ? 65  LYS A CG  1 
ATOM   507  C CD  . LYS A 1 65  ? -7.641  -10.497 14.015  1.00 21.41 ? 65  LYS A CD  1 
ATOM   508  C CE  . LYS A 1 65  ? -7.363  -9.729  15.300  1.00 25.56 ? 65  LYS A CE  1 
ATOM   509  N NZ  . LYS A 1 65  ? -6.935  -10.653 16.390  1.00 23.17 ? 65  LYS A NZ  1 
ATOM   510  N N   . LEU A 1 66  ? -5.529  -9.527  9.377   1.00 12.01 ? 66  LEU A N   1 
ATOM   511  C CA  . LEU A 1 66  ? -4.191  -9.114  8.957   1.00 12.66 ? 66  LEU A CA  1 
ATOM   512  C C   . LEU A 1 66  ? -4.252  -7.798  8.201   1.00 11.74 ? 66  LEU A C   1 
ATOM   513  O O   . LEU A 1 66  ? -3.416  -6.912  8.405   1.00 12.33 ? 66  LEU A O   1 
ATOM   514  C CB  . LEU A 1 66  ? -3.561  -10.175 8.054   1.00 15.04 ? 66  LEU A CB  1 
ATOM   515  C CG  . LEU A 1 66  ? -3.071  -11.476 8.668   1.00 14.78 ? 66  LEU A CG  1 
ATOM   516  C CD1 . LEU A 1 66  ? -2.420  -12.318 7.587   1.00 19.30 ? 66  LEU A CD1 1 
ATOM   517  C CD2 . LEU A 1 66  ? -2.100  -11.213 9.801   1.00 19.78 ? 66  LEU A CD2 1 
ATOM   518  N N   . PHE A 1 67  ? -5.247  -7.659  7.325   1.00 11.14 ? 67  PHE A N   1 
ATOM   519  C CA  . PHE A 1 67  ? -5.403  -6.445  6.529   1.00 11.18 ? 67  PHE A CA  1 
ATOM   520  C C   . PHE A 1 67  ? -5.622  -5.227  7.420   1.00 11.21 ? 67  PHE A C   1 
ATOM   521  O O   . PHE A 1 67  ? -5.013  -4.173  7.209   1.00 11.46 ? 67  PHE A O   1 
ATOM   522  C CB  . PHE A 1 67  ? -6.560  -6.667  5.553   1.00 10.98 ? 67  PHE A CB  1 
ATOM   523  C CG  . PHE A 1 67  ? -6.851  -5.521  4.619   1.00 11.25 ? 67  PHE A CG  1 
ATOM   524  C CD1 . PHE A 1 67  ? -5.852  -4.876  3.901   1.00 11.74 ? 67  PHE A CD1 1 
ATOM   525  C CD2 . PHE A 1 67  ? -8.156  -5.114  4.441   1.00 12.11 ? 67  PHE A CD2 1 
ATOM   526  C CE1 . PHE A 1 67  ? -6.172  -3.833  3.024   1.00 11.21 ? 67  PHE A CE1 1 
ATOM   527  C CE2 . PHE A 1 67  ? -8.473  -4.088  3.573   1.00 12.62 ? 67  PHE A CE2 1 
ATOM   528  C CZ  . PHE A 1 67  ? -7.476  -3.447  2.861   1.00 11.85 ? 67  PHE A CZ  1 
ATOM   529  N N   . ASN A 1 68  ? -6.475  -5.350  8.438   1.00 11.72 ? 68  ASN A N   1 
ATOM   530  C CA  . ASN A 1 68  ? -6.683  -4.224  9.341   1.00 11.96 ? 68  ASN A CA  1 
ATOM   531  C C   . ASN A 1 68  ? -5.384  -3.840  10.039  1.00 11.56 ? 68  ASN A C   1 
ATOM   532  O O   . ASN A 1 68  ? -5.061  -2.652  10.174  1.00 12.20 ? 68  ASN A O   1 
ATOM   533  C CB  . ASN A 1 68  ? -7.758  -4.573  10.365  1.00 14.34 ? 68  ASN A CB  1 
ATOM   534  C CG  . ASN A 1 68  ? -8.328  -3.353  11.048  1.00 20.48 ? 68  ASN A CG  1 
ATOM   535  O OD1 . ASN A 1 68  ? -7.641  -2.350  11.242  1.00 26.14 ? 68  ASN A OD1 1 
ATOM   536  N ND2 . ASN A 1 68  ? -9.592  -3.442  11.444  1.00 20.51 ? 68  ASN A ND2 1 
ATOM   537  N N   . GLN A 1 69  ? -4.629  -4.840  10.505  1.00 11.52 ? 69  GLN A N   1 
ATOM   538  C CA  . GLN A 1 69  ? -3.343  -4.563  11.135  1.00 11.12 ? 69  GLN A CA  1 
ATOM   539  C C   . GLN A 1 69  ? -2.400  -3.859  10.170  1.00 11.45 ? 69  GLN A C   1 
ATOM   540  O O   . GLN A 1 69  ? -1.680  -2.934  10.558  1.00 12.15 ? 69  GLN A O   1 
ATOM   541  C CB  . GLN A 1 69  ? -2.720  -5.866  11.635  1.00 11.60 ? 69  GLN A CB  1 
ATOM   542  C CG  . GLN A 1 69  ? -3.499  -6.508  12.760  1.00 11.83 ? 69  GLN A CG  1 
ATOM   543  C CD  . GLN A 1 69  ? -2.925  -7.837  13.210  1.00 11.26 ? 69  GLN A CD  1 
ATOM   544  O OE1 . GLN A 1 69  ? -2.050  -8.422  12.561  1.00 13.77 ? 69  GLN A OE1 1 
ATOM   545  N NE2 . GLN A 1 69  ? -3.431  -8.332  14.316  1.00 11.46 ? 69  GLN A NE2 1 
ATOM   546  N N   . ASP A 1 70  ? -2.384  -4.297  8.907   1.00 11.58 ? 70  ASP A N   1 
ATOM   547  C CA  . ASP A 1 70  ? -1.465  -3.730  7.927   1.00 11.21 ? 70  ASP A CA  1 
ATOM   548  C C   . ASP A 1 70  ? -1.833  -2.289  7.570   1.00 11.57 ? 70  ASP A C   1 
ATOM   549  O O   . ASP A 1 70  ? -0.948  -1.442  7.409   1.00 12.28 ? 70  ASP A O   1 
ATOM   550  C CB  . ASP A 1 70  ? -1.440  -4.606  6.672   1.00 12.01 ? 70  ASP A CB  1 
ATOM   551  C CG  . ASP A 1 70  ? -0.809  -5.977  6.901   1.00 11.60 ? 70  ASP A CG  1 
ATOM   552  O OD1 . ASP A 1 70  ? -0.094  -6.192  7.913   1.00 12.76 ? 70  ASP A OD1 1 
ATOM   553  O OD2 . ASP A 1 70  ? -1.025  -6.845  6.026   1.00 13.12 ? 70  ASP A OD2 1 
ATOM   554  N N   . VAL A 1 71  ? -3.128  -1.995  7.419   1.00 11.16 ? 71  VAL A N   1 
ATOM   555  C CA  . VAL A 1 71  ? -3.548  -0.616  7.175   1.00 10.81 ? 71  VAL A CA  1 
ATOM   556  C C   . VAL A 1 71  ? -3.163  0.273   8.352   1.00 11.60 ? 71  VAL A C   1 
ATOM   557  O O   . VAL A 1 71  ? -2.608  1.365   8.176   1.00 11.83 ? 71  VAL A O   1 
ATOM   558  C CB  . VAL A 1 71  ? -5.054  -0.548  6.858   1.00 11.31 ? 71  VAL A CB  1 
ATOM   559  C CG1 . VAL A 1 71  ? -5.535  0.900   6.783   1.00 13.37 ? 71  VAL A CG1 1 
ATOM   560  C CG2 . VAL A 1 71  ? -5.346  -1.281  5.564   1.00 12.51 ? 71  VAL A CG2 1 
ATOM   561  N N   . ASP A 1 72  ? -3.446  -0.187  9.573   1.00 11.94 ? 72  ASP A N   1 
ATOM   562  C CA  . ASP A 1 72  ? -3.093  0.591   10.761  1.00 12.68 ? 72  ASP A CA  1 
ATOM   563  C C   . ASP A 1 72  ? -1.596  0.838   10.841  1.00 12.80 ? 72  ASP A C   1 
ATOM   564  O O   . ASP A 1 72  ? -1.162  1.940   11.192  1.00 13.09 ? 72  ASP A O   1 
ATOM   565  C CB  . ASP A 1 72  ? -3.566  -0.114  12.033  1.00 14.01 ? 72  ASP A CB  1 
ATOM   566  C CG  . ASP A 1 72  ? -5.074  -0.125  12.181  1.00 23.61 ? 72  ASP A CG  1 
ATOM   567  O OD1 . ASP A 1 72  ? -5.585  -0.964  12.954  1.00 22.91 ? 72  ASP A OD1 1 
ATOM   568  O OD2 . ASP A 1 72  ? -5.756  0.699   11.535  1.00 26.24 ? 72  ASP A OD2 1 
ATOM   569  N N   . ALA A 1 73  ? -0.789  -0.169  10.509  1.00 13.14 ? 73  ALA A N   1 
ATOM   570  C CA  . ALA A 1 73  ? 0.660   -0.004  10.555  1.00 13.48 ? 73  ALA A CA  1 
ATOM   571  C C   . ALA A 1 73  ? 1.129   1.050   9.557   1.00 12.93 ? 73  ALA A C   1 
ATOM   572  O O   . ALA A 1 73  ? 2.062   1.812   9.836   1.00 13.90 ? 73  ALA A O   1 
ATOM   573  C CB  . ALA A 1 73  ? 1.355   -1.337  10.285  1.00 15.65 ? 73  ALA A CB  1 
ATOM   574  N N   . ALA A 1 74  ? 0.497   1.098   8.380   1.00 12.32 ? 74  ALA A N   1 
ATOM   575  C CA  . ALA A 1 74  ? 0.845   2.112   7.392   1.00 12.24 ? 74  ALA A CA  1 
ATOM   576  C C   . ALA A 1 74  ? 0.521   3.508   7.910   1.00 11.87 ? 74  ALA A C   1 
ATOM   577  O O   . ALA A 1 74  ? 1.331   4.434   7.783   1.00 13.53 ? 74  ALA A O   1 
ATOM   578  C CB  . ALA A 1 74  ? 0.117   1.826   6.077   1.00 12.68 ? 74  ALA A CB  1 
ATOM   579  N N   . VAL A 1 75  ? -0.675  3.677   8.482   1.00 11.85 ? 75  VAL A N   1 
ATOM   580  C CA  . VAL A 1 75  ? -1.071  4.965   9.047   1.00 12.28 ? 75  VAL A CA  1 
ATOM   581  C C   . VAL A 1 75  ? -0.113  5.382   10.154  1.00 13.23 ? 75  VAL A C   1 
ATOM   582  O O   . VAL A 1 75  ? 0.373   6.519   10.190  1.00 13.42 ? 75  VAL A O   1 
ATOM   583  C CB  . VAL A 1 75  ? -2.523  4.905   9.558   1.00 12.71 ? 75  VAL A CB  1 
ATOM   584  C CG1 . VAL A 1 75  ? -2.872  6.175   10.328  1.00 15.07 ? 75  VAL A CG1 1 
ATOM   585  C CG2 . VAL A 1 75  ? -3.482  4.683   8.405   1.00 13.52 ? 75  VAL A CG2 1 
ATOM   586  N N   . ARG A 1 76  ? 0.148   4.479   11.097  1.00 13.58 ? 76  ARG A N   1 
ATOM   587  C CA  . ARG A 1 76  ? 1.026   4.846   12.200  1.00 15.43 ? 76  ARG A CA  1 
ATOM   588  C C   . ARG A 1 76  ? 2.442   5.149   11.719  1.00 15.09 ? 76  ARG A C   1 
ATOM   589  O O   . ARG A 1 76  ? 3.101   6.041   12.270  1.00 16.30 ? 76  ARG A O   1 
ATOM   590  C CB  . ARG A 1 76  ? 1.006   3.766   13.283  1.00 18.48 ? 76  ARG A CB  1 
ATOM   591  C CG  . ARG A 1 76  ? -0.350  3.580   13.964  1.00 22.95 ? 76  ARG A CG  1 
ATOM   592  C CD  . ARG A 1 76  ? -1.029  4.912   14.282  1.00 31.81 ? 76  ARG A CD  1 
ATOM   593  N NE  . ARG A 1 76  ? -0.467  5.570   15.461  1.00 32.80 ? 76  ARG A NE  1 
ATOM   594  C CZ  . ARG A 1 76  ? -0.748  5.236   16.717  1.00 34.44 ? 76  ARG A CZ  1 
ATOM   595  N NH1 . ARG A 1 76  ? -1.575  4.230   16.978  1.00 30.08 ? 76  ARG A NH1 1 
ATOM   596  N NH2 . ARG A 1 76  ? -0.192  5.902   17.722  1.00 33.40 ? 76  ARG A NH2 1 
ATOM   597  N N   . GLY A 1 77  ? 2.909   4.451   10.681  1.00 14.78 ? 77  GLY A N   1 
ATOM   598  C CA  . GLY A 1 77  ? 4.217   4.754   10.126  1.00 15.94 ? 77  GLY A CA  1 
ATOM   599  C C   . GLY A 1 77  ? 4.282   6.150   9.545   1.00 14.25 ? 77  GLY A C   1 
ATOM   600  O O   . GLY A 1 77  ? 5.264   6.867   9.739   1.00 16.25 ? 77  GLY A O   1 
ATOM   601  N N   . ILE A 1 78  ? 3.237   6.551   8.814   1.00 12.74 ? 78  ILE A N   1 
ATOM   602  C CA  . ILE A 1 78  ? 3.145   7.923   8.320   1.00 12.67 ? 78  ILE A CA  1 
ATOM   603  C C   . ILE A 1 78  ? 3.226   8.914   9.474   1.00 13.12 ? 78  ILE A C   1 
ATOM   604  O O   . ILE A 1 78  ? 3.988   9.889   9.435   1.00 13.91 ? 78  ILE A O   1 
ATOM   605  C CB  . ILE A 1 78  ? 1.849   8.114   7.515   1.00 12.48 ? 78  ILE A CB  1 
ATOM   606  C CG1 . ILE A 1 78  ? 1.941   7.376   6.176   1.00 12.02 ? 78  ILE A CG1 1 
ATOM   607  C CG2 . ILE A 1 78  ? 1.567   9.596   7.314   1.00 12.35 ? 78  ILE A CG2 1 
ATOM   608  C CD1 . ILE A 1 78  ? 0.623   7.215   5.462   1.00 13.62 ? 78  ILE A CD1 1 
ATOM   609  N N   . LEU A 1 79  ? 2.430   8.680   10.520  1.00 13.09 ? 79  LEU A N   1 
ATOM   610  C CA  . LEU A 1 79  ? 2.348   9.637   11.619  1.00 14.54 ? 79  LEU A CA  1 
ATOM   611  C C   . LEU A 1 79  ? 3.643   9.725   12.416  1.00 15.46 ? 79  LEU A C   1 
ATOM   612  O O   . LEU A 1 79  ? 3.893   10.753  13.057  1.00 17.58 ? 79  LEU A O   1 
ATOM   613  C CB  . LEU A 1 79  ? 1.162   9.315   12.534  1.00 15.37 ? 79  LEU A CB  1 
ATOM   614  C CG  . LEU A 1 79  ? -0.218  9.424   11.876  1.00 16.06 ? 79  LEU A CG  1 
ATOM   615  C CD1 . LEU A 1 79  ? -1.327  9.006   12.842  1.00 19.01 ? 79  LEU A CD1 1 
ATOM   616  C CD2 . LEU A 1 79  ? -0.457  10.835  11.339  1.00 18.49 ? 79  LEU A CD2 1 
ATOM   617  N N   . ARG A 1 80  ? 4.477   8.689   12.378  1.00 14.65 ? 80  ARG A N   1 
ATOM   618  C CA  . ARG A 1 80  ? 5.755   8.708   13.077  1.00 16.31 ? 80  ARG A CA  1 
ATOM   619  C C   . ARG A 1 80  ? 6.895   9.238   12.218  1.00 17.27 ? 80  ARG A C   1 
ATOM   620  O O   . ARG A 1 80  ? 8.002   9.434   12.735  1.00 19.73 ? 80  ARG A O   1 
ATOM   621  C CB  . ARG A 1 80  ? 6.108   7.299   13.562  1.00 19.57 ? 80  ARG A CB  1 
ATOM   622  C CG  . ARG A 1 80  ? 5.338   6.858   14.789  1.00 24.02 ? 80  ARG A CG  1 
ATOM   623  C CD  . ARG A 1 80  ? 5.921   5.584   15.383  1.00 31.11 ? 80  ARG A CD  1 
ATOM   624  N NE  . ARG A 1 80  ? 5.309   4.383   14.823  1.00 37.80 ? 80  ARG A NE  1 
ATOM   625  C CZ  . ARG A 1 80  ? 5.760   3.736   13.753  1.00 38.71 ? 80  ARG A CZ  1 
ATOM   626  N NH1 . ARG A 1 80  ? 6.844   4.163   13.117  1.00 41.65 ? 80  ARG A NH1 1 
ATOM   627  N NH2 . ARG A 1 80  ? 5.131   2.652   13.321  1.00 33.30 ? 80  ARG A NH2 1 
ATOM   628  N N   . ASN A 1 81  ? 6.654   9.477   10.932  1.00 15.19 ? 81  ASN A N   1 
ATOM   629  C CA  . ASN A 1 81  ? 7.694   9.860   9.988   1.00 15.87 ? 81  ASN A CA  1 
ATOM   630  C C   . ASN A 1 81  ? 7.706   11.381  9.852   1.00 16.21 ? 81  ASN A C   1 
ATOM   631  O O   . ASN A 1 81  ? 6.710   11.981  9.436   1.00 15.51 ? 81  ASN A O   1 
ATOM   632  C CB  . ASN A 1 81  ? 7.425   9.193   8.639   1.00 16.13 ? 81  ASN A CB  1 
ATOM   633  C CG  . ASN A 1 81  ? 8.554   9.388   7.652   1.00 16.35 ? 81  ASN A CG  1 
ATOM   634  O OD1 . ASN A 1 81  ? 8.855   10.513  7.256   1.00 18.07 ? 81  ASN A OD1 1 
ATOM   635  N ND2 . ASN A 1 81  ? 9.156   8.288   7.216   1.00 18.80 ? 81  ASN A ND2 1 
ATOM   636  N N   . ALA A 1 82  ? 8.844   11.998  10.185  1.00 17.29 ? 82  ALA A N   1 
ATOM   637  C CA  . ALA A 1 82  ? 8.926   13.456  10.207  1.00 18.62 ? 82  ALA A CA  1 
ATOM   638  C C   . ALA A 1 82  ? 8.757   14.074  8.825   1.00 16.89 ? 82  ALA A C   1 
ATOM   639  O O   . ALA A 1 82  ? 8.355   15.239  8.716   1.00 19.08 ? 82  ALA A O   1 
ATOM   640  C CB  . ALA A 1 82  ? 10.250  13.894  10.831  1.00 20.60 ? 82  ALA A CB  1 
ATOM   641  N N   . LYS A 1 83  ? 9.065   13.331  7.762   1.00 17.09 ? 83  LYS A N   1 
ATOM   642  C CA  . LYS A 1 83  ? 8.861   13.872  6.424   1.00 17.73 ? 83  LYS A CA  1 
ATOM   643  C C   . LYS A 1 83  ? 7.429   13.676  5.942   1.00 15.61 ? 83  LYS A C   1 
ATOM   644  O O   . LYS A 1 83  ? 6.874   14.548  5.266   1.00 17.76 ? 83  LYS A O   1 
ATOM   645  C CB  . LYS A 1 83  ? 9.849   13.251  5.436   1.00 20.45 ? 83  LYS A CB  1 
ATOM   646  C CG  . LYS A 1 83  ? 11.306  13.436  5.814   1.00 26.58 ? 83  LYS A CG  1 
ATOM   647  C CD  . LYS A 1 83  ? 12.239  13.096  4.652   1.00 32.89 ? 83  LYS A CD  1 
ATOM   648  C CE  . LYS A 1 83  ? 11.531  13.181  3.304   1.00 37.21 ? 83  LYS A CE  1 
ATOM   649  N NZ  . LYS A 1 83  ? 12.494  13.265  2.168   1.00 42.23 ? 83  LYS A NZ  1 
ATOM   650  N N   . LEU A 1 84  ? 6.813   12.544  6.280   1.00 14.24 ? 84  LEU A N   1 
ATOM   651  C CA  . LEU A 1 84  ? 5.497   12.219  5.747   1.00 13.14 ? 84  LEU A CA  1 
ATOM   652  C C   . LEU A 1 84  ? 4.375   12.896  6.521   1.00 13.19 ? 84  LEU A C   1 
ATOM   653  O O   . LEU A 1 84  ? 3.387   13.327  5.917   1.00 13.26 ? 84  LEU A O   1 
ATOM   654  C CB  . LEU A 1 84  ? 5.282   10.704  5.732   1.00 13.90 ? 84  LEU A CB  1 
ATOM   655  C CG  . LEU A 1 84  ? 6.243   9.885   4.872   1.00 14.08 ? 84  LEU A CG  1 
ATOM   656  C CD1 . LEU A 1 84  ? 5.833   8.424   4.893   1.00 16.11 ? 84  LEU A CD1 1 
ATOM   657  C CD2 . LEU A 1 84  ? 6.265   10.407  3.447   1.00 15.19 ? 84  LEU A CD2 1 
ATOM   658  N N   . LYS A 1 85  ? 4.493   12.981  7.850   1.00 13.29 ? 85  LYS A N   1 
ATOM   659  C CA  . LYS A 1 85  ? 3.382   13.496  8.650   1.00 13.46 ? 85  LYS A CA  1 
ATOM   660  C C   . LYS A 1 85  ? 2.917   14.889  8.241   1.00 12.85 ? 85  LYS A C   1 
ATOM   661  O O   . LYS A 1 85  ? 1.699   15.085  8.089   1.00 13.28 ? 85  LYS A O   1 
ATOM   662  C CB  . LYS A 1 85  ? 3.692   13.416  10.148  1.00 13.96 ? 85  LYS A CB  1 
ATOM   663  C CG  . LYS A 1 85  ? 2.539   13.930  10.997  1.00 14.85 ? 85  LYS A CG  1 
ATOM   664  C CD  . LYS A 1 85  ? 2.806   13.821  12.486  1.00 17.61 ? 85  LYS A CD  1 
ATOM   665  C CE  . LYS A 1 85  ? 1.532   14.115  13.272  1.00 19.68 ? 85  LYS A CE  1 
ATOM   666  N NZ  . LYS A 1 85  ? 1.173   15.554  13.246  1.00 26.78 ? 85  LYS A NZ  1 
ATOM   667  N N   . PRO A 1 86  ? 3.794   15.881  8.049   1.00 13.91 ? 86  PRO A N   1 
ATOM   668  C CA  . PRO A 1 86  ? 3.281   17.208  7.665   1.00 15.19 ? 86  PRO A CA  1 
ATOM   669  C C   . PRO A 1 86  ? 2.547   17.192  6.341   1.00 13.51 ? 86  PRO A C   1 
ATOM   670  O O   . PRO A 1 86  ? 1.554   17.912  6.170   1.00 14.28 ? 86  PRO A O   1 
ATOM   671  C CB  . PRO A 1 86  ? 4.542   18.087  7.623   1.00 15.81 ? 86  PRO A CB  1 
ATOM   672  C CG  . PRO A 1 86  ? 5.687   17.150  7.578   1.00 19.48 ? 86  PRO A CG  1 
ATOM   673  C CD  . PRO A 1 86  ? 5.251   15.899  8.254   1.00 15.40 ? 86  PRO A CD  1 
ATOM   674  N N   . VAL A 1 87  ? 3.010   16.388  5.384   1.00 12.66 ? 87  VAL A N   1 
ATOM   675  C CA  . VAL A 1 87  ? 2.318   16.313  4.101   1.00 13.22 ? 87  VAL A CA  1 
ATOM   676  C C   . VAL A 1 87  ? 0.968   15.629  4.266   1.00 11.68 ? 87  VAL A C   1 
ATOM   677  O O   . VAL A 1 87  ? -0.062  16.117  3.795   1.00 12.11 ? 87  VAL A O   1 
ATOM   678  C CB  . VAL A 1 87  ? 3.194   15.616  3.049   1.00 13.35 ? 87  VAL A CB  1 
ATOM   679  C CG1 . VAL A 1 87  ? 2.478   15.605  1.700   1.00 13.91 ? 87  VAL A CG1 1 
ATOM   680  C CG2 . VAL A 1 87  ? 4.550   16.300  2.946   1.00 14.48 ? 87  VAL A CG2 1 
ATOM   681  N N   . TYR A 1 88  ? 0.953   14.496  4.966   1.00 12.06 ? 88  TYR A N   1 
ATOM   682  C CA  . TYR A 1 88  ? -0.292  13.778  5.226   1.00 12.10 ? 88  TYR A CA  1 
ATOM   683  C C   . TYR A 1 88  ? -1.326  14.678  5.899   1.00 12.33 ? 88  TYR A C   1 
ATOM   684  O O   . TYR A 1 88  ? -2.498  14.719  5.498   1.00 12.55 ? 88  TYR A O   1 
ATOM   685  C CB  . TYR A 1 88  ? 0.024   12.570  6.103   1.00 12.85 ? 88  TYR A CB  1 
ATOM   686  C CG  . TYR A 1 88  ? -1.145  11.671  6.404   1.00 12.06 ? 88  TYR A CG  1 
ATOM   687  C CD1 . TYR A 1 88  ? -1.573  10.732  5.473   1.00 12.68 ? 88  TYR A CD1 1 
ATOM   688  C CD2 . TYR A 1 88  ? -1.806  11.746  7.617   1.00 13.63 ? 88  TYR A CD2 1 
ATOM   689  C CE1 . TYR A 1 88  ? -2.634  9.886   5.741   1.00 13.95 ? 88  TYR A CE1 1 
ATOM   690  C CE2 . TYR A 1 88  ? -2.869  10.901  7.900   1.00 14.78 ? 88  TYR A CE2 1 
ATOM   691  C CZ  . TYR A 1 88  ? -3.284  9.981   6.953   1.00 13.89 ? 88  TYR A CZ  1 
ATOM   692  O OH  . TYR A 1 88  ? -4.339  9.139   7.233   1.00 16.70 ? 88  TYR A OH  1 
ATOM   693  N N   . ASP A 1 89  ? -0.906  15.405  6.933   1.00 12.48 ? 89  ASP A N   1 
ATOM   694  C CA  . ASP A 1 89  ? -1.830  16.266  7.660   1.00 13.25 ? 89  ASP A CA  1 
ATOM   695  C C   . ASP A 1 89  ? -2.336  17.429  6.817   1.00 13.61 ? 89  ASP A C   1 
ATOM   696  O O   . ASP A 1 89  ? -3.378  18.004  7.148   1.00 15.22 ? 89  ASP A O   1 
ATOM   697  C CB  . ASP A 1 89  ? -1.179  16.785  8.944   1.00 15.30 ? 89  ASP A CB  1 
ATOM   698  C CG  . ASP A 1 89  ? -1.109  15.737  10.037  1.00 19.55 ? 89  ASP A CG  1 
ATOM   699  O OD1 . ASP A 1 89  ? -1.728  14.666  9.885   1.00 19.94 ? 89  ASP A OD1 1 
ATOM   700  O OD2 . ASP A 1 89  ? -0.432  16.000  11.050  1.00 24.80 ? 89  ASP A OD2 1 
ATOM   701  N N   . SER A 1 90  ? -1.637  17.783  5.738   1.00 12.13 ? 90  SER A N   1 
ATOM   702  C CA  . SER A 1 90  ? -2.103  18.846  4.857   1.00 13.16 ? 90  SER A CA  1 
ATOM   703  C C   . SER A 1 90  ? -3.182  18.388  3.884   1.00 12.30 ? 90  SER A C   1 
ATOM   704  O O   . SER A 1 90  ? -3.846  19.243  3.285   1.00 12.88 ? 90  SER A O   1 
ATOM   705  C CB  . SER A 1 90  ? -0.930  19.450  4.080   1.00 13.26 ? 90  SER A CB  1 
ATOM   706  O OG  . SER A 1 90  ? -0.540  18.636  2.988   1.00 12.58 ? 90  SER A OG  1 
ATOM   707  N N   . LEU A 1 91  ? -3.382  17.078  3.728   1.00 11.96 ? 91  LEU A N   1 
ATOM   708  C CA  . LEU A 1 91  ? -4.283  16.521  2.728   1.00 12.60 ? 91  LEU A CA  1 
ATOM   709  C C   . LEU A 1 91  ? -5.708  16.371  3.259   1.00 13.00 ? 91  LEU A C   1 
ATOM   710  O O   . LEU A 1 91  ? -5.929  16.189  4.457   1.00 13.55 ? 91  LEU A O   1 
ATOM   711  C CB  . LEU A 1 91  ? -3.787  15.141  2.293   1.00 11.74 ? 91  LEU A CB  1 
ATOM   712  C CG  . LEU A 1 91  ? -2.428  15.075  1.602   1.00 12.66 ? 91  LEU A CG  1 
ATOM   713  C CD1 . LEU A 1 91  ? -2.008  13.626  1.445   1.00 14.78 ? 91  LEU A CD1 1 
ATOM   714  C CD2 . LEU A 1 91  ? -2.457  15.773  0.248   1.00 14.55 ? 91  LEU A CD2 1 
ATOM   715  N N   . ASP A 1 92  ? -6.669  16.414  2.336   1.00 12.77 ? 92  ASP A N   1 
ATOM   716  C CA  . ASP A 1 92  ? -8.048  16.024  2.598   1.00 13.33 ? 92  ASP A CA  1 
ATOM   717  C C   . ASP A 1 92  ? -8.150  14.500  2.732   1.00 13.19 ? 92  ASP A C   1 
ATOM   718  O O   . ASP A 1 92  ? -7.204  13.756  2.447   1.00 12.80 ? 92  ASP A O   1 
ATOM   719  C CB  . ASP A 1 92  ? -8.921  16.456  1.430   1.00 13.68 ? 92  ASP A CB  1 
ATOM   720  C CG  . ASP A 1 92  ? -8.427  15.885  0.133   1.00 13.78 ? 92  ASP A CG  1 
ATOM   721  O OD1 . ASP A 1 92  ? -7.530  16.504  -0.472  1.00 13.82 ? 92  ASP A OD1 1 
ATOM   722  O OD2 . ASP A 1 92  ? -8.901  14.781  -0.238  1.00 14.99 ? 92  ASP A OD2 1 
ATOM   723  N N   . ALA A 1 93  ? -9.337  14.030  3.138   1.00 14.53 ? 93  ALA A N   1 
ATOM   724  C CA  . ALA A 1 93  ? -9.500  12.625  3.511   1.00 14.07 ? 93  ALA A CA  1 
ATOM   725  C C   . ALA A 1 93  ? -9.293  11.682  2.330   1.00 13.27 ? 93  ALA A C   1 
ATOM   726  O O   . ALA A 1 93  ? -8.711  10.601  2.489   1.00 14.12 ? 93  ALA A O   1 
ATOM   727  C CB  . ALA A 1 93  ? -10.874 12.397  4.146   1.00 17.50 ? 93  ALA A CB  1 
ATOM   728  N N   . VAL A 1 94  ? -9.771  12.058  1.142   1.00 12.89 ? 94  VAL A N   1 
ATOM   729  C CA  . VAL A 1 94  ? -9.620  11.179  -0.014  1.00 12.57 ? 94  VAL A CA  1 
ATOM   730  C C   . VAL A 1 94  ? -8.154  11.059  -0.404  1.00 11.34 ? 94  VAL A C   1 
ATOM   731  O O   . VAL A 1 94  ? -7.649  9.960   -0.670  1.00 12.11 ? 94  VAL A O   1 
ATOM   732  C CB  . VAL A 1 94  ? -10.492 11.672  -1.183  1.00 13.88 ? 94  VAL A CB  1 
ATOM   733  C CG1 . VAL A 1 94  ? -10.275 10.802  -2.410  1.00 15.21 ? 94  VAL A CG1 1 
ATOM   734  C CG2 . VAL A 1 94  ? -11.959 11.668  -0.781  1.00 16.50 ? 94  VAL A CG2 1 
ATOM   735  N N   . ARG A 1 95  ? -7.442  12.184  -0.439  1.00 11.15 ? 95  ARG A N   1 
ATOM   736  C CA  . ARG A 1 95  ? -6.023  12.129  -0.769  1.00 11.04 ? 95  ARG A CA  1 
ATOM   737  C C   . ARG A 1 95  ? -5.206  11.429  0.316   1.00 10.70 ? 95  ARG A C   1 
ATOM   738  O O   . ARG A 1 95  ? -4.202  10.779  0.003   1.00 10.73 ? 95  ARG A O   1 
ATOM   739  C CB  . ARG A 1 95  ? -5.511  13.535  -1.073  1.00 10.82 ? 95  ARG A CB  1 
ATOM   740  C CG  . ARG A 1 95  ? -6.101  14.107  -2.358  1.00 11.15 ? 95  ARG A CG  1 
ATOM   741  C CD  . ARG A 1 95  ? -5.470  15.436  -2.705  1.00 11.75 ? 95  ARG A CD  1 
ATOM   742  N NE  . ARG A 1 95  ? -5.863  15.941  -4.023  1.00 12.11 ? 95  ARG A NE  1 
ATOM   743  C CZ  . ARG A 1 95  ? -6.867  16.786  -4.249  1.00 12.02 ? 95  ARG A CZ  1 
ATOM   744  N NH1 . ARG A 1 95  ? -7.619  17.218  -3.253  1.00 12.94 ? 95  ARG A NH1 1 
ATOM   745  N NH2 . ARG A 1 95  ? -7.108  17.202  -5.489  1.00 12.81 ? 95  ARG A NH2 1 
ATOM   746  N N   . ARG A 1 96  ? -5.631  11.510  1.583   1.00 11.25 ? 96  ARG A N   1 
ATOM   747  C CA  . ARG A 1 96  ? -4.958  10.733  2.623   1.00 11.04 ? 96  ARG A CA  1 
ATOM   748  C C   . ARG A 1 96  ? -5.039  9.238   2.329   1.00 10.31 ? 96  ARG A C   1 
ATOM   749  O O   . ARG A 1 96  ? -4.093  8.492   2.614   1.00 10.86 ? 96  ARG A O   1 
ATOM   750  C CB  . ARG A 1 96  ? -5.550  11.054  3.995   1.00 11.71 ? 96  ARG A CB  1 
ATOM   751  C CG  . ARG A 1 96  ? -5.083  12.383  4.560   1.00 12.49 ? 96  ARG A CG  1 
ATOM   752  C CD  . ARG A 1 96  ? -5.627  12.609  5.956   1.00 13.71 ? 96  ARG A CD  1 
ATOM   753  N NE  . ARG A 1 96  ? -5.237  13.909  6.491   1.00 17.53 ? 96  ARG A NE  1 
ATOM   754  C CZ  . ARG A 1 96  ? -5.889  14.566  7.443   1.00 20.16 ? 96  ARG A CZ  1 
ATOM   755  N NH1 . ARG A 1 96  ? -6.980  14.047  7.989   1.00 23.67 ? 96  ARG A NH1 1 
ATOM   756  N NH2 . ARG A 1 96  ? -5.448  15.749  7.850   1.00 20.00 ? 96  ARG A NH2 1 
ATOM   757  N N   . CYS A 1 97  ? -6.150  8.784   1.744   1.00 10.36 ? 97  CYS A N   1 
ATOM   758  C CA  . CYS A 1 97  ? -6.251  7.380   1.357   1.00 10.78 ? 97  CYS A CA  1 
ATOM   759  C C   . CYS A 1 97  ? -5.219  7.021   0.296   1.00 10.49 ? 97  CYS A C   1 
ATOM   760  O O   . CYS A 1 97  ? -4.612  5.942   0.349   1.00 10.83 ? 97  CYS A O   1 
ATOM   761  C CB  . CYS A 1 97  ? -7.656  7.060   0.858   1.00 11.43 ? 97  CYS A CB  1 
ATOM   762  S SG  . CYS A 1 97  ? -8.928  7.069   2.138   1.00 12.82 ? 97  CYS A SG  1 
ATOM   763  N N   . ALA A 1 98  ? -5.010  7.907   -0.679  1.00 10.63 ? 98  ALA A N   1 
ATOM   764  C CA  . ALA A 1 98  ? -3.977  7.664   -1.682  1.00 10.93 ? 98  ALA A CA  1 
ATOM   765  C C   . ALA A 1 98  ? -2.595  7.555   -1.043  1.00 9.99  ? 98  ALA A C   1 
ATOM   766  O O   . ALA A 1 98  ? -1.786  6.701   -1.433  1.00 10.54 ? 98  ALA A O   1 
ATOM   767  C CB  . ALA A 1 98  ? -4.027  8.762   -2.748  1.00 11.18 ? 98  ALA A CB  1 
ATOM   768  N N   . ALA A 1 99  ? -2.322  8.395   -0.041  1.00 9.94  ? 99  ALA A N   1 
ATOM   769  C CA  . ALA A 1 99  ? -1.053  8.323   0.671   1.00 10.69 ? 99  ALA A CA  1 
ATOM   770  C C   . ALA A 1 99  ? -0.888  6.992   1.398   1.00 10.85 ? 99  ALA A C   1 
ATOM   771  O O   . ALA A 1 99  ? 0.178   6.366   1.331   1.00 10.81 ? 99  ALA A O   1 
ATOM   772  C CB  . ALA A 1 99  ? -0.944  9.485   1.657   1.00 11.69 ? 99  ALA A CB  1 
ATOM   773  N N   . ILE A 1 100 ? -1.921  6.561   2.128   1.00 9.42  ? 100 ILE A N   1 
ATOM   774  C CA  . ILE A 1 100 ? -1.839  5.278   2.823   1.00 10.36 ? 100 ILE A CA  1 
ATOM   775  C C   . ILE A 1 100 ? -1.627  4.152   1.825   1.00 10.25 ? 100 ILE A C   1 
ATOM   776  O O   . ILE A 1 100 ? -0.881  3.197   2.089   1.00 11.11 ? 100 ILE A O   1 
ATOM   777  C CB  . ILE A 1 100 ? -3.092  5.030   3.688   1.00 10.34 ? 100 ILE A CB  1 
ATOM   778  C CG1 . ILE A 1 100 ? -3.234  6.094   4.776   1.00 11.19 ? 100 ILE A CG1 1 
ATOM   779  C CG2 . ILE A 1 100 ? -3.049  3.633   4.308   1.00 11.34 ? 100 ILE A CG2 1 
ATOM   780  C CD1 . ILE A 1 100 ? -4.647  6.203   5.330   1.00 12.58 ? 100 ILE A CD1 1 
ATOM   781  N N   . ASN A 1 101 ? -2.316  4.223   0.683   1.00 10.62 ? 101 ASN A N   1 
ATOM   782  C CA  . ASN A 1 101 ? -2.190  3.189   -0.336  1.00 10.28 ? 101 ASN A CA  1 
ATOM   783  C C   . ASN A 1 101 ? -0.730  3.018   -0.752  1.00 10.03 ? 101 ASN A C   1 
ATOM   784  O O   . ASN A 1 101 ? -0.208  1.891   -0.802  1.00 10.69 ? 101 ASN A O   1 
ATOM   785  C CB  . ASN A 1 101 ? -3.084  3.575   -1.518  1.00 11.13 ? 101 ASN A CB  1 
ATOM   786  C CG  . ASN A 1 101 ? -3.285  2.453   -2.510  1.00 9.83  ? 101 ASN A CG  1 
ATOM   787  O OD1 . ASN A 1 101 ? -2.324  1.889   -3.036  1.00 11.08 ? 101 ASN A OD1 1 
ATOM   788  N ND2 . ASN A 1 101 ? -4.540  2.157   -2.811  1.00 10.63 ? 101 ASN A ND2 1 
ATOM   789  N N   . MET A 1 102 ? -0.052  4.141   -1.040  1.00 10.29 ? 102 MET A N   1 
ATOM   790  C CA  . MET A 1 102 ? 1.358   4.087   -1.423  1.00 10.92 ? 102 MET A CA  1 
ATOM   791  C C   . MET A 1 102 ? 2.228   3.493   -0.318  1.00 10.92 ? 102 MET A C   1 
ATOM   792  O O   . MET A 1 102 ? 3.125   2.689   -0.597  1.00 11.96 ? 102 MET A O   1 
ATOM   793  C CB  . MET A 1 102 ? 1.870   5.474   -1.813  1.00 10.80 ? 102 MET A CB  1 
ATOM   794  C CG  . MET A 1 102 ? 1.257   6.005   -3.092  1.00 11.00 ? 102 MET A CG  1 
ATOM   795  S SD  . MET A 1 102 ? 2.044   7.507   -3.689  1.00 12.66 ? 102 MET A SD  1 
ATOM   796  C CE  . MET A 1 102 ? 3.605   6.867   -4.284  1.00 13.56 ? 102 MET A CE  1 
ATOM   797  N N   . VAL A 1 103 ? 2.011   3.899   0.935   1.00 10.78 ? 103 VAL A N   1 
ATOM   798  C CA  . VAL A 1 103 ? 2.831   3.375   2.028   1.00 11.12 ? 103 VAL A CA  1 
ATOM   799  C C   . VAL A 1 103 ? 2.565   1.889   2.241   1.00 11.35 ? 103 VAL A C   1 
ATOM   800  O O   . VAL A 1 103 ? 3.487   1.112   2.528   1.00 12.52 ? 103 VAL A O   1 
ATOM   801  C CB  . VAL A 1 103 ? 2.635   4.218   3.301   1.00 11.78 ? 103 VAL A CB  1 
ATOM   802  C CG1 . VAL A 1 103 ? 3.356   3.608   4.497   1.00 13.37 ? 103 VAL A CG1 1 
ATOM   803  C CG2 . VAL A 1 103 ? 3.129   5.633   3.055   1.00 13.43 ? 103 VAL A CG2 1 
ATOM   804  N N   . PHE A 1 104 ? 1.309   1.466   2.097   1.00 11.00 ? 104 PHE A N   1 
ATOM   805  C CA  . PHE A 1 104 ? 0.991   0.044   2.162   1.00 11.46 ? 104 PHE A CA  1 
ATOM   806  C C   . PHE A 1 104 ? 1.771   -0.736  1.110   1.00 11.84 ? 104 PHE A C   1 
ATOM   807  O O   . PHE A 1 104 ? 2.333   -1.801  1.403   1.00 12.63 ? 104 PHE A O   1 
ATOM   808  C CB  . PHE A 1 104 ? -0.523  -0.107  1.982   1.00 11.30 ? 104 PHE A CB  1 
ATOM   809  C CG  . PHE A 1 104 ? -1.065  -1.503  2.185   1.00 10.61 ? 104 PHE A CG  1 
ATOM   810  C CD1 . PHE A 1 104 ? -1.004  -2.449  1.179   1.00 11.74 ? 104 PHE A CD1 1 
ATOM   811  C CD2 . PHE A 1 104 ? -1.732  -1.830  3.359   1.00 11.46 ? 104 PHE A CD2 1 
ATOM   812  C CE1 . PHE A 1 104 ? -1.552  -3.711  1.349   1.00 13.33 ? 104 PHE A CE1 1 
ATOM   813  C CE2 . PHE A 1 104 ? -2.286  -3.088  3.538   1.00 12.34 ? 104 PHE A CE2 1 
ATOM   814  C CZ  . PHE A 1 104 ? -2.191  -4.033  2.534   1.00 13.34 ? 104 PHE A CZ  1 
ATOM   815  N N   . GLN A 1 105 ? 1.846   -0.209  -0.110  1.00 11.43 ? 105 GLN A N   1 
ATOM   816  C CA  . GLN A 1 105 ? 2.502   -0.931  -1.192  1.00 12.40 ? 105 GLN A CA  1 
ATOM   817  C C   . GLN A 1 105 ? 4.024   -0.900  -1.073  1.00 12.93 ? 105 GLN A C   1 
ATOM   818  O O   . GLN A 1 105 ? 4.685   -1.912  -1.335  1.00 14.77 ? 105 GLN A O   1 
ATOM   819  C CB  . GLN A 1 105 ? 2.056   -0.368  -2.547  1.00 12.63 ? 105 GLN A CB  1 
ATOM   820  C CG  . GLN A 1 105 ? 2.660   -1.119  -3.730  1.00 13.40 ? 105 GLN A CG  1 
ATOM   821  C CD  . GLN A 1 105 ? 2.208   -0.595  -5.090  1.00 12.93 ? 105 GLN A CD  1 
ATOM   822  O OE1 . GLN A 1 105 ? 1.482   0.384   -5.191  1.00 12.63 ? 105 GLN A OE1 1 
ATOM   823  N NE2 . GLN A 1 105 ? 2.669   -1.244  -6.149  1.00 14.72 ? 105 GLN A NE2 1 
ATOM   824  N N   A MET A 1 106 ? 4.614   0.239   -0.699  0.49 13.17 ? 106 MET A N   1 
ATOM   825  N N   B MET A 1 106 ? 4.593   0.236   -0.661  0.51 13.17 ? 106 MET A N   1 
ATOM   826  C CA  A MET A 1 106 ? 6.066   0.368   -0.766  0.49 14.08 ? 106 MET A CA  1 
ATOM   827  C CA  B MET A 1 106 ? 6.027   0.456   -0.766  0.51 14.05 ? 106 MET A CA  1 
ATOM   828  C C   A MET A 1 106 ? 6.758   0.697   0.553   0.49 15.09 ? 106 MET A C   1 
ATOM   829  C C   B MET A 1 106 ? 6.749   0.654   0.558   0.51 15.08 ? 106 MET A C   1 
ATOM   830  O O   A MET A 1 106 ? 7.984   0.859   0.555   0.49 16.72 ? 106 MET A O   1 
ATOM   831  O O   B MET A 1 106 ? 7.984   0.668   0.565   0.51 16.77 ? 106 MET A O   1 
ATOM   832  C CB  A MET A 1 106 ? 6.490   1.370   -1.852  0.49 16.39 ? 106 MET A CB  1 
ATOM   833  C CB  B MET A 1 106 ? 6.314   1.650   -1.687  0.51 15.61 ? 106 MET A CB  1 
ATOM   834  C CG  A MET A 1 106 ? 5.987   2.777   -1.633  0.49 16.55 ? 106 MET A CG  1 
ATOM   835  C CG  B MET A 1 106 ? 6.029   1.330   -3.139  0.51 15.09 ? 106 MET A CG  1 
ATOM   836  S SD  A MET A 1 106 ? 6.195   3.883   -3.044  0.49 18.55 ? 106 MET A SD  1 
ATOM   837  S SD  B MET A 1 106 ? 6.426   2.676   -4.253  0.51 17.41 ? 106 MET A SD  1 
ATOM   838  C CE  A MET A 1 106 ? 4.743   3.451   -3.992  0.49 16.67 ? 106 MET A CE  1 
ATOM   839  C CE  B MET A 1 106 ? 7.963   3.241   -3.534  0.51 21.23 ? 106 MET A CE  1 
ATOM   840  N N   . GLY A 1 107 ? 6.031   0.799   1.668   1.00 14.99 ? 107 GLY A N   1 
ATOM   841  C CA  . GLY A 1 107 ? 6.706   1.067   2.931   1.00 16.23 ? 107 GLY A CA  1 
ATOM   842  C C   . GLY A 1 107 ? 7.288   2.470   2.965   1.00 17.52 ? 107 GLY A C   1 
ATOM   843  O O   . GLY A 1 107 ? 6.792   3.390   2.314   1.00 17.62 ? 107 GLY A O   1 
ATOM   844  N N   . GLU A 1 108 ? 8.381   2.632   3.718   1.00 19.21 ? 108 GLU A N   1 
ATOM   845  C CA  . GLU A 1 108 ? 8.975   3.949   3.927   1.00 20.74 ? 108 GLU A CA  1 
ATOM   846  C C   . GLU A 1 108 ? 10.432  4.071   3.491   1.00 21.51 ? 108 GLU A C   1 
ATOM   847  O O   . GLU A 1 108 ? 10.984  5.177   3.555   1.00 20.87 ? 108 GLU A O   1 
ATOM   848  C CB  . GLU A 1 108 ? 8.856   4.374   5.398   1.00 21.41 ? 108 GLU A CB  1 
ATOM   849  C CG  . GLU A 1 108 ? 7.433   4.461   5.914   1.00 21.60 ? 108 GLU A CG  1 
ATOM   850  C CD  . GLU A 1 108 ? 7.386   4.665   7.412   1.00 24.35 ? 108 GLU A CD  1 
ATOM   851  O OE1 . GLU A 1 108 ? 8.132   5.532   7.919   1.00 24.38 ? 108 GLU A OE1 1 
ATOM   852  O OE2 . GLU A 1 108 ? 6.612   3.952   8.086   1.00 26.68 ? 108 GLU A OE2 1 
ATOM   853  N N   . THR A 1 109 ? 11.072  2.985   3.053   1.00 20.78 ? 109 THR A N   1 
ATOM   854  C CA  . THR A 1 109 ? 12.499  3.055   2.751   1.00 23.77 ? 109 THR A CA  1 
ATOM   855  C C   . THR A 1 109 ? 12.822  3.970   1.574   1.00 24.46 ? 109 THR A C   1 
ATOM   856  O O   . THR A 1 109 ? 13.959  4.445   1.479   1.00 24.25 ? 109 THR A O   1 
ATOM   857  C CB  . THR A 1 109 ? 13.089  1.657   2.536   1.00 25.67 ? 109 THR A CB  1 
ATOM   858  O OG1 . THR A 1 109 ? 12.498  1.051   1.379   1.00 24.95 ? 109 THR A OG1 1 
ATOM   859  C CG2 . THR A 1 109 ? 12.842  0.780   3.757   1.00 30.59 ? 109 THR A CG2 1 
ATOM   860  N N   . GLY A 1 110 ? 11.861  4.242   0.690   1.00 21.52 ? 110 GLY A N   1 
ATOM   861  C CA  . GLY A 1 110 ? 12.117  5.096   -0.455  1.00 20.88 ? 110 GLY A CA  1 
ATOM   862  C C   . GLY A 1 110 ? 11.478  6.470   -0.384  1.00 19.35 ? 110 GLY A C   1 
ATOM   863  O O   . GLY A 1 110 ? 11.307  7.131   -1.416  1.00 19.77 ? 110 GLY A O   1 
ATOM   864  N N   . VAL A 1 111 ? 11.138  6.914   0.830   1.00 19.65 ? 111 VAL A N   1 
ATOM   865  C CA  . VAL A 1 111 ? 10.501  8.218   1.016   1.00 18.66 ? 111 VAL A CA  1 
ATOM   866  C C   . VAL A 1 111 ? 11.332  9.335   0.394   1.00 18.57 ? 111 VAL A C   1 
ATOM   867  O O   . VAL A 1 111 ? 10.791  10.248  -0.239  1.00 18.39 ? 111 VAL A O   1 
ATOM   868  C CB  . VAL A 1 111 ? 10.219  8.470   2.512   1.00 18.66 ? 111 VAL A CB  1 
ATOM   869  C CG1 . VAL A 1 111 ? 9.960   9.945   2.776   1.00 19.98 ? 111 VAL A CG1 1 
ATOM   870  C CG2 . VAL A 1 111 ? 9.039   7.642   2.975   1.00 19.92 ? 111 VAL A CG2 1 
ATOM   871  N N   . ALA A 1 112 ? 12.659  9.279   0.559   1.00 19.04 ? 112 ALA A N   1 
ATOM   872  C CA  . ALA A 1 112 ? 13.507  10.380  0.099   1.00 18.83 ? 112 ALA A CA  1 
ATOM   873  C C   . ALA A 1 112 ? 13.429  10.583  -1.413  1.00 16.97 ? 112 ALA A C   1 
ATOM   874  O O   . ALA A 1 112 ? 13.556  11.720  -1.889  1.00 17.35 ? 112 ALA A O   1 
ATOM   875  C CB  . ALA A 1 112 ? 14.953  10.159  0.544   1.00 20.93 ? 112 ALA A CB  1 
ATOM   876  N N   . GLY A 1 113 ? 13.237  9.507   -2.185  0.83 15.82 ? 113 GLY A N   1 
ATOM   877  C CA  . GLY A 1 113 ? 13.074  9.660   -3.626  0.83 14.28 ? 113 GLY A CA  1 
ATOM   878  C C   . GLY A 1 113 ? 11.831  10.438  -4.002  0.83 12.31 ? 113 GLY A C   1 
ATOM   879  O O   . GLY A 1 113 ? 11.770  11.040  -5.079  0.83 12.38 ? 113 GLY A O   1 
ATOM   880  N N   . PHE A 1 114 ? 10.834  10.448  -3.120  1.00 15.19 ? 114 PHE A N   1 
ATOM   881  C CA  . PHE A 1 114 ? 9.578   11.139  -3.353  1.00 14.60 ? 114 PHE A CA  1 
ATOM   882  C C   . PHE A 1 114 ? 9.558   12.534  -2.737  1.00 14.01 ? 114 PHE A C   1 
ATOM   883  O O   . PHE A 1 114 ? 8.490   13.144  -2.642  1.00 14.55 ? 114 PHE A O   1 
ATOM   884  C CB  . PHE A 1 114 ? 8.402   10.275  -2.886  1.00 15.19 ? 114 PHE A CB  1 
ATOM   885  C CG  . PHE A 1 114 ? 8.106   9.126   -3.814  1.00 14.84 ? 114 PHE A CG  1 
ATOM   886  C CD1 . PHE A 1 114 ? 8.851   7.958   -3.757  1.00 17.04 ? 114 PHE A CD1 1 
ATOM   887  C CD2 . PHE A 1 114 ? 7.122   9.235   -4.783  1.00 15.86 ? 114 PHE A CD2 1 
ATOM   888  C CE1 . PHE A 1 114 ? 8.596   6.910   -4.630  1.00 17.94 ? 114 PHE A CE1 1 
ATOM   889  C CE2 . PHE A 1 114 ? 6.858   8.189   -5.654  1.00 15.61 ? 114 PHE A CE2 1 
ATOM   890  C CZ  . PHE A 1 114 ? 7.601   7.025   -5.580  1.00 17.23 ? 114 PHE A CZ  1 
ATOM   891  N N   . THR A 1 115 ? 10.728  13.074  -2.378  1.00 13.80 ? 115 THR A N   1 
ATOM   892  C CA  . THR A 1 115 ? 10.797  14.399  -1.765  1.00 14.99 ? 115 THR A CA  1 
ATOM   893  C C   . THR A 1 115 ? 10.111  15.466  -2.615  1.00 14.39 ? 115 THR A C   1 
ATOM   894  O O   . THR A 1 115 ? 9.359   16.296  -2.095  1.00 14.69 ? 115 THR A O   1 
ATOM   895  C CB  . THR A 1 115 ? 12.255  14.782  -1.505  1.00 15.99 ? 115 THR A CB  1 
ATOM   896  O OG1 . THR A 1 115 ? 12.823  13.881  -0.547  1.00 19.53 ? 115 THR A OG1 1 
ATOM   897  C CG2 . THR A 1 115 ? 12.348  16.211  -0.975  1.00 18.61 ? 115 THR A CG2 1 
ATOM   898  N N   . ASN A 1 116 ? 10.375  15.477  -3.924  1.00 13.92 ? 116 ASN A N   1 
ATOM   899  C CA  . ASN A 1 116 ? 9.763   16.503  -4.761  1.00 14.06 ? 116 ASN A CA  1 
ATOM   900  C C   . ASN A 1 116 ? 8.262   16.280  -4.912  1.00 13.69 ? 116 ASN A C   1 
ATOM   901  O O   . ASN A 1 116 ? 7.487   17.240  -4.884  1.00 13.67 ? 116 ASN A O   1 
ATOM   902  C CB  . ASN A 1 116 ? 10.470  16.577  -6.113  1.00 13.94 ? 116 ASN A CB  1 
ATOM   903  C CG  . ASN A 1 116 ? 11.968  16.781  -5.962  1.00 14.22 ? 116 ASN A CG  1 
ATOM   904  O OD1 . ASN A 1 116 ? 12.409  17.631  -5.180  1.00 17.81 ? 116 ASN A OD1 1 
ATOM   905  N ND2 . ASN A 1 116 ? 12.755  15.978  -6.670  1.00 14.66 ? 116 ASN A ND2 1 
ATOM   906  N N   . SER A 1 117 ? 7.834   15.020  -5.051  1.00 12.97 ? 117 SER A N   1 
ATOM   907  C CA  . SER A 1 117 ? 6.406   14.718  -5.119  1.00 13.50 ? 117 SER A CA  1 
ATOM   908  C C   . SER A 1 117 ? 5.697   15.208  -3.865  1.00 12.69 ? 117 SER A C   1 
ATOM   909  O O   . SER A 1 117 ? 4.618   15.807  -3.932  1.00 12.71 ? 117 SER A O   1 
ATOM   910  C CB  . SER A 1 117 ? 6.198   13.205  -5.243  1.00 14.79 ? 117 SER A CB  1 
ATOM   911  O OG  . SER A 1 117 ? 7.081   12.608  -6.176  1.00 19.67 ? 117 SER A OG  1 
ATOM   912  N N   . LEU A 1 118 ? 6.307   14.947  -2.706  1.00 12.74 ? 118 LEU A N   1 
ATOM   913  C CA  . LEU A 1 118 ? 5.728   15.336  -1.424  1.00 12.74 ? 118 LEU A CA  1 
ATOM   914  C C   . LEU A 1 118 ? 5.595   16.846  -1.311  1.00 13.31 ? 118 LEU A C   1 
ATOM   915  O O   . LEU A 1 118 ? 4.580   17.349  -0.810  1.00 13.13 ? 118 LEU A O   1 
ATOM   916  C CB  . LEU A 1 118 ? 6.584   14.788  -0.285  1.00 13.46 ? 118 LEU A CB  1 
ATOM   917  C CG  . LEU A 1 118 ? 6.495   13.277  -0.064  1.00 13.51 ? 118 LEU A CG  1 
ATOM   918  C CD1 . LEU A 1 118 ? 7.639   12.792  0.805   1.00 15.10 ? 118 LEU A CD1 1 
ATOM   919  C CD2 . LEU A 1 118 ? 5.166   12.911  0.577   1.00 13.59 ? 118 LEU A CD2 1 
ATOM   920  N N   . ARG A 1 119 ? 6.611   17.588  -1.767  1.00 13.44 ? 119 ARG A N   1 
ATOM   921  C CA  . ARG A 1 119 ? 6.527   19.044  -1.747  1.00 14.68 ? 119 ARG A CA  1 
ATOM   922  C C   . ARG A 1 119 ? 5.381   19.530  -2.620  1.00 13.63 ? 119 ARG A C   1 
ATOM   923  O O   . ARG A 1 119 ? 4.600   20.391  -2.207  1.00 14.08 ? 119 ARG A O   1 
ATOM   924  C CB  . ARG A 1 119 ? 7.851   19.658  -2.202  1.00 15.36 ? 119 ARG A CB  1 
ATOM   925  C CG  . ARG A 1 119 ? 7.863   21.187  -2.173  1.00 17.41 ? 119 ARG A CG  1 
ATOM   926  C CD  . ARG A 1 119 ? 9.138   21.755  -2.794  1.00 19.80 ? 119 ARG A CD  1 
ATOM   927  N NE  . ARG A 1 119 ? 9.197   21.499  -4.230  1.00 26.54 ? 119 ARG A NE  1 
ATOM   928  C CZ  . ARG A 1 119 ? 10.010  20.618  -4.804  1.00 27.04 ? 119 ARG A CZ  1 
ATOM   929  N NH1 . ARG A 1 119 ? 10.850  19.904  -4.062  1.00 23.77 ? 119 ARG A NH1 1 
ATOM   930  N NH2 . ARG A 1 119 ? 9.984   20.454  -6.121  1.00 27.84 ? 119 ARG A NH2 1 
ATOM   931  N N   . MET A 1 120 ? 5.254   18.972  -3.829  1.00 12.72 ? 120 MET A N   1 
ATOM   932  C CA  . MET A 1 120 ? 4.171   19.375  -4.719  1.00 13.54 ? 120 MET A CA  1 
ATOM   933  C C   . MET A 1 120 ? 2.805   19.065  -4.114  1.00 12.37 ? 120 MET A C   1 
ATOM   934  O O   . MET A 1 120 ? 1.870   19.863  -4.240  1.00 12.99 ? 120 MET A O   1 
ATOM   935  C CB  . MET A 1 120 ? 4.333   18.710  -6.084  1.00 12.84 ? 120 MET A CB  1 
ATOM   936  C CG  . MET A 1 120 ? 5.564   19.164  -6.857  1.00 14.07 ? 120 MET A CG  1 
ATOM   937  S SD  . MET A 1 120 ? 5.729   18.224  -8.374  1.00 15.85 ? 120 MET A SD  1 
ATOM   938  C CE  . MET A 1 120 ? 7.433   18.563  -8.795  1.00 17.53 ? 120 MET A CE  1 
ATOM   939  N N   . LEU A 1 121 ? 2.670   17.905  -3.457  1.00 11.48 ? 121 LEU A N   1 
ATOM   940  C CA  . LEU A 1 121 ? 1.410   17.562  -2.798  1.00 12.10 ? 121 LEU A CA  1 
ATOM   941  C C   . LEU A 1 121 ? 1.095   18.530  -1.664  1.00 12.44 ? 121 LEU A C   1 
ATOM   942  O O   . LEU A 1 121 ? -0.043  18.991  -1.533  1.00 12.31 ? 121 LEU A O   1 
ATOM   943  C CB  . LEU A 1 121 ? 1.446   16.119  -2.281  1.00 11.80 ? 121 LEU A CB  1 
ATOM   944  C CG  . LEU A 1 121 ? 1.428   15.035  -3.364  1.00 11.13 ? 121 LEU A CG  1 
ATOM   945  C CD1 . LEU A 1 121 ? 1.731   13.683  -2.733  1.00 13.14 ? 121 LEU A CD1 1 
ATOM   946  C CD2 . LEU A 1 121 ? 0.103   14.994  -4.095  1.00 12.54 ? 121 LEU A CD2 1 
ATOM   947  N N   . GLN A 1 122 ? 2.093   18.857  -0.837  1.00 12.32 ? 122 GLN A N   1 
ATOM   948  C CA  . GLN A 1 122 ? 1.838   19.792  0.254   1.00 14.07 ? 122 GLN A CA  1 
ATOM   949  C C   . GLN A 1 122 ? 1.477   21.176  -0.269  1.00 13.78 ? 122 GLN A C   1 
ATOM   950  O O   . GLN A 1 122 ? 0.677   21.887  0.357   1.00 15.24 ? 122 GLN A O   1 
ATOM   951  C CB  . GLN A 1 122 ? 3.027   19.874  1.206   1.00 15.90 ? 122 GLN A CB  1 
ATOM   952  C CG  . GLN A 1 122 ? 2.741   20.770  2.411   1.00 18.25 ? 122 GLN A CG  1 
ATOM   953  C CD  . GLN A 1 122 ? 3.605   20.478  3.617   1.00 21.65 ? 122 GLN A CD  1 
ATOM   954  O OE1 . GLN A 1 122 ? 4.395   19.536  3.625   1.00 25.34 ? 122 GLN A OE1 1 
ATOM   955  N NE2 . GLN A 1 122 ? 3.470   21.307  4.648   1.00 24.06 ? 122 GLN A NE2 1 
ATOM   956  N N   . GLN A 1 123 ? 2.033   21.567  -1.419  1.00 13.24 ? 123 GLN A N   1 
ATOM   957  C CA  . GLN A 1 123 ? 1.704   22.829  -2.074  1.00 13.91 ? 123 GLN A CA  1 
ATOM   958  C C   . GLN A 1 123 ? 0.384   22.778  -2.824  1.00 13.92 ? 123 GLN A C   1 
ATOM   959  O O   . GLN A 1 123 ? -0.032  23.805  -3.376  1.00 15.05 ? 123 GLN A O   1 
ATOM   960  C CB  . GLN A 1 123 ? 2.809   23.217  -3.059  1.00 15.90 ? 123 GLN A CB  1 
ATOM   961  C CG  . GLN A 1 123 ? 4.120   23.582  -2.412  1.00 17.70 ? 123 GLN A CG  1 
ATOM   962  C CD  . GLN A 1 123 ? 5.231   23.761  -3.431  1.00 22.60 ? 123 GLN A CD  1 
ATOM   963  O OE1 . GLN A 1 123 ? 5.303   23.032  -4.422  1.00 24.27 ? 123 GLN A OE1 1 
ATOM   964  N NE2 . GLN A 1 123 ? 6.109   24.723  -3.186  1.00 28.28 ? 123 GLN A NE2 1 
ATOM   965  N N   . LYS A 1 124 ? -0.255  21.608  -2.890  1.00 12.68 ? 124 LYS A N   1 
ATOM   966  C CA  . LYS A 1 124 ? -1.524  21.428  -3.586  1.00 12.18 ? 124 LYS A CA  1 
ATOM   967  C C   . LYS A 1 124 ? -1.410  21.724  -5.077  1.00 12.91 ? 124 LYS A C   1 
ATOM   968  O O   . LYS A 1 124 ? -2.369  22.149  -5.716  1.00 13.87 ? 124 LYS A O   1 
ATOM   969  C CB  . LYS A 1 124 ? -2.667  22.181  -2.899  1.00 12.96 ? 124 LYS A CB  1 
ATOM   970  C CG  . LYS A 1 124 ? -2.811  21.759  -1.428  1.00 14.06 ? 124 LYS A CG  1 
ATOM   971  C CD  . LYS A 1 124 ? -4.131  22.222  -0.828  1.00 15.09 ? 124 LYS A CD  1 
ATOM   972  C CE  . LYS A 1 124 ? -4.293  21.747  0.613   1.00 15.84 ? 124 LYS A CE  1 
ATOM   973  N NZ  . LYS A 1 124 ? -4.304  20.277  0.723   1.00 15.80 ? 124 LYS A NZ  1 
ATOM   974  N N   . ARG A 1 125 ? -0.245  21.418  -5.638  1.00 12.17 ? 125 ARG A N   1 
ATOM   975  C CA  . ARG A 1 125 ? -0.012  21.527  -7.074  1.00 13.73 ? 125 ARG A CA  1 
ATOM   976  C C   . ARG A 1 125 ? -0.299  20.155  -7.675  1.00 12.35 ? 125 ARG A C   1 
ATOM   977  O O   . ARG A 1 125 ? 0.601   19.381  -7.996  1.00 12.75 ? 125 ARG A O   1 
ATOM   978  C CB  . ARG A 1 125 ? 1.411   21.995  -7.343  1.00 16.00 ? 125 ARG A CB  1 
ATOM   979  C CG  . ARG A 1 125 ? 1.662   23.408  -6.850  1.00 17.56 ? 125 ARG A CG  1 
ATOM   980  C CD  . ARG A 1 125 ? 3.140   23.687  -6.735  1.00 25.52 ? 125 ARG A CD  1 
ATOM   981  N NE  . ARG A 1 125 ? 3.872   23.224  -7.913  1.00 36.40 ? 125 ARG A NE  1 
ATOM   982  C CZ  . ARG A 1 125 ? 5.198   23.183  -7.997  1.00 42.53 ? 125 ARG A CZ  1 
ATOM   983  N NH1 . ARG A 1 125 ? 5.935   23.580  -6.972  1.00 50.26 ? 125 ARG A NH1 1 
ATOM   984  N NH2 . ARG A 1 125 ? 5.787   22.743  -9.100  1.00 47.47 ? 125 ARG A NH2 1 
ATOM   985  N N   . TRP A 1 126 ? -1.593  19.872  -7.839  1.00 12.11 ? 126 TRP A N   1 
ATOM   986  C CA  . TRP A 1 126 ? -2.025  18.495  -8.059  1.00 12.41 ? 126 TRP A CA  1 
ATOM   987  C C   . TRP A 1 126 ? -1.580  17.961  -9.415  1.00 12.30 ? 126 TRP A C   1 
ATOM   988  O O   . TRP A 1 126 ? -1.127  16.814  -9.513  1.00 12.55 ? 126 TRP A O   1 
ATOM   989  C CB  . TRP A 1 126 ? -3.538  18.382  -7.924  1.00 12.77 ? 126 TRP A CB  1 
ATOM   990  C CG  . TRP A 1 126 ? -4.110  18.916  -6.645  1.00 12.73 ? 126 TRP A CG  1 
ATOM   991  C CD1 . TRP A 1 126 ? -5.110  19.847  -6.527  1.00 12.64 ? 126 TRP A CD1 1 
ATOM   992  C CD2 . TRP A 1 126 ? -3.759  18.535  -5.301  1.00 11.71 ? 126 TRP A CD2 1 
ATOM   993  N NE1 . TRP A 1 126 ? -5.387  20.076  -5.208  1.00 13.16 ? 126 TRP A NE1 1 
ATOM   994  C CE2 . TRP A 1 126 ? -4.577  19.285  -4.435  1.00 12.24 ? 126 TRP A CE2 1 
ATOM   995  C CE3 . TRP A 1 126 ? -2.832  17.642  -4.743  1.00 12.32 ? 126 TRP A CE3 1 
ATOM   996  C CZ2 . TRP A 1 126 ? -4.500  19.173  -3.049  1.00 13.32 ? 126 TRP A CZ2 1 
ATOM   997  C CZ3 . TRP A 1 126 ? -2.755  17.541  -3.357  1.00 12.14 ? 126 TRP A CZ3 1 
ATOM   998  C CH2 . TRP A 1 126 ? -3.587  18.296  -2.528  1.00 12.37 ? 126 TRP A CH2 1 
ATOM   999  N N   . ASP A 1 127 ? -1.732  18.750  -10.479 1.00 12.93 ? 127 ASP A N   1 
ATOM   1000 C CA  . ASP A 1 127 ? -1.330  18.253  -11.793 1.00 12.71 ? 127 ASP A CA  1 
ATOM   1001 C C   . ASP A 1 127 ? 0.174   18.023  -11.851 1.00 12.69 ? 127 ASP A C   1 
ATOM   1002 O O   . ASP A 1 127 ? 0.640   17.025  -12.421 1.00 12.77 ? 127 ASP A O   1 
ATOM   1003 C CB  . ASP A 1 127 ? -1.735  19.246  -12.880 1.00 13.84 ? 127 ASP A CB  1 
ATOM   1004 C CG  . ASP A 1 127 ? -3.210  19.200  -13.214 1.00 13.64 ? 127 ASP A CG  1 
ATOM   1005 O OD1 . ASP A 1 127 ? -3.984  18.536  -12.494 1.00 16.88 ? 127 ASP A OD1 1 
ATOM   1006 O OD2 . ASP A 1 127 ? -3.598  19.847  -14.214 1.00 17.11 ? 127 ASP A OD2 1 
ATOM   1007 N N   . GLU A 1 128 ? 0.951   18.942  -11.277 1.00 12.79 ? 128 GLU A N   1 
ATOM   1008 C CA  . GLU A 1 128 ? 2.399   18.776  -11.263 1.00 13.92 ? 128 GLU A CA  1 
ATOM   1009 C C   . GLU A 1 128 ? 2.804   17.573  -10.432 1.00 12.08 ? 128 GLU A C   1 
ATOM   1010 O O   . GLU A 1 128 ? 3.695   16.815  -10.826 1.00 12.71 ? 128 GLU A O   1 
ATOM   1011 C CB  . GLU A 1 128 ? 3.076   20.039  -10.738 1.00 15.13 ? 128 GLU A CB  1 
ATOM   1012 C CG  . GLU A 1 128 ? 2.953   21.218  -11.683 1.00 18.40 ? 128 GLU A CG  1 
ATOM   1013 C CD  . GLU A 1 128 ? 3.360   22.518  -11.033 1.00 27.51 ? 128 GLU A CD  1 
ATOM   1014 O OE1 . GLU A 1 128 ? 4.560   22.866  -11.097 1.00 34.03 ? 128 GLU A OE1 1 
ATOM   1015 O OE2 . GLU A 1 128 ? 2.486   23.187  -10.443 1.00 29.30 ? 128 GLU A OE2 1 
ATOM   1016 N N   . ALA A 1 129 ? 2.161   17.387  -9.280  1.00 11.84 ? 129 ALA A N   1 
ATOM   1017 C CA  . ALA A 1 129 ? 2.440   16.213  -8.461  1.00 11.26 ? 129 ALA A CA  1 
ATOM   1018 C C   . ALA A 1 129 ? 2.136   14.931  -9.222  1.00 11.65 ? 129 ALA A C   1 
ATOM   1019 O O   . ALA A 1 129 ? 2.909   13.969  -9.158  1.00 11.73 ? 129 ALA A O   1 
ATOM   1020 C CB  . ALA A 1 129 ? 1.634   16.274  -7.165  1.00 12.52 ? 129 ALA A CB  1 
ATOM   1021 N N   . ALA A 1 130 ? 1.021   14.904  -9.955  1.00 12.04 ? 130 ALA A N   1 
ATOM   1022 C CA  . ALA A 1 130 ? 0.655   13.710  -10.711 1.00 12.44 ? 130 ALA A CA  1 
ATOM   1023 C C   . ALA A 1 130 ? 1.699   13.380  -11.770 1.00 12.63 ? 130 ALA A C   1 
ATOM   1024 O O   . ALA A 1 130 ? 2.060   12.209  -11.947 1.00 13.50 ? 130 ALA A O   1 
ATOM   1025 C CB  . ALA A 1 130 ? -0.716  13.904  -11.352 1.00 14.03 ? 130 ALA A CB  1 
ATOM   1026 N N   . VAL A 1 131 ? 2.186   14.393  -12.491 1.00 13.03 ? 131 VAL A N   1 
ATOM   1027 C CA  . VAL A 1 131 ? 3.254   14.177  -13.467 1.00 13.54 ? 131 VAL A CA  1 
ATOM   1028 C C   . VAL A 1 131 ? 4.505   13.636  -12.785 1.00 13.37 ? 131 VAL A C   1 
ATOM   1029 O O   . VAL A 1 131 ? 5.141   12.688  -13.268 1.00 14.31 ? 131 VAL A O   1 
ATOM   1030 C CB  . VAL A 1 131 ? 3.543   15.479  -14.241 1.00 14.11 ? 131 VAL A CB  1 
ATOM   1031 C CG1 . VAL A 1 131 ? 4.863   15.378  -15.011 1.00 16.84 ? 131 VAL A CG1 1 
ATOM   1032 C CG2 . VAL A 1 131 ? 2.396   15.804  -15.185 1.00 16.78 ? 131 VAL A CG2 1 
ATOM   1033 N N   . ASN A 1 132 ? 4.877   14.221  -11.644 1.00 12.58 ? 132 ASN A N   1 
ATOM   1034 C CA  . ASN A 1 132 ? 6.101   13.812  -10.962 1.00 12.64 ? 132 ASN A CA  1 
ATOM   1035 C C   . ASN A 1 132 ? 5.991   12.393  -10.418 1.00 12.97 ? 132 ASN A C   1 
ATOM   1036 O O   . ASN A 1 132 ? 6.952   11.617  -10.495 1.00 12.73 ? 132 ASN A O   1 
ATOM   1037 C CB  . ASN A 1 132 ? 6.418   14.799  -9.842  1.00 13.55 ? 132 ASN A CB  1 
ATOM   1038 C CG  . ASN A 1 132 ? 7.753   14.528  -9.190  1.00 14.00 ? 132 ASN A CG  1 
ATOM   1039 O OD1 . ASN A 1 132 ? 7.835   13.850  -8.164  1.00 16.73 ? 132 ASN A OD1 1 
ATOM   1040 N ND2 . ASN A 1 132 ? 8.815   15.054  -9.785  1.00 16.53 ? 132 ASN A ND2 1 
ATOM   1041 N N   . LEU A 1 133 ? 4.822   12.035  -9.869  1.00 11.94 ? 133 LEU A N   1 
ATOM   1042 C CA  . LEU A 1 133 ? 4.624   10.704  -9.296  1.00 11.82 ? 133 LEU A CA  1 
ATOM   1043 C C   . LEU A 1 133 ? 4.769   9.607   -10.343 1.00 12.34 ? 133 LEU A C   1 
ATOM   1044 O O   . LEU A 1 133 ? 5.186   8.487   -10.014 1.00 13.00 ? 133 LEU A O   1 
ATOM   1045 C CB  . LEU A 1 133 ? 3.246   10.613  -8.637  1.00 11.82 ? 133 LEU A CB  1 
ATOM   1046 C CG  . LEU A 1 133 ? 3.099   11.307  -7.284  1.00 12.17 ? 133 LEU A CG  1 
ATOM   1047 C CD1 . LEU A 1 133 ? 1.639   11.499  -6.942  1.00 13.96 ? 133 LEU A CD1 1 
ATOM   1048 C CD2 . LEU A 1 133 ? 3.806   10.521  -6.188  1.00 13.48 ? 133 LEU A CD2 1 
ATOM   1049 N N   . ALA A 1 134 ? 4.426   9.904   -11.596 1.00 12.59 ? 134 ALA A N   1 
ATOM   1050 C CA  . ALA A 1 134 ? 4.513   8.930   -12.673 1.00 13.66 ? 134 ALA A CA  1 
ATOM   1051 C C   . ALA A 1 134 ? 5.938   8.701   -13.154 1.00 13.48 ? 134 ALA A C   1 
ATOM   1052 O O   . ALA A 1 134 ? 6.184   7.711   -13.850 1.00 14.34 ? 134 ALA A O   1 
ATOM   1053 C CB  . ALA A 1 134 ? 3.621   9.355   -13.844 1.00 15.43 ? 134 ALA A CB  1 
ATOM   1054 N N   . LYS A 1 135 ? 6.879   9.568   -12.787 1.00 13.29 ? 135 LYS A N   1 
ATOM   1055 C CA  . LYS A 1 135 ? 8.283   9.396   -13.159 1.00 13.28 ? 135 LYS A CA  1 
ATOM   1056 C C   . LYS A 1 135 ? 8.961   8.521   -12.104 1.00 13.27 ? 135 LYS A C   1 
ATOM   1057 O O   . LYS A 1 135 ? 9.791   8.963   -11.314 1.00 13.39 ? 135 LYS A O   1 
ATOM   1058 C CB  . LYS A 1 135 ? 8.960   10.753  -13.310 1.00 13.97 ? 135 LYS A CB  1 
ATOM   1059 C CG  . LYS A 1 135 ? 8.324   11.632  -14.381 1.00 15.06 ? 135 LYS A CG  1 
ATOM   1060 C CD  . LYS A 1 135 ? 8.883   13.050  -14.375 1.00 16.57 ? 135 LYS A CD  1 
ATOM   1061 C CE  . LYS A 1 135 ? 8.288   13.865  -15.514 1.00 18.19 ? 135 LYS A CE  1 
ATOM   1062 N NZ  . LYS A 1 135 ? 8.674   15.305  -15.440 1.00 20.61 ? 135 LYS A NZ  1 
ATOM   1063 N N   . SER A 1 136 ? 8.572   7.248   -12.087 1.00 12.73 ? 136 SER A N   1 
ATOM   1064 C CA  . SER A 1 136 ? 8.954   6.379   -10.984 1.00 12.11 ? 136 SER A CA  1 
ATOM   1065 C C   . SER A 1 136 ? 8.961   4.930   -11.442 1.00 12.63 ? 136 SER A C   1 
ATOM   1066 O O   . SER A 1 136 ? 8.177   4.535   -12.313 1.00 12.79 ? 136 SER A O   1 
ATOM   1067 C CB  . SER A 1 136 ? 7.969   6.538   -9.819  1.00 12.01 ? 136 SER A CB  1 
ATOM   1068 O OG  . SER A 1 136 ? 6.659   6.152   -10.185 1.00 12.16 ? 136 SER A OG  1 
ATOM   1069 N N   . ARG A 1 137 ? 9.824   4.126   -10.813 1.00 11.92 ? 137 ARG A N   1 
ATOM   1070 C CA  . ARG A 1 137 ? 9.734   2.682   -11.005 1.00 12.79 ? 137 ARG A CA  1 
ATOM   1071 C C   . ARG A 1 137 ? 8.347   2.188   -10.639 1.00 12.73 ? 137 ARG A C   1 
ATOM   1072 O O   . ARG A 1 137 ? 7.782   1.324   -11.326 1.00 14.40 ? 137 ARG A O   1 
ATOM   1073 C CB  . ARG A 1 137 ? 10.790  1.948   -10.176 1.00 13.12 ? 137 ARG A CB  1 
ATOM   1074 C CG  . ARG A 1 137 ? 10.734  0.435   -10.370 1.00 14.23 ? 137 ARG A CG  1 
ATOM   1075 C CD  . ARG A 1 137 ? 11.812  -0.335  -9.622  1.00 15.78 ? 137 ARG A CD  1 
ATOM   1076 N NE  . ARG A 1 137 ? 11.788  -1.752  -9.984  1.00 17.01 ? 137 ARG A NE  1 
ATOM   1077 C CZ  . ARG A 1 137 ? 10.974  -2.651  -9.435  1.00 16.58 ? 137 ARG A CZ  1 
ATOM   1078 N NH1 . ARG A 1 137 ? 10.117  -2.286  -8.491  1.00 17.00 ? 137 ARG A NH1 1 
ATOM   1079 N NH2 . ARG A 1 137 ? 11.014  -3.918  -9.832  1.00 17.85 ? 137 ARG A NH2 1 
ATOM   1080 N N   . TRP A 1 138 ? 7.779   2.735   -9.559  1.00 12.11 ? 138 TRP A N   1 
ATOM   1081 C CA  . TRP A 1 138 ? 6.435   2.375   -9.116  1.00 12.60 ? 138 TRP A CA  1 
ATOM   1082 C C   . TRP A 1 138 ? 5.436   2.427   -10.263 1.00 13.21 ? 138 TRP A C   1 
ATOM   1083 O O   . TRP A 1 138 ? 4.728   1.447   -10.539 1.00 13.86 ? 138 TRP A O   1 
ATOM   1084 C CB  . TRP A 1 138 ? 6.022   3.338   -8.007  1.00 13.25 ? 138 TRP A CB  1 
ATOM   1085 C CG  . TRP A 1 138 ? 4.592   3.260   -7.557  1.00 12.19 ? 138 TRP A CG  1 
ATOM   1086 C CD1 . TRP A 1 138 ? 3.948   2.169   -7.043  1.00 13.45 ? 138 TRP A CD1 1 
ATOM   1087 C CD2 . TRP A 1 138 ? 3.650   4.339   -7.518  1.00 11.62 ? 138 TRP A CD2 1 
ATOM   1088 N NE1 . TRP A 1 138 ? 2.653   2.497   -6.713  1.00 12.79 ? 138 TRP A NE1 1 
ATOM   1089 C CE2 . TRP A 1 138 ? 2.449   3.825   -6.984  1.00 11.55 ? 138 TRP A CE2 1 
ATOM   1090 C CE3 . TRP A 1 138 ? 3.703   5.688   -7.897  1.00 11.96 ? 138 TRP A CE3 1 
ATOM   1091 C CZ2 . TRP A 1 138 ? 1.320   4.615   -6.809  1.00 11.40 ? 138 TRP A CZ2 1 
ATOM   1092 C CZ3 . TRP A 1 138 ? 2.583   6.468   -7.727  1.00 12.28 ? 138 TRP A CZ3 1 
ATOM   1093 C CH2 . TRP A 1 138 ? 1.401   5.932   -7.199  1.00 12.08 ? 138 TRP A CH2 1 
ATOM   1094 N N   . TYR A 1 139 ? 5.365   3.569   -10.943 1.00 12.75 ? 139 TYR A N   1 
ATOM   1095 C CA  . TYR A 1 139 ? 4.415   3.724   -12.039 1.00 13.53 ? 139 TYR A CA  1 
ATOM   1096 C C   . TYR A 1 139 ? 4.732   2.772   -13.189 1.00 14.76 ? 139 TYR A C   1 
ATOM   1097 O O   . TYR A 1 139 ? 3.827   2.153   -13.758 1.00 16.85 ? 139 TYR A O   1 
ATOM   1098 C CB  . TYR A 1 139 ? 4.439   5.180   -12.499 1.00 15.45 ? 139 TYR A CB  1 
ATOM   1099 C CG  . TYR A 1 139 ? 3.612   5.528   -13.719 1.00 16.89 ? 139 TYR A CG  1 
ATOM   1100 C CD1 . TYR A 1 139 ? 4.174   5.508   -14.992 1.00 19.55 ? 139 TYR A CD1 1 
ATOM   1101 C CD2 . TYR A 1 139 ? 2.292   5.934   -13.593 1.00 17.54 ? 139 TYR A CD2 1 
ATOM   1102 C CE1 . TYR A 1 139 ? 3.432   5.854   -16.111 1.00 22.77 ? 139 TYR A CE1 1 
ATOM   1103 C CE2 . TYR A 1 139 ? 1.541   6.285   -14.708 1.00 20.59 ? 139 TYR A CE2 1 
ATOM   1104 C CZ  . TYR A 1 139 ? 2.116   6.242   -15.961 1.00 22.95 ? 139 TYR A CZ  1 
ATOM   1105 O OH  . TYR A 1 139 ? 1.376   6.587   -17.072 1.00 28.12 ? 139 TYR A OH  1 
ATOM   1106 N N   . ASN A 1 140 ? 6.007   2.626   -13.541 1.00 13.22 ? 140 ASN A N   1 
ATOM   1107 C CA  . ASN A 1 140 ? 6.345   1.771   -14.675 1.00 14.01 ? 140 ASN A CA  1 
ATOM   1108 C C   . ASN A 1 140 ? 6.056   0.300   -14.402 1.00 14.68 ? 140 ASN A C   1 
ATOM   1109 O O   . ASN A 1 140 ? 5.647   -0.432  -15.316 1.00 15.91 ? 140 ASN A O   1 
ATOM   1110 C CB  . ASN A 1 140 ? 7.801   1.988   -15.065 1.00 15.23 ? 140 ASN A CB  1 
ATOM   1111 C CG  . ASN A 1 140 ? 8.000   3.283   -15.816 1.00 15.09 ? 140 ASN A CG  1 
ATOM   1112 O OD1 . ASN A 1 140 ? 8.438   4.290   -15.252 1.00 16.92 ? 140 ASN A OD1 1 
ATOM   1113 N ND2 . ASN A 1 140 ? 7.668   3.274   -17.098 1.00 16.52 ? 140 ASN A ND2 1 
ATOM   1114 N N   . GLN A 1 141 ? 6.238   -0.152  -13.169 1.00 13.40 ? 141 GLN A N   1 
ATOM   1115 C CA  . GLN A 1 141 ? 6.051   -1.566  -12.879 1.00 13.75 ? 141 GLN A CA  1 
ATOM   1116 C C   . GLN A 1 141 ? 4.605   -1.934  -12.568 1.00 13.36 ? 141 GLN A C   1 
ATOM   1117 O O   . GLN A 1 141 ? 4.175   -3.047  -12.897 1.00 14.76 ? 141 GLN A O   1 
ATOM   1118 C CB  . GLN A 1 141 ? 6.987   -2.006  -11.749 1.00 15.38 ? 141 GLN A CB  1 
ATOM   1119 C CG  . GLN A 1 141 ? 8.476   -1.752  -12.029 1.00 16.29 ? 141 GLN A CG  1 
ATOM   1120 C CD  . GLN A 1 141 ? 9.011   -2.470  -13.263 1.00 14.19 ? 141 GLN A CD  1 
ATOM   1121 O OE1 . GLN A 1 141 ? 9.678   -1.862  -14.117 1.00 17.48 ? 141 GLN A OE1 1 
ATOM   1122 N NE2 . GLN A 1 141 ? 8.727   -3.765  -13.364 1.00 16.42 ? 141 GLN A NE2 1 
ATOM   1123 N N   . THR A 1 142 ? 3.833   -1.047  -11.934 1.00 12.82 ? 142 THR A N   1 
ATOM   1124 C CA  . THR A 1 142 ? 2.408   -1.279  -11.687 1.00 12.05 ? 142 THR A CA  1 
ATOM   1125 C C   . THR A 1 142 ? 1.609   -0.085  -12.194 1.00 12.01 ? 142 THR A C   1 
ATOM   1126 O O   . THR A 1 142 ? 1.062   0.704   -11.409 1.00 12.19 ? 142 THR A O   1 
ATOM   1127 C CB  . THR A 1 142 ? 2.112   -1.589  -10.214 1.00 13.14 ? 142 THR A CB  1 
ATOM   1128 O OG1 . THR A 1 142 ? 2.629   -0.562  -9.357  1.00 14.05 ? 142 THR A OG1 1 
ATOM   1129 C CG2 . THR A 1 142 ? 2.722   -2.929  -9.801  1.00 13.76 ? 142 THR A CG2 1 
ATOM   1130 N N   . PRO A 1 143 ? 1.510   0.076   -13.517 1.00 11.81 ? 143 PRO A N   1 
ATOM   1131 C CA  . PRO A 1 143 ? 0.948   1.325   -14.056 1.00 11.36 ? 143 PRO A CA  1 
ATOM   1132 C C   . PRO A 1 143 ? -0.537  1.492   -13.831 1.00 12.08 ? 143 PRO A C   1 
ATOM   1133 O O   . PRO A 1 143 ? -0.987  2.623   -13.626 1.00 12.22 ? 143 PRO A O   1 
ATOM   1134 C CB  . PRO A 1 143 ? 1.305   1.266   -15.546 1.00 12.78 ? 143 PRO A CB  1 
ATOM   1135 C CG  . PRO A 1 143 ? 1.462   -0.189  -15.823 1.00 13.47 ? 143 PRO A CG  1 
ATOM   1136 C CD  . PRO A 1 143 ? 2.054   -0.787  -14.578 1.00 13.32 ? 143 PRO A CD  1 
ATOM   1137 N N   . ASN A 1 144 ? -1.332  0.424   -13.885 1.00 12.30 ? 144 ASN A N   1 
ATOM   1138 C CA  . ASN A 1 144 ? -2.764  0.630   -13.706 1.00 13.07 ? 144 ASN A CA  1 
ATOM   1139 C C   . ASN A 1 144 ? -3.096  1.004   -12.270 1.00 12.23 ? 144 ASN A C   1 
ATOM   1140 O O   . ASN A 1 144 ? -3.913  1.899   -12.026 1.00 12.90 ? 144 ASN A O   1 
ATOM   1141 C CB  . ASN A 1 144 ? -3.557  -0.580  -14.182 1.00 15.27 ? 144 ASN A CB  1 
ATOM   1142 C CG  . ASN A 1 144 ? -3.713  -0.598  -15.693 1.00 18.29 ? 144 ASN A CG  1 
ATOM   1143 O OD1 . ASN A 1 144 ? -3.595  0.439   -16.356 1.00 22.42 ? 144 ASN A OD1 1 
ATOM   1144 N ND2 . ASN A 1 144 ? -3.987  -1.770  -16.244 1.00 22.96 ? 144 ASN A ND2 1 
ATOM   1145 N N   . ARG A 1 145 ? -2.458  0.341   -11.308 1.00 11.82 ? 145 ARG A N   1 
ATOM   1146 C CA  . ARG A 1 145 ? -2.668  0.699   -9.913  1.00 11.49 ? 145 ARG A CA  1 
ATOM   1147 C C   . ARG A 1 145 ? -2.114  2.092   -9.619  1.00 12.06 ? 145 ARG A C   1 
ATOM   1148 O O   . ARG A 1 145 ? -2.777  2.901   -8.957  1.00 12.05 ? 145 ARG A O   1 
ATOM   1149 C CB  . ARG A 1 145 ? -2.062  -0.376  -9.012  1.00 14.91 ? 145 ARG A CB  1 
ATOM   1150 C CG  . ARG A 1 145 ? -2.591  -0.353  -7.580  1.00 17.01 ? 145 ARG A CG  1 
ATOM   1151 C CD  . ARG A 1 145 ? -1.499  0.150   -6.698  1.00 17.69 ? 145 ARG A CD  1 
ATOM   1152 N NE  . ARG A 1 145 ? -1.737  0.065   -5.258  1.00 13.44 ? 145 ARG A NE  1 
ATOM   1153 C CZ  . ARG A 1 145 ? -1.568  -1.021  -4.519  1.00 13.83 ? 145 ARG A CZ  1 
ATOM   1154 N NH1 . ARG A 1 145 ? -1.217  -2.173  -5.076  1.00 16.25 ? 145 ARG A NH1 1 
ATOM   1155 N NH2 . ARG A 1 145 ? -1.747  -0.950  -3.208  1.00 12.18 ? 145 ARG A NH2 1 
ATOM   1156 N N   . ALA A 1 146 ? -0.914  2.399   -10.119 1.00 12.26 ? 146 ALA A N   1 
ATOM   1157 C CA  . ALA A 1 146 ? -0.355  3.732   -9.910  1.00 12.49 ? 146 ALA A CA  1 
ATOM   1158 C C   . ALA A 1 146 ? -1.231  4.807   -10.542 1.00 12.47 ? 146 ALA A C   1 
ATOM   1159 O O   . ALA A 1 146 ? -1.436  5.873   -9.946  1.00 12.78 ? 146 ALA A O   1 
ATOM   1160 C CB  . ALA A 1 146 ? 1.076   3.809   -10.447 1.00 13.79 ? 146 ALA A CB  1 
ATOM   1161 N N   . LYS A 1 147 ? -1.780  4.544   -11.733 1.00 11.95 ? 147 LYS A N   1 
ATOM   1162 C CA  . LYS A 1 147 ? -2.680  5.513   -12.353 1.00 12.35 ? 147 LYS A CA  1 
ATOM   1163 C C   . LYS A 1 147 ? -3.905  5.769   -11.483 1.00 11.90 ? 147 LYS A C   1 
ATOM   1164 O O   . LYS A 1 147 ? -4.361  6.914   -11.370 1.00 12.32 ? 147 LYS A O   1 
ATOM   1165 C CB  . LYS A 1 147 ? -3.094  5.059   -13.755 1.00 13.13 ? 147 LYS A CB  1 
ATOM   1166 C CG  . LYS A 1 147 ? -2.042  5.257   -14.842 1.00 14.82 ? 147 LYS A CG  1 
ATOM   1167 C CD  . LYS A 1 147 ? -2.418  4.513   -16.121 1.00 17.38 ? 147 LYS A CD  1 
ATOM   1168 C CE  . LYS A 1 147 ? -1.324  4.647   -17.172 1.00 20.06 ? 147 LYS A CE  1 
ATOM   1169 N NZ  . LYS A 1 147 ? -1.698  4.034   -18.481 1.00 24.22 ? 147 LYS A NZ  1 
ATOM   1170 N N   . ARG A 1 148 ? -4.453  4.728   -10.849 1.00 11.24 ? 148 ARG A N   1 
ATOM   1171 C CA  . ARG A 1 148 ? -5.610  4.951   -9.982  1.00 11.23 ? 148 ARG A CA  1 
ATOM   1172 C C   . ARG A 1 148 ? -5.235  5.813   -8.788  1.00 10.43 ? 148 ARG A C   1 
ATOM   1173 O O   . ARG A 1 148 ? -5.969  6.744   -8.419  1.00 11.67 ? 148 ARG A O   1 
ATOM   1174 C CB  . ARG A 1 148 ? -6.196  3.620   -9.501  1.00 11.36 ? 148 ARG A CB  1 
ATOM   1175 C CG  . ARG A 1 148 ? -6.944  2.826   -10.561 1.00 12.03 ? 148 ARG A CG  1 
ATOM   1176 C CD  . ARG A 1 148 ? -7.767  1.687   -9.961  1.00 12.04 ? 148 ARG A CD  1 
ATOM   1177 N NE  . ARG A 1 148 ? -6.940  0.619   -9.407  1.00 12.41 ? 148 ARG A NE  1 
ATOM   1178 C CZ  . ARG A 1 148 ? -6.388  -0.359  -10.119 1.00 12.39 ? 148 ARG A CZ  1 
ATOM   1179 N NH1 . ARG A 1 148 ? -6.550  -0.418  -11.437 1.00 13.96 ? 148 ARG A NH1 1 
ATOM   1180 N NH2 . ARG A 1 148 ? -5.657  -1.281  -9.508  1.00 14.16 ? 148 ARG A NH2 1 
ATOM   1181 N N   . VAL A 1 149 ? -4.103  5.507   -8.159  1.00 10.95 ? 149 VAL A N   1 
ATOM   1182 C CA  . VAL A 1 149 ? -3.654  6.273   -7.000  1.00 11.51 ? 149 VAL A CA  1 
ATOM   1183 C C   . VAL A 1 149 ? -3.349  7.713   -7.399  1.00 11.23 ? 149 VAL A C   1 
ATOM   1184 O O   . VAL A 1 149 ? -3.752  8.668   -6.710  1.00 11.28 ? 149 VAL A O   1 
ATOM   1185 C CB  . VAL A 1 149 ? -2.453  5.566   -6.345  1.00 10.78 ? 149 VAL A CB  1 
ATOM   1186 C CG1 . VAL A 1 149 ? -1.859  6.428   -5.238  1.00 12.28 ? 149 VAL A CG1 1 
ATOM   1187 C CG2 . VAL A 1 149 ? -2.879  4.191   -5.812  1.00 11.34 ? 149 VAL A CG2 1 
ATOM   1188 N N   . ILE A 1 150 ? -2.654  7.893   -8.524  1.00 11.37 ? 150 ILE A N   1 
ATOM   1189 C CA  . ILE A 1 150 ? -2.321  9.235   -8.999  1.00 11.41 ? 150 ILE A CA  1 
ATOM   1190 C C   . ILE A 1 150 ? -3.580  10.031  -9.331  1.00 11.14 ? 150 ILE A C   1 
ATOM   1191 O O   . ILE A 1 150 ? -3.679  11.218  -8.997  1.00 12.11 ? 150 ILE A O   1 
ATOM   1192 C CB  . ILE A 1 150 ? -1.342  9.155   -10.184 1.00 11.89 ? 150 ILE A CB  1 
ATOM   1193 C CG1 . ILE A 1 150 ? 0.016   8.638   -9.709  1.00 12.64 ? 150 ILE A CG1 1 
ATOM   1194 C CG2 . ILE A 1 150 ? -1.212  10.507  -10.847 1.00 13.47 ? 150 ILE A CG2 1 
ATOM   1195 C CD1 . ILE A 1 150 ? 1.001   8.363   -10.834 1.00 13.29 ? 150 ILE A CD1 1 
ATOM   1196 N N   . THR A 1 151 ? -4.561  9.404   -9.986  1.00 11.64 ? 151 THR A N   1 
ATOM   1197 C CA  . THR A 1 151 ? -5.817  10.101  -10.262 1.00 12.84 ? 151 THR A CA  1 
ATOM   1198 C C   . THR A 1 151 ? -6.497  10.545  -8.975  1.00 12.73 ? 151 THR A C   1 
ATOM   1199 O O   . THR A 1 151 ? -7.108  11.626  -8.922  1.00 12.90 ? 151 THR A O   1 
ATOM   1200 C CB  . THR A 1 151 ? -6.740  9.201   -11.081 1.00 13.74 ? 151 THR A CB  1 
ATOM   1201 O OG1 . THR A 1 151 ? -6.192  9.046   -12.396 1.00 16.14 ? 151 THR A OG1 1 
ATOM   1202 C CG2 . THR A 1 151 ? -8.153  9.787   -11.189 1.00 16.21 ? 151 THR A CG2 1 
ATOM   1203 N N   . THR A 1 152 ? -6.393  9.728   -7.926  1.00 11.85 ? 152 THR A N   1 
ATOM   1204 C CA  . THR A 1 152 ? -6.950  10.097  -6.630  1.00 11.99 ? 152 THR A CA  1 
ATOM   1205 C C   . THR A 1 152 ? -6.247  11.330  -6.058  1.00 11.69 ? 152 THR A C   1 
ATOM   1206 O O   . THR A 1 152 ? -6.907  12.251  -5.561  1.00 12.38 ? 152 THR A O   1 
ATOM   1207 C CB  . THR A 1 152 ? -6.901  8.884   -5.684  1.00 11.36 ? 152 THR A CB  1 
ATOM   1208 O OG1 . THR A 1 152 ? -7.505  7.749   -6.329  1.00 12.09 ? 152 THR A OG1 1 
ATOM   1209 C CG2 . THR A 1 152 ? -7.663  9.156   -4.404  1.00 12.67 ? 152 THR A CG2 1 
ATOM   1210 N N   . PHE A 1 153 ? -4.910  11.381  -6.145  1.00 11.87 ? 153 PHE A N   1 
ATOM   1211 C CA  . PHE A 1 153 ? -4.184  12.589  -5.746  1.00 12.60 ? 153 PHE A CA  1 
ATOM   1212 C C   . PHE A 1 153 ? -4.512  13.774  -6.654  1.00 12.69 ? 153 PHE A C   1 
ATOM   1213 O O   . PHE A 1 153 ? -4.565  14.923  -6.190  1.00 14.65 ? 153 PHE A O   1 
ATOM   1214 C CB  . PHE A 1 153 ? -2.675  12.348  -5.806  1.00 12.46 ? 153 PHE A CB  1 
ATOM   1215 C CG  . PHE A 1 153 ? -2.084  11.673  -4.592  1.00 11.96 ? 153 PHE A CG  1 
ATOM   1216 C CD1 . PHE A 1 153 ? -2.244  12.195  -3.315  1.00 12.50 ? 153 PHE A CD1 1 
ATOM   1217 C CD2 . PHE A 1 153 ? -1.302  10.547  -4.756  1.00 12.59 ? 153 PHE A CD2 1 
ATOM   1218 C CE1 . PHE A 1 153 ? -1.654  11.580  -2.223  1.00 13.52 ? 153 PHE A CE1 1 
ATOM   1219 C CE2 . PHE A 1 153 ? -0.710  9.930   -3.677  1.00 14.23 ? 153 PHE A CE2 1 
ATOM   1220 C CZ  . PHE A 1 153 ? -0.886  10.448  -2.408  1.00 12.81 ? 153 PHE A CZ  1 
ATOM   1221 N N   . ARG A 1 154 ? -4.689  13.534  -7.953  1.00 12.50 ? 154 ARG A N   1 
ATOM   1222 C CA  . ARG A 1 154 ? -4.902  14.653  -8.867  1.00 13.71 ? 154 ARG A CA  1 
ATOM   1223 C C   . ARG A 1 154 ? -6.255  15.307  -8.631  1.00 12.95 ? 154 ARG A C   1 
ATOM   1224 O O   . ARG A 1 154 ? -6.370  16.544  -8.645  1.00 14.14 ? 154 ARG A O   1 
ATOM   1225 C CB  . ARG A 1 154 ? -4.783  14.188  -10.319 1.00 13.68 ? 154 ARG A CB  1 
ATOM   1226 C CG  . ARG A 1 154 ? -4.839  15.335  -11.313 1.00 15.87 ? 154 ARG A CG  1 
ATOM   1227 C CD  . ARG A 1 154 ? -4.617  14.889  -12.750 1.00 17.44 ? 154 ARG A CD  1 
ATOM   1228 N NE  . ARG A 1 154 ? -5.527  13.826  -13.174 1.00 21.29 ? 154 ARG A NE  1 
ATOM   1229 C CZ  . ARG A 1 154 ? -6.778  14.016  -13.588 1.00 23.86 ? 154 ARG A CZ  1 
ATOM   1230 N NH1 . ARG A 1 154 ? -7.294  15.238  -13.638 1.00 24.31 ? 154 ARG A NH1 1 
ATOM   1231 N NH2 . ARG A 1 154 ? -7.519  12.977  -13.951 1.00 25.27 ? 154 ARG A NH2 1 
ATOM   1232 N N   . THR A 1 155 ? -7.292  14.494  -8.405  1.00 14.27 ? 155 THR A N   1 
ATOM   1233 C CA  . THR A 1 155 ? -8.660  14.986  -8.370  1.00 15.22 ? 155 THR A CA  1 
ATOM   1234 C C   . THR A 1 155 ? -9.256  15.088  -6.973  1.00 14.55 ? 155 THR A C   1 
ATOM   1235 O O   . THR A 1 155 ? -10.223 15.835  -6.790  1.00 15.50 ? 155 THR A O   1 
ATOM   1236 C CB  . THR A 1 155 ? -9.578  14.071  -9.194  1.00 14.28 ? 155 THR A CB  1 
ATOM   1237 O OG1 . THR A 1 155 ? -9.679  12.793  -8.547  1.00 13.72 ? 155 THR A OG1 1 
ATOM   1238 C CG2 . THR A 1 155 ? -9.040  13.890  -10.606 1.00 16.38 ? 155 THR A CG2 1 
ATOM   1239 N N   . GLY A 1 156 ? -8.747  14.336  -5.997  1.00 14.42 ? 156 GLY A N   1 
ATOM   1240 C CA  . GLY A 1 156 ? -9.400  14.303  -4.705  1.00 14.32 ? 156 GLY A CA  1 
ATOM   1241 C C   . GLY A 1 156 ? -10.751 13.628  -4.721  1.00 14.11 ? 156 GLY A C   1 
ATOM   1242 O O   . GLY A 1 156 ? -11.564 13.859  -3.819  1.00 14.36 ? 156 GLY A O   1 
ATOM   1243 N N   . THR A 1 157 ? -11.018 12.811  -5.738  1.00 13.39 ? 157 THR A N   1 
ATOM   1244 C CA  . THR A 1 157 ? -12.252 12.048  -5.853  1.00 13.52 ? 157 THR A CA  1 
ATOM   1245 C C   . THR A 1 157 ? -11.931 10.565  -5.938  1.00 12.72 ? 157 THR A C   1 
ATOM   1246 O O   . THR A 1 157 ? -10.782 10.160  -6.130  1.00 13.31 ? 157 THR A O   1 
ATOM   1247 C CB  . THR A 1 157 ? -13.043 12.426  -7.112  1.00 13.94 ? 157 THR A CB  1 
ATOM   1248 O OG1 . THR A 1 157 ? -12.411 11.842  -8.266  1.00 15.10 ? 157 THR A OG1 1 
ATOM   1249 C CG2 . THR A 1 157 ? -13.146 13.941  -7.268  1.00 16.70 ? 157 THR A CG2 1 
ATOM   1250 N N   . TRP A 1 158 ? -12.987 9.763   -5.837  1.00 13.15 ? 158 TRP A N   1 
ATOM   1251 C CA  . TRP A 1 158 ? -12.918 8.320   -6.004  1.00 13.44 ? 158 TRP A CA  1 
ATOM   1252 C C   . TRP A 1 158 ? -13.149 7.876   -7.448  1.00 13.74 ? 158 TRP A C   1 
ATOM   1253 O O   . TRP A 1 158 ? -13.414 6.691   -7.681  1.00 13.66 ? 158 TRP A O   1 
ATOM   1254 C CB  . TRP A 1 158 ? -13.935 7.649   -5.082  1.00 14.00 ? 158 TRP A CB  1 
ATOM   1255 C CG  . TRP A 1 158 ? -13.581 7.739   -3.638  1.00 13.32 ? 158 TRP A CG  1 
ATOM   1256 C CD1 . TRP A 1 158 ? -14.261 8.407   -2.659  1.00 14.28 ? 158 TRP A CD1 1 
ATOM   1257 C CD2 . TRP A 1 158 ? -12.460 7.129   -3.003  1.00 12.56 ? 158 TRP A CD2 1 
ATOM   1258 N NE1 . TRP A 1 158 ? -13.631 8.243   -1.448  1.00 14.15 ? 158 TRP A NE1 1 
ATOM   1259 C CE2 . TRP A 1 158 ? -12.519 7.464   -1.635  1.00 13.47 ? 158 TRP A CE2 1 
ATOM   1260 C CE3 . TRP A 1 158 ? -11.412 6.327   -3.457  1.00 12.81 ? 158 TRP A CE3 1 
ATOM   1261 C CZ2 . TRP A 1 158 ? -11.574 7.018   -0.717  1.00 14.04 ? 158 TRP A CZ2 1 
ATOM   1262 C CZ3 . TRP A 1 158 ? -10.474 5.886   -2.543  1.00 13.73 ? 158 TRP A CZ3 1 
ATOM   1263 C CH2 . TRP A 1 158 ? -10.563 6.233   -1.189  1.00 13.42 ? 158 TRP A CH2 1 
ATOM   1264 N N   . ASP A 1 159 ? -13.042 8.790   -8.419  1.00 14.35 ? 159 ASP A N   1 
ATOM   1265 C CA  . ASP A 1 159 ? -13.454 8.476   -9.788  1.00 14.41 ? 159 ASP A CA  1 
ATOM   1266 C C   . ASP A 1 159 ? -12.720 7.267   -10.359 1.00 14.87 ? 159 ASP A C   1 
ATOM   1267 O O   . ASP A 1 159 ? -13.300 6.495   -11.133 1.00 16.15 ? 159 ASP A O   1 
ATOM   1268 C CB  . ASP A 1 159 ? -13.250 9.683   -10.699 1.00 16.60 ? 159 ASP A CB  1 
ATOM   1269 C CG  . ASP A 1 159 ? -14.301 10.754  -10.500 1.00 18.81 ? 159 ASP A CG  1 
ATOM   1270 O OD1 . ASP A 1 159 ? -15.234 10.547  -9.699  1.00 22.12 ? 159 ASP A OD1 1 
ATOM   1271 O OD2 . ASP A 1 159 ? -14.195 11.812  -11.160 1.00 23.60 ? 159 ASP A OD2 1 
ATOM   1272 N N   . ALA A 1 160 ? -11.443 7.087   -10.011 1.00 13.84 ? 160 ALA A N   1 
ATOM   1273 C CA  . ALA A 1 160 ? -10.682 5.984   -10.594 1.00 14.75 ? 160 ALA A CA  1 
ATOM   1274 C C   . ALA A 1 160 ? -11.118 4.627   -10.060 1.00 16.07 ? 160 ALA A C   1 
ATOM   1275 O O   . ALA A 1 160 ? -10.848 3.607   -10.705 1.00 18.62 ? 160 ALA A O   1 
ATOM   1276 C CB  . ALA A 1 160 ? -9.185  6.179   -10.357 1.00 15.40 ? 160 ALA A CB  1 
ATOM   1277 N N   . TYR A 1 161 ? -11.778 4.594   -8.905  1.00 14.27 ? 161 TYR A N   1 
ATOM   1278 C CA  . TYR A 1 161 ? -12.237 3.357   -8.284  1.00 15.25 ? 161 TYR A CA  1 
ATOM   1279 C C   . TYR A 1 161 ? -13.724 3.109   -8.478  1.00 17.71 ? 161 TYR A C   1 
ATOM   1280 O O   . TYR A 1 161 ? -14.202 2.011   -8.160  1.00 24.40 ? 161 TYR A O   1 
ATOM   1281 C CB  . TYR A 1 161 ? -11.910 3.372   -6.786  1.00 14.61 ? 161 TYR A CB  1 
ATOM   1282 C CG  . TYR A 1 161 ? -10.427 3.259   -6.533  1.00 12.86 ? 161 TYR A CG  1 
ATOM   1283 C CD1 . TYR A 1 161 ? -9.613  4.386   -6.557  1.00 12.40 ? 161 TYR A CD1 1 
ATOM   1284 C CD2 . TYR A 1 161 ? -9.826  2.019   -6.325  1.00 12.48 ? 161 TYR A CD2 1 
ATOM   1285 C CE1 . TYR A 1 161 ? -8.254  4.289   -6.371  1.00 11.44 ? 161 TYR A CE1 1 
ATOM   1286 C CE2 . TYR A 1 161 ? -8.462  1.914   -6.130  1.00 11.80 ? 161 TYR A CE2 1 
ATOM   1287 C CZ  . TYR A 1 161 ? -7.674  3.056   -6.153  1.00 11.12 ? 161 TYR A CZ  1 
ATOM   1288 O OH  . TYR A 1 161 ? -6.312  2.989   -5.959  1.00 11.69 ? 161 TYR A OH  1 
ATOM   1289 N N   . LYS A 1 162 ? -14.462 4.102   -8.962  1.00 20.55 ? 162 LYS A N   1 
ATOM   1290 C CA  . LYS A 1 162 ? -15.849 3.923   -9.366  1.00 22.40 ? 162 LYS A CA  1 
ATOM   1291 C C   . LYS A 1 162 ? -15.881 3.497   -10.828 1.00 23.21 ? 162 LYS A C   1 
ATOM   1292 O O   . LYS A 1 162 ? -16.554 2.534   -11.195 1.00 26.98 ? 162 LYS A O   1 
ATOM   1293 C CB  . LYS A 1 162 ? -16.627 5.231   -9.205  1.00 23.81 ? 162 LYS A CB  1 
ATOM   1294 C CG  . LYS A 1 162 ? -17.006 5.578   -7.774  1.00 25.63 ? 162 LYS A CG  1 
ATOM   1295 C CD  . LYS A 1 162 ? -17.602 6.983   -7.693  1.00 32.34 ? 162 LYS A CD  1 
ATOM   1296 C CE  . LYS A 1 162 ? -19.014 6.968   -7.117  1.00 36.10 ? 162 LYS A CE  1 
ATOM   1297 N NZ  . LYS A 1 162 ? -19.933 7.880   -7.860  1.00 36.91 ? 162 LYS A NZ  1 
HETATM 1298 N N12 . YGG B 2 .   ? 6.788   6.665   -1.081  1.00 25.90 ? 201 YGG A N12 1 
HETATM 1299 C C13 . YGG B 2 .   ? 2.097   10.952  0.158   1.00 14.12 ? 201 YGG A C13 1 
HETATM 1300 C C01 . YGG B 2 .   ? 1.763   11.859  2.360   1.00 14.13 ? 201 YGG A C01 1 
HETATM 1301 C C02 . YGG B 2 .   ? 2.312   10.735  2.941   1.00 13.80 ? 201 YGG A C02 1 
HETATM 1302 C C03 . YGG B 2 .   ? 2.745   9.722   2.118   1.00 14.74 ? 201 YGG A C03 1 
HETATM 1303 C C04 . YGG B 2 .   ? 2.624   9.829   0.741   1.00 13.77 ? 201 YGG A C04 1 
HETATM 1304 C C05 . YGG B 2 .   ? 3.148   8.703   -0.102  1.00 15.41 ? 201 YGG A C05 1 
HETATM 1305 C C06 . YGG B 2 .   ? 4.429   8.549   0.676   1.00 23.45 ? 201 YGG A C06 1 
HETATM 1306 C C08 . YGG B 2 .   ? 6.399   7.483   -0.122  1.00 20.52 ? 201 YGG A C08 1 
HETATM 1307 C C09 . YGG B 2 .   ? 6.379   6.818   1.088   1.00 20.76 ? 201 YGG A C09 1 
HETATM 1308 C C14 . YGG B 2 .   ? 1.662   11.966  0.984   1.00 13.99 ? 201 YGG A C14 1 
HETATM 1309 N N10 . YGG B 2 .   ? 6.806   5.601   0.860   1.00 22.93 ? 201 YGG A N10 1 
HETATM 1310 N N11 . YGG B 2 .   ? 7.071   5.479   -0.472  1.00 25.10 ? 201 YGG A N11 1 
HETATM 1311 S S07 . YGG B 2 .   ? 5.836   9.183   -0.235  1.00 19.62 ? 201 YGG A S07 1 
HETATM 1312 C C   . TRS C 3 .   ? 2.304   -5.618  -1.342  1.00 14.36 ? 202 TRS A C   1 
HETATM 1313 C C1  . TRS C 3 .   ? 3.634   -4.979  -1.744  1.00 16.87 ? 202 TRS A C1  1 
HETATM 1314 C C2  . TRS C 3 .   ? 1.287   -4.546  -0.961  1.00 15.23 ? 202 TRS A C2  1 
HETATM 1315 C C3  . TRS C 3 .   ? 1.827   -6.468  -2.517  1.00 15.80 ? 202 TRS A C3  1 
HETATM 1316 N N   . TRS C 3 .   ? 2.482   -6.464  -0.171  1.00 14.84 ? 202 TRS A N   1 
HETATM 1317 O O1  . TRS C 3 .   ? 4.251   -4.467  -0.597  1.00 19.58 ? 202 TRS A O1  1 
HETATM 1318 O O2  . TRS C 3 .   ? 1.086   -3.727  -2.073  1.00 14.93 ? 202 TRS A O2  1 
HETATM 1319 O O3  . TRS C 3 .   ? 0.635   -7.128  -2.201  1.00 16.47 ? 202 TRS A O3  1 
HETATM 1320 O O   . HOH D 4 .   ? 6.832   -11.388 7.635   1.00 18.16 ? 301 HOH A O   1 
HETATM 1321 O O   . HOH D 4 .   ? 4.770   -8.256  6.341   1.00 25.09 ? 302 HOH A O   1 
HETATM 1322 O O   . HOH D 4 .   ? 11.284  -7.973  -7.893  1.00 27.54 ? 303 HOH A O   1 
HETATM 1323 O O   . HOH D 4 .   ? 3.966   -8.611  -0.979  1.00 15.32 ? 304 HOH A O   1 
HETATM 1324 O O   . HOH D 4 .   ? 10.687  13.329  -5.829  1.00 14.73 ? 305 HOH A O   1 
HETATM 1325 O O   . HOH D 4 .   ? 7.711   5.986   10.487  1.00 21.55 ? 306 HOH A O   1 
HETATM 1326 O O   . HOH D 4 .   ? -13.725 -10.408 9.362   1.00 25.12 ? 307 HOH A O   1 
HETATM 1327 O O   . HOH D 4 .   ? 10.074  0.311   2.163   1.00 23.11 ? 308 HOH A O   1 
HETATM 1328 O O   . HOH D 4 .   ? -9.157  12.938  6.936   1.00 23.18 ? 309 HOH A O   1 
HETATM 1329 O O   . HOH D 4 .   ? -9.824  3.260   -13.142 1.00 20.18 ? 310 HOH A O   1 
HETATM 1330 O O   . HOH D 4 .   ? -7.421  -17.388 13.778  1.00 22.42 ? 311 HOH A O   1 
HETATM 1331 O O   . HOH D 4 .   ? 12.099  10.325  -11.433 1.00 18.16 ? 312 HOH A O   1 
HETATM 1332 O O   . HOH D 4 .   ? -6.472  17.878  -13.264 1.00 24.86 ? 313 HOH A O   1 
HETATM 1333 O O   . HOH D 4 .   ? -3.123  -10.580 15.762  1.00 14.15 ? 314 HOH A O   1 
HETATM 1334 O O   . HOH D 4 .   ? 0.958   19.991  7.774   1.00 21.48 ? 315 HOH A O   1 
HETATM 1335 O O   . HOH D 4 .   ? -1.544  1.342   -17.853 1.00 22.98 ? 316 HOH A O   1 
HETATM 1336 O O   . HOH D 4 .   ? 4.827   -5.238  -14.326 1.00 16.69 ? 317 HOH A O   1 
HETATM 1337 O O   . HOH D 4 .   ? 6.767   -21.607 -4.711  1.00 27.54 ? 318 HOH A O   1 
HETATM 1338 O O   . HOH D 4 .   ? -11.126 15.557  -1.568  1.00 18.22 ? 319 HOH A O   1 
HETATM 1339 O O   . HOH D 4 .   ? -3.933  11.639  -13.112 1.00 23.23 ? 320 HOH A O   1 
HETATM 1340 O O   . HOH D 4 .   ? 14.318  18.352  -3.394  1.00 22.93 ? 321 HOH A O   1 
HETATM 1341 O O   . HOH D 4 .   ? 2.066   -21.730 7.077   1.00 16.74 ? 322 HOH A O   1 
HETATM 1342 O O   . HOH D 4 .   ? -11.158 -18.019 11.001  1.00 24.85 ? 323 HOH A O   1 
HETATM 1343 O O   . HOH D 4 .   ? -1.825  19.161  0.588   1.00 13.75 ? 324 HOH A O   1 
HETATM 1344 O O   . HOH D 4 .   ? -16.411 -0.182  3.799   1.00 25.60 ? 325 HOH A O   1 
HETATM 1345 O O   . HOH D 4 .   ? 7.899   16.927  10.806  1.00 28.29 ? 326 HOH A O   1 
HETATM 1346 O O   . HOH D 4 .   ? 4.072   -11.394 8.302   1.00 22.39 ? 327 HOH A O   1 
HETATM 1347 O O   . HOH D 4 .   ? 0.257   21.614  -10.384 1.00 18.84 ? 328 HOH A O   1 
HETATM 1348 O O   . HOH D 4 .   ? 8.083   16.873  4.494   1.00 24.65 ? 329 HOH A O   1 
HETATM 1349 O O   . HOH D 4 .   ? 9.398   -14.164 -1.316  1.00 15.09 ? 330 HOH A O   1 
HETATM 1350 O O   . HOH D 4 .   ? 6.953   -25.704 1.868   1.00 26.91 ? 331 HOH A O   1 
HETATM 1351 O O   . HOH D 4 .   ? -11.666 17.349  -8.563  1.00 21.48 ? 332 HOH A O   1 
HETATM 1352 O O   . HOH D 4 .   ? -0.324  -3.332  -7.394  1.00 25.71 ? 333 HOH A O   1 
HETATM 1353 O O   . HOH D 4 .   ? 9.265   3.478   0.209   1.00 22.80 ? 334 HOH A O   1 
HETATM 1354 O O   . HOH D 4 .   ? -4.337  -24.712 12.429  1.00 22.20 ? 335 HOH A O   1 
HETATM 1355 O O   . HOH D 4 .   ? -9.407  -21.040 3.449   1.00 23.21 ? 336 HOH A O   1 
HETATM 1356 O O   . HOH D 4 .   ? -10.644 -0.938  10.982  1.00 13.75 ? 337 HOH A O   1 
HETATM 1357 O O   . HOH D 4 .   ? -5.426  9.695   9.703   1.00 26.56 ? 338 HOH A O   1 
HETATM 1358 O O   . HOH D 4 .   ? -9.910  8.149   -7.805  1.00 15.66 ? 339 HOH A O   1 
HETATM 1359 O O   . HOH D 4 .   ? 0.190   -21.661 -2.113  1.00 26.90 ? 340 HOH A O   1 
HETATM 1360 O O   . HOH D 4 .   ? -3.170  -7.458  4.400   1.00 13.75 ? 341 HOH A O   1 
HETATM 1361 O O   . HOH D 4 .   ? -3.988  -3.614  -8.641  1.00 20.97 ? 342 HOH A O   1 
HETATM 1362 O O   . HOH D 4 .   ? -1.404  -19.424 -4.883  1.00 26.56 ? 343 HOH A O   1 
HETATM 1363 O O   . HOH D 4 .   ? 9.839   -15.653 -3.759  1.00 24.72 ? 344 HOH A O   1 
HETATM 1364 O O   . HOH D 4 .   ? 4.469   0.365   -17.692 1.00 19.78 ? 345 HOH A O   1 
HETATM 1365 O O   . HOH D 4 .   ? -7.540  19.017  -9.114  1.00 17.56 ? 346 HOH A O   1 
HETATM 1366 O O   . HOH D 4 .   ? 5.521   18.160  -12.430 1.00 18.32 ? 347 HOH A O   1 
HETATM 1367 O O   . HOH D 4 .   ? -0.825  22.593  2.584   1.00 20.41 ? 348 HOH A O   1 
HETATM 1368 O O   . HOH D 4 .   ? -14.144 14.079  -2.805  1.00 22.44 ? 349 HOH A O   1 
HETATM 1369 O O   . HOH D 4 .   ? 9.169   -20.328 -6.313  1.00 28.20 ? 350 HOH A O   1 
HETATM 1370 O O   . HOH D 4 .   ? 9.656   -15.391 -7.307  1.00 22.35 ? 351 HOH A O   1 
HETATM 1371 O O   . HOH D 4 .   ? 0.154   2.646   -4.243  1.00 13.75 ? 352 HOH A O   1 
HETATM 1372 O O   . HOH D 4 .   ? -3.521  22.591  -8.226  1.00 20.32 ? 353 HOH A O   1 
HETATM 1373 O O   . HOH D 4 .   ? 12.232  6.365   -3.946  1.00 22.67 ? 354 HOH A O   1 
HETATM 1374 O O   . HOH D 4 .   ? -17.060 3.827   4.467   1.00 20.14 ? 355 HOH A O   1 
HETATM 1375 O O   . HOH D 4 .   ? -18.475 3.124   0.817   1.00 28.01 ? 356 HOH A O   1 
HETATM 1376 O O   . HOH D 4 .   ? -9.534  -6.857  -6.706  1.00 24.71 ? 357 HOH A O   1 
HETATM 1377 O O   . HOH D 4 .   ? 6.842   -6.131  -3.169  1.00 24.80 ? 358 HOH A O   1 
HETATM 1378 O O   . HOH D 4 .   ? -4.532  -9.888  4.430   1.00 13.75 ? 359 HOH A O   1 
HETATM 1379 O O   . HOH D 4 .   ? -5.534  -15.292 14.072  1.00 22.74 ? 360 HOH A O   1 
HETATM 1380 O O   . HOH D 4 .   ? -11.446 -10.359 10.942  1.00 18.67 ? 361 HOH A O   1 
HETATM 1381 O O   . HOH D 4 .   ? 8.390   -9.671  -11.124 1.00 18.21 ? 362 HOH A O   1 
HETATM 1382 O O   . HOH D 4 .   ? 2.652   -25.743 -0.085  1.00 31.12 ? 363 HOH A O   1 
HETATM 1383 O O   . HOH D 4 .   ? -0.130  -10.622 13.198  1.00 13.75 ? 364 HOH A O   1 
HETATM 1384 O O   . HOH D 4 .   ? -10.326 -5.532  7.655   1.00 18.42 ? 365 HOH A O   1 
HETATM 1385 O O   . HOH D 4 .   ? 14.110  7.448   2.196   1.00 25.53 ? 366 HOH A O   1 
HETATM 1386 O O   . HOH D 4 .   ? -0.465  -7.871  10.194  1.00 18.24 ? 367 HOH A O   1 
HETATM 1387 O O   . HOH D 4 .   ? 0.556   11.297  -14.205 1.00 20.17 ? 368 HOH A O   1 
HETATM 1388 O O   . HOH D 4 .   ? 9.342   0.573   5.459   1.00 29.29 ? 369 HOH A O   1 
HETATM 1389 O O   . HOH D 4 .   ? 8.282   7.075   -15.893 1.00 22.63 ? 370 HOH A O   1 
HETATM 1390 O O   . HOH D 4 .   ? -1.035  -2.592  13.326  1.00 22.05 ? 371 HOH A O   1 
HETATM 1391 O O   . HOH D 4 .   ? -3.432  -12.656 13.744  1.00 19.54 ? 372 HOH A O   1 
HETATM 1392 O O   . HOH D 4 .   ? 0.583   -14.929 -7.799  1.00 25.96 ? 373 HOH A O   1 
HETATM 1393 O O   . HOH D 4 .   ? -5.821  2.654   -14.026 1.00 17.51 ? 374 HOH A O   1 
HETATM 1394 O O   . HOH D 4 .   ? -3.180  21.226  -10.442 1.00 17.25 ? 375 HOH A O   1 
HETATM 1395 O O   . HOH D 4 .   ? -15.290 8.762   0.909   1.00 21.19 ? 376 HOH A O   1 
HETATM 1396 O O   . HOH D 4 .   ? 11.168  -22.108 7.821   1.00 23.25 ? 377 HOH A O   1 
HETATM 1397 O O   . HOH D 4 .   ? 2.465   -15.062 17.257  1.00 13.75 ? 378 HOH A O   1 
HETATM 1398 O O   . HOH D 4 .   ? -8.362  -17.738 -2.411  1.00 22.84 ? 379 HOH A O   1 
HETATM 1399 O O   . HOH D 4 .   ? 5.379   -0.977  -8.559  1.00 19.88 ? 380 HOH A O   1 
HETATM 1400 O O   . HOH D 4 .   ? 4.902   11.928  -16.061 1.00 20.63 ? 381 HOH A O   1 
HETATM 1401 O O   . HOH D 4 .   ? -5.130  -23.597 7.570   1.00 19.25 ? 382 HOH A O   1 
HETATM 1402 O O   . HOH D 4 .   ? 12.207  -10.739 3.970   1.00 24.82 ? 383 HOH A O   1 
HETATM 1403 O O   . HOH D 4 .   ? -3.535  8.878   -13.592 1.00 20.05 ? 384 HOH A O   1 
HETATM 1404 O O   . HOH D 4 .   ? 11.076  10.289  10.972  1.00 25.76 ? 385 HOH A O   1 
HETATM 1405 O O   . HOH D 4 .   ? -12.908 -18.330 4.791   1.00 24.48 ? 386 HOH A O   1 
HETATM 1406 O O   . HOH D 4 .   ? -8.024  1.209   -13.365 1.00 16.52 ? 387 HOH A O   1 
HETATM 1407 O O   . HOH D 4 .   ? -15.472 11.101  -5.047  1.00 18.45 ? 388 HOH A O   1 
HETATM 1408 O O   . HOH D 4 .   ? -1.246  15.846  -14.343 1.00 22.61 ? 389 HOH A O   1 
HETATM 1409 O O   . HOH D 4 .   ? -13.643 -16.639 7.525   1.00 22.41 ? 390 HOH A O   1 
HETATM 1410 O O   . HOH D 4 .   ? 11.084  -22.782 -1.636  1.00 28.28 ? 391 HOH A O   1 
HETATM 1411 O O   . HOH D 4 .   ? 11.136  -24.010 1.200   1.00 24.14 ? 392 HOH A O   1 
HETATM 1412 O O   . HOH D 4 .   ? -1.995  -24.981 15.151  1.00 25.74 ? 393 HOH A O   1 
HETATM 1413 O O   . HOH D 4 .   ? 11.627  15.146  -15.360 1.00 27.43 ? 394 HOH A O   1 
HETATM 1414 O O   . HOH D 4 .   ? 1.715   -1.971  6.229   1.00 23.90 ? 395 HOH A O   1 
HETATM 1415 O O   . HOH D 4 .   ? -13.557 -3.067  -2.366  1.00 24.76 ? 396 HOH A O   1 
HETATM 1416 O O   . HOH D 4 .   ? 2.508   -6.163  3.469   1.00 23.35 ? 397 HOH A O   1 
HETATM 1417 O O   . HOH D 4 .   ? -8.669  -11.342 -5.831  1.00 25.51 ? 398 HOH A O   1 
HETATM 1418 O O   . HOH D 4 .   ? 9.786   0.326   -6.947  1.00 24.26 ? 399 HOH A O   1 
HETATM 1419 O O   . HOH D 4 .   ? -5.724  20.357  -10.714 1.00 19.13 ? 400 HOH A O   1 
HETATM 1420 O O   . HOH D 4 .   ? 14.384  -20.770 5.019   1.00 28.95 ? 401 HOH A O   1 
HETATM 1421 O O   . HOH D 4 .   ? 8.715   -3.690  0.131   1.00 28.49 ? 402 HOH A O   1 
HETATM 1422 O O   . HOH D 4 .   ? 8.113   16.529  -12.579 1.00 13.75 ? 403 HOH A O   1 
HETATM 1423 O O   . HOH D 4 .   ? 7.823   -23.925 7.671   1.00 26.92 ? 404 HOH A O   1 
HETATM 1424 O O   . HOH D 4 .   ? -7.690  -22.399 6.942   1.00 25.30 ? 405 HOH A O   1 
HETATM 1425 O O   . HOH D 4 .   ? -14.365 3.901   -13.354 1.00 32.53 ? 406 HOH A O   1 
HETATM 1426 O O   . HOH D 4 .   ? 2.523   -17.044 -7.772  1.00 29.42 ? 407 HOH A O   1 
HETATM 1427 O O   . HOH D 4 .   ? -4.315  -11.232 -5.772  1.00 27.97 ? 408 HOH A O   1 
HETATM 1428 O O   . HOH D 4 .   ? 1.624   19.499  -14.831 1.00 24.34 ? 409 HOH A O   1 
HETATM 1429 O O   . HOH D 4 .   ? 7.392   18.039  1.733   1.00 27.58 ? 410 HOH A O   1 
HETATM 1430 O O   . HOH D 4 .   ? -9.006  -22.970 9.344   1.00 28.14 ? 411 HOH A O   1 
HETATM 1431 O O   . HOH D 4 .   ? -13.464 -18.430 9.691   1.00 29.23 ? 412 HOH A O   1 
HETATM 1432 O O   . HOH D 4 .   ? 6.001   9.790   -17.001 1.00 29.11 ? 413 HOH A O   1 
HETATM 1433 O O   . HOH D 4 .   ? 11.229  7.877   -14.858 1.00 13.75 ? 414 HOH A O   1 
HETATM 1434 O O   . HOH D 4 .   ? -5.895  -13.307 12.365  1.00 25.17 ? 415 HOH A O   1 
HETATM 1435 O O   . HOH D 4 .   ? -1.606  13.021  -14.545 1.00 25.19 ? 416 HOH A O   1 
HETATM 1436 O O   . HOH D 4 .   ? -0.845  8.873   -14.228 1.00 23.44 ? 417 HOH A O   1 
HETATM 1437 O O   . HOH D 4 .   ? -11.034 -11.483 13.489  1.00 20.64 ? 418 HOH A O   1 
HETATM 1438 O O   . HOH D 4 .   ? 2.435   -17.846 17.624  1.00 25.47 ? 419 HOH A O   1 
HETATM 1439 O O   . HOH D 4 .   ? -9.289  -23.179 4.982   1.00 26.02 ? 420 HOH A O   1 
HETATM 1440 O O   . HOH D 4 .   ? 2.162   11.582  -16.508 1.00 26.66 ? 421 HOH A O   1 
HETATM 1441 O O   . HOH D 4 .   ? 4.524   19.195  -14.827 1.00 25.49 ? 422 HOH A O   1 
HETATM 1442 O O   . HOH D 4 .   ? -1.366  -4.037  -9.629  1.00 22.47 ? 423 HOH A O   1 
# 
loop_
_pdbx_poly_seq_scheme.asym_id 
_pdbx_poly_seq_scheme.entity_id 
_pdbx_poly_seq_scheme.seq_id 
_pdbx_poly_seq_scheme.mon_id 
_pdbx_poly_seq_scheme.ndb_seq_num 
_pdbx_poly_seq_scheme.pdb_seq_num 
_pdbx_poly_seq_scheme.auth_seq_num 
_pdbx_poly_seq_scheme.pdb_mon_id 
_pdbx_poly_seq_scheme.auth_mon_id 
_pdbx_poly_seq_scheme.pdb_strand_id 
_pdbx_poly_seq_scheme.pdb_ins_code 
_pdbx_poly_seq_scheme.hetero 
A 1 1   MET 1   1   1   MET MET A . n 
A 1 2   ASN 2   2   2   ASN ASN A . n 
A 1 3   ILE 3   3   3   ILE ILE A . n 
A 1 4   PHE 4   4   4   PHE PHE A . n 
A 1 5   GLU 5   5   5   GLU GLU A . n 
A 1 6   MET 6   6   6   MET MET A . n 
A 1 7   LEU 7   7   7   LEU LEU A . n 
A 1 8   ARG 8   8   8   ARG ARG A . n 
A 1 9   ILE 9   9   9   ILE ILE A . n 
A 1 10  ASP 10  10  10  ASP ASP A . n 
A 1 11  GLU 11  11  11  GLU GLU A . n 
A 1 12  GLY 12  12  12  GLY GLY A . n 
A 1 13  LEU 13  13  13  LEU LEU A . n 
A 1 14  ARG 14  14  14  ARG ARG A . n 
A 1 15  LEU 15  15  15  LEU LEU A . n 
A 1 16  LYS 16  16  16  LYS LYS A . n 
A 1 17  ILE 17  17  17  ILE ILE A . n 
A 1 18  TYR 18  18  18  TYR TYR A . n 
A 1 19  LYS 19  19  19  LYS LYS A . n 
A 1 20  ASP 20  20  20  ASP ASP A . n 
A 1 21  THR 21  21  21  THR THR A . n 
A 1 22  GLU 22  22  22  GLU GLU A . n 
A 1 23  GLY 23  23  23  GLY GLY A . n 
A 1 24  TYR 24  24  24  TYR TYR A . n 
A 1 25  TYR 25  25  25  TYR TYR A . n 
A 1 26  THR 26  26  26  THR THR A . n 
A 1 27  ILE 27  27  27  ILE ILE A . n 
A 1 28  GLY 28  28  28  GLY GLY A . n 
A 1 29  ILE 29  29  29  ILE ILE A . n 
A 1 30  GLY 30  30  30  GLY GLY A . n 
A 1 31  HIS 31  31  31  HIS HIS A . n 
A 1 32  LEU 32  32  32  LEU LEU A . n 
A 1 33  LEU 33  33  33  LEU LEU A . n 
A 1 34  THR 34  34  34  THR THR A . n 
A 1 35  LYS 35  35  35  LYS LYS A . n 
A 1 36  SER 36  36  36  SER SER A . n 
A 1 37  PRO 37  37  37  PRO PRO A . n 
A 1 38  SER 38  38  38  SER SER A . n 
A 1 39  LEU 39  39  39  LEU LEU A . n 
A 1 40  ASN 40  40  40  ASN ASN A . n 
A 1 41  ALA 41  41  41  ALA ALA A . n 
A 1 42  ALA 42  42  42  ALA ALA A . n 
A 1 43  LYS 43  43  43  LYS LYS A . n 
A 1 44  SER 44  44  44  SER SER A . n 
A 1 45  GLU 45  45  45  GLU GLU A . n 
A 1 46  LEU 46  46  46  LEU LEU A . n 
A 1 47  ASP 47  47  47  ASP ASP A . n 
A 1 48  LYS 48  48  48  LYS LYS A . n 
A 1 49  ALA 49  49  49  ALA ALA A . n 
A 1 50  ILE 50  50  50  ILE ILE A . n 
A 1 51  GLY 51  51  51  GLY GLY A . n 
A 1 52  ARG 52  52  52  ARG ARG A . n 
A 1 53  ASN 53  53  53  ASN ASN A . n 
A 1 54  CYS 54  54  54  CYS CYS A . n 
A 1 55  ASN 55  55  55  ASN ASN A . n 
A 1 56  GLY 56  56  56  GLY GLY A . n 
A 1 57  VAL 57  57  57  VAL VAL A . n 
A 1 58  ILE 58  58  58  ILE ILE A . n 
A 1 59  THR 59  59  59  THR THR A . n 
A 1 60  LYS 60  60  60  LYS LYS A . n 
A 1 61  ASP 61  61  61  ASP ASP A . n 
A 1 62  GLU 62  62  62  GLU GLU A . n 
A 1 63  ALA 63  63  63  ALA ALA A . n 
A 1 64  GLU 64  64  64  GLU GLU A . n 
A 1 65  LYS 65  65  65  LYS LYS A . n 
A 1 66  LEU 66  66  66  LEU LEU A . n 
A 1 67  PHE 67  67  67  PHE PHE A . n 
A 1 68  ASN 68  68  68  ASN ASN A . n 
A 1 69  GLN 69  69  69  GLN GLN A . n 
A 1 70  ASP 70  70  70  ASP ASP A . n 
A 1 71  VAL 71  71  71  VAL VAL A . n 
A 1 72  ASP 72  72  72  ASP ASP A . n 
A 1 73  ALA 73  73  73  ALA ALA A . n 
A 1 74  ALA 74  74  74  ALA ALA A . n 
A 1 75  VAL 75  75  75  VAL VAL A . n 
A 1 76  ARG 76  76  76  ARG ARG A . n 
A 1 77  GLY 77  77  77  GLY GLY A . n 
A 1 78  ILE 78  78  78  ILE ILE A . n 
A 1 79  LEU 79  79  79  LEU LEU A . n 
A 1 80  ARG 80  80  80  ARG ARG A . n 
A 1 81  ASN 81  81  81  ASN ASN A . n 
A 1 82  ALA 82  82  82  ALA ALA A . n 
A 1 83  LYS 83  83  83  LYS LYS A . n 
A 1 84  LEU 84  84  84  LEU LEU A . n 
A 1 85  LYS 85  85  85  LYS LYS A . n 
A 1 86  PRO 86  86  86  PRO PRO A . n 
A 1 87  VAL 87  87  87  VAL VAL A . n 
A 1 88  TYR 88  88  88  TYR TYR A . n 
A 1 89  ASP 89  89  89  ASP ASP A . n 
A 1 90  SER 90  90  90  SER SER A . n 
A 1 91  LEU 91  91  91  LEU LEU A . n 
A 1 92  ASP 92  92  92  ASP ASP A . n 
A 1 93  ALA 93  93  93  ALA ALA A . n 
A 1 94  VAL 94  94  94  VAL VAL A . n 
A 1 95  ARG 95  95  95  ARG ARG A . n 
A 1 96  ARG 96  96  96  ARG ARG A . n 
A 1 97  CYS 97  97  97  CYS CYS A . n 
A 1 98  ALA 98  98  98  ALA ALA A . n 
A 1 99  ALA 99  99  99  ALA ALA A . n 
A 1 100 ILE 100 100 100 ILE ILE A . n 
A 1 101 ASN 101 101 101 ASN ASN A . n 
A 1 102 MET 102 102 102 MET MET A . n 
A 1 103 VAL 103 103 103 VAL VAL A . n 
A 1 104 PHE 104 104 104 PHE PHE A . n 
A 1 105 GLN 105 105 105 GLN GLN A . n 
A 1 106 MET 106 106 106 MET MET A . n 
A 1 107 GLY 107 107 107 GLY GLY A . n 
A 1 108 GLU 108 108 108 GLU GLU A . n 
A 1 109 THR 109 109 109 THR THR A . n 
A 1 110 GLY 110 110 110 GLY GLY A . n 
A 1 111 VAL 111 111 111 VAL VAL A . n 
A 1 112 ALA 112 112 112 ALA ALA A . n 
A 1 113 GLY 113 113 113 GLY GLY A . n 
A 1 114 PHE 114 114 114 PHE PHE A . n 
A 1 115 THR 115 115 115 THR THR A . n 
A 1 116 ASN 116 116 116 ASN ASN A . n 
A 1 117 SER 117 117 117 SER SER A . n 
A 1 118 LEU 118 118 118 LEU LEU A . n 
A 1 119 ARG 119 119 119 ARG ARG A . n 
A 1 120 MET 120 120 120 MET MET A . n 
A 1 121 LEU 121 121 121 LEU LEU A . n 
A 1 122 GLN 122 122 122 GLN GLN A . n 
A 1 123 GLN 123 123 123 GLN GLN A . n 
A 1 124 LYS 124 124 124 LYS LYS A . n 
A 1 125 ARG 125 125 125 ARG ARG A . n 
A 1 126 TRP 126 126 126 TRP TRP A . n 
A 1 127 ASP 127 127 127 ASP ASP A . n 
A 1 128 GLU 128 128 128 GLU GLU A . n 
A 1 129 ALA 129 129 129 ALA ALA A . n 
A 1 130 ALA 130 130 130 ALA ALA A . n 
A 1 131 VAL 131 131 131 VAL VAL A . n 
A 1 132 ASN 132 132 132 ASN ASN A . n 
A 1 133 LEU 133 133 133 LEU LEU A . n 
A 1 134 ALA 134 134 134 ALA ALA A . n 
A 1 135 LYS 135 135 135 LYS LYS A . n 
A 1 136 SER 136 136 136 SER SER A . n 
A 1 137 ARG 137 137 137 ARG ARG A . n 
A 1 138 TRP 138 138 138 TRP TRP A . n 
A 1 139 TYR 139 139 139 TYR TYR A . n 
A 1 140 ASN 140 140 140 ASN ASN A . n 
A 1 141 GLN 141 141 141 GLN GLN A . n 
A 1 142 THR 142 142 142 THR THR A . n 
A 1 143 PRO 143 143 143 PRO PRO A . n 
A 1 144 ASN 144 144 144 ASN ASN A . n 
A 1 145 ARG 145 145 145 ARG ARG A . n 
A 1 146 ALA 146 146 146 ALA ALA A . n 
A 1 147 LYS 147 147 147 LYS LYS A . n 
A 1 148 ARG 148 148 148 ARG ARG A . n 
A 1 149 VAL 149 149 149 VAL VAL A . n 
A 1 150 ILE 150 150 150 ILE ILE A . n 
A 1 151 THR 151 151 151 THR THR A . n 
A 1 152 THR 152 152 152 THR THR A . n 
A 1 153 PHE 153 153 153 PHE PHE A . n 
A 1 154 ARG 154 154 154 ARG ARG A . n 
A 1 155 THR 155 155 155 THR THR A . n 
A 1 156 GLY 156 156 156 GLY GLY A . n 
A 1 157 THR 157 157 157 THR THR A . n 
A 1 158 TRP 158 158 158 TRP TRP A . n 
A 1 159 ASP 159 159 159 ASP ASP A . n 
A 1 160 ALA 160 160 160 ALA ALA A . n 
A 1 161 TYR 161 161 161 TYR TYR A . n 
A 1 162 LYS 162 162 162 LYS LYS A . n 
A 1 163 ASN 163 163 ?   ?   ?   A . n 
A 1 164 LEU 164 164 ?   ?   ?   A . n 
A 1 165 LEU 165 165 ?   ?   ?   A . n 
A 1 166 GLU 166 166 ?   ?   ?   A . n 
A 1 167 HIS 167 167 ?   ?   ?   A . n 
A 1 168 HIS 168 168 ?   ?   ?   A . n 
A 1 169 HIS 169 169 ?   ?   ?   A . n 
A 1 170 HIS 170 170 ?   ?   ?   A . n 
A 1 171 HIS 171 171 ?   ?   ?   A . n 
A 1 172 HIS 172 172 ?   ?   ?   A . n 
# 
loop_
_pdbx_nonpoly_scheme.asym_id 
_pdbx_nonpoly_scheme.entity_id 
_pdbx_nonpoly_scheme.mon_id 
_pdbx_nonpoly_scheme.ndb_seq_num 
_pdbx_nonpoly_scheme.pdb_seq_num 
_pdbx_nonpoly_scheme.auth_seq_num 
_pdbx_nonpoly_scheme.pdb_mon_id 
_pdbx_nonpoly_scheme.auth_mon_id 
_pdbx_nonpoly_scheme.pdb_strand_id 
_pdbx_nonpoly_scheme.pdb_ins_code 
B 2 YGG 1   201 201 YGG LIG A . 
C 3 TRS 1   202 210 TRS TRS A . 
D 4 HOH 1   301 22  HOH HOH A . 
D 4 HOH 2   302 114 HOH HOH A . 
D 4 HOH 3   303 133 HOH HOH A . 
D 4 HOH 4   304 32  HOH HOH A . 
D 4 HOH 5   305 15  HOH HOH A . 
D 4 HOH 6   306 73  HOH HOH A . 
D 4 HOH 7   307 125 HOH HOH A . 
D 4 HOH 8   308 93  HOH HOH A . 
D 4 HOH 9   309 107 HOH HOH A . 
D 4 HOH 10  310 25  HOH HOH A . 
D 4 HOH 11  311 65  HOH HOH A . 
D 4 HOH 12  312 78  HOH HOH A . 
D 4 HOH 13  313 79  HOH HOH A . 
D 4 HOH 14  314 42  HOH HOH A . 
D 4 HOH 15  315 56  HOH HOH A . 
D 4 HOH 16  316 91  HOH HOH A . 
D 4 HOH 17  317 40  HOH HOH A . 
D 4 HOH 18  318 104 HOH HOH A . 
D 4 HOH 19  319 53  HOH HOH A . 
D 4 HOH 20  320 87  HOH HOH A . 
D 4 HOH 21  321 74  HOH HOH A . 
D 4 HOH 22  322 14  HOH HOH A . 
D 4 HOH 23  323 43  HOH HOH A . 
D 4 HOH 24  324 13  HOH HOH A . 
D 4 HOH 25  325 134 HOH HOH A . 
D 4 HOH 26  326 35  HOH HOH A . 
D 4 HOH 27  327 54  HOH HOH A . 
D 4 HOH 28  328 29  HOH HOH A . 
D 4 HOH 29  329 61  HOH HOH A . 
D 4 HOH 30  330 12  HOH HOH A . 
D 4 HOH 31  331 130 HOH HOH A . 
D 4 HOH 32  332 26  HOH HOH A . 
D 4 HOH 33  333 39  HOH HOH A . 
D 4 HOH 34  334 117 HOH HOH A . 
D 4 HOH 35  335 83  HOH HOH A . 
D 4 HOH 36  336 50  HOH HOH A . 
D 4 HOH 37  337 11  HOH HOH A . 
D 4 HOH 38  338 75  HOH HOH A . 
D 4 HOH 39  339 5   HOH HOH A . 
D 4 HOH 40  340 111 HOH HOH A . 
D 4 HOH 41  341 3   HOH HOH A . 
D 4 HOH 42  342 62  HOH HOH A . 
D 4 HOH 43  343 119 HOH HOH A . 
D 4 HOH 44  344 118 HOH HOH A . 
D 4 HOH 45  345 70  HOH HOH A . 
D 4 HOH 46  346 16  HOH HOH A . 
D 4 HOH 47  347 34  HOH HOH A . 
D 4 HOH 48  348 49  HOH HOH A . 
D 4 HOH 49  349 71  HOH HOH A . 
D 4 HOH 50  350 131 HOH HOH A . 
D 4 HOH 51  351 48  HOH HOH A . 
D 4 HOH 52  352 7   HOH HOH A . 
D 4 HOH 53  353 59  HOH HOH A . 
D 4 HOH 54  354 100 HOH HOH A . 
D 4 HOH 55  355 81  HOH HOH A . 
D 4 HOH 56  356 72  HOH HOH A . 
D 4 HOH 57  357 95  HOH HOH A . 
D 4 HOH 58  358 98  HOH HOH A . 
D 4 HOH 59  359 6   HOH HOH A . 
D 4 HOH 60  360 113 HOH HOH A . 
D 4 HOH 61  361 63  HOH HOH A . 
D 4 HOH 62  362 18  HOH HOH A . 
D 4 HOH 63  363 136 HOH HOH A . 
D 4 HOH 64  364 4   HOH HOH A . 
D 4 HOH 65  365 41  HOH HOH A . 
D 4 HOH 66  366 127 HOH HOH A . 
D 4 HOH 67  367 23  HOH HOH A . 
D 4 HOH 68  368 58  HOH HOH A . 
D 4 HOH 69  369 122 HOH HOH A . 
D 4 HOH 70  370 89  HOH HOH A . 
D 4 HOH 71  371 31  HOH HOH A . 
D 4 HOH 72  372 20  HOH HOH A . 
D 4 HOH 73  373 38  HOH HOH A . 
D 4 HOH 74  374 37  HOH HOH A . 
D 4 HOH 75  375 21  HOH HOH A . 
D 4 HOH 76  376 97  HOH HOH A . 
D 4 HOH 77  377 55  HOH HOH A . 
D 4 HOH 78  378 17  HOH HOH A . 
D 4 HOH 79  379 36  HOH HOH A . 
D 4 HOH 80  380 67  HOH HOH A . 
D 4 HOH 81  381 44  HOH HOH A . 
D 4 HOH 82  382 27  HOH HOH A . 
D 4 HOH 83  383 66  HOH HOH A . 
D 4 HOH 84  384 84  HOH HOH A . 
D 4 HOH 85  385 92  HOH HOH A . 
D 4 HOH 86  386 57  HOH HOH A . 
D 4 HOH 87  387 8   HOH HOH A . 
D 4 HOH 88  388 10  HOH HOH A . 
D 4 HOH 89  389 52  HOH HOH A . 
D 4 HOH 90  390 24  HOH HOH A . 
D 4 HOH 91  391 115 HOH HOH A . 
D 4 HOH 92  392 108 HOH HOH A . 
D 4 HOH 93  393 88  HOH HOH A . 
D 4 HOH 94  394 109 HOH HOH A . 
D 4 HOH 95  395 60  HOH HOH A . 
D 4 HOH 96  396 123 HOH HOH A . 
D 4 HOH 97  397 1   HOH HOH A . 
D 4 HOH 98  398 64  HOH HOH A . 
D 4 HOH 99  399 33  HOH HOH A . 
D 4 HOH 100 400 45  HOH HOH A . 
D 4 HOH 101 401 121 HOH HOH A . 
D 4 HOH 102 402 99  HOH HOH A . 
D 4 HOH 103 403 2   HOH HOH A . 
D 4 HOH 104 404 128 HOH HOH A . 
D 4 HOH 105 405 76  HOH HOH A . 
D 4 HOH 106 406 126 HOH HOH A . 
D 4 HOH 107 407 77  HOH HOH A . 
D 4 HOH 108 408 69  HOH HOH A . 
D 4 HOH 109 409 139 HOH HOH A . 
D 4 HOH 110 410 112 HOH HOH A . 
D 4 HOH 111 411 110 HOH HOH A . 
D 4 HOH 112 412 135 HOH HOH A . 
D 4 HOH 113 413 129 HOH HOH A . 
D 4 HOH 114 414 138 HOH HOH A . 
D 4 HOH 115 415 68  HOH HOH A . 
D 4 HOH 116 416 106 HOH HOH A . 
D 4 HOH 117 417 82  HOH HOH A . 
D 4 HOH 118 418 47  HOH HOH A . 
D 4 HOH 119 419 30  HOH HOH A . 
D 4 HOH 120 420 103 HOH HOH A . 
D 4 HOH 121 421 90  HOH HOH A . 
D 4 HOH 122 422 101 HOH HOH A . 
D 4 HOH 123 423 80  HOH HOH A . 
# 
_pdbx_struct_assembly.id                   1 
_pdbx_struct_assembly.details              author_and_software_defined_assembly 
_pdbx_struct_assembly.method_details       PISA 
_pdbx_struct_assembly.oligomeric_details   monomeric 
_pdbx_struct_assembly.oligomeric_count     1 
# 
_pdbx_struct_assembly_gen.assembly_id       1 
_pdbx_struct_assembly_gen.oper_expression   1 
_pdbx_struct_assembly_gen.asym_id_list      A,B,C,D 
# 
_pdbx_struct_oper_list.id                   1 
_pdbx_struct_oper_list.type                 'identity operation' 
_pdbx_struct_oper_list.name                 1_555 
_pdbx_struct_oper_list.symmetry_operation   x,y,z 
_pdbx_struct_oper_list.matrix[1][1]         1.0000000000 
_pdbx_struct_oper_list.matrix[1][2]         0.0000000000 
_pdbx_struct_oper_list.matrix[1][3]         0.0000000000 
_pdbx_struct_oper_list.vector[1]            0.0000000000 
_pdbx_struct_oper_list.matrix[2][1]         0.0000000000 
_pdbx_struct_oper_list.matrix[2][2]         1.0000000000 
_pdbx_struct_oper_list.matrix[2][3]         0.0000000000 
_pdbx_struct_oper_list.vector[2]            0.0000000000 
_pdbx_struct_oper_list.matrix[3][1]         0.0000000000 
_pdbx_struct_oper_list.matrix[3][2]         0.0000000000 
_pdbx_struct_oper_list.matrix[3][3]         1.0000000000 
_pdbx_struct_oper_list.vector[3]            0.0000000000 
# 
loop_
_pdbx_audit_revision_history.ordinal 
_pdbx_audit_revision_history.data_content_type 
_pdbx_audit_revision_history.major_revision 
_pdbx_audit_revision_history.minor_revision 
_pdbx_audit_revision_history.revision_date 
1 'Structure model' 1 0 2021-09-29 
2 'Structure model' 1 1 2021-12-08 
3 'Structure model' 1 2 2023-10-18 
# 
_pdbx_audit_revision_details.ordinal             1 
_pdbx_audit_revision_details.revision_ordinal    1 
_pdbx_audit_revision_details.data_content_type   'Structure model' 
_pdbx_audit_revision_details.provider            repository 
_pdbx_audit_revision_details.type                'Initial release' 
_pdbx_audit_revision_details.description         ? 
_pdbx_audit_revision_details.details             ? 
# 
loop_
_pdbx_audit_revision_group.ordinal 
_pdbx_audit_revision_group.revision_ordinal 
_pdbx_audit_revision_group.data_content_type 
_pdbx_audit_revision_group.group 
1 2 'Structure model' 'Database references'    
2 3 'Structure model' 'Data collection'        
3 3 'Structure model' 'Refinement description' 
# 
loop_
_pdbx_audit_revision_category.ordinal 
_pdbx_audit_revision_category.revision_ordinal 
_pdbx_audit_revision_category.data_content_type 
_pdbx_audit_revision_category.category 
1 2 'Structure model' citation                      
2 2 'Structure model' citation_author               
3 3 'Structure model' chem_comp_atom                
4 3 'Structure model' chem_comp_bond                
5 3 'Structure model' pdbx_initial_refinement_model 
# 
loop_
_pdbx_audit_revision_item.ordinal 
_pdbx_audit_revision_item.revision_ordinal 
_pdbx_audit_revision_item.data_content_type 
_pdbx_audit_revision_item.item 
1  2 'Structure model' '_citation.country'                 
2  2 'Structure model' '_citation.journal_abbrev'          
3  2 'Structure model' '_citation.journal_id_ASTM'         
4  2 'Structure model' '_citation.journal_id_CSD'          
5  2 'Structure model' '_citation.journal_id_ISSN'         
6  2 'Structure model' '_citation.journal_volume'          
7  2 'Structure model' '_citation.pdbx_database_id_DOI'    
8  2 'Structure model' '_citation.pdbx_database_id_PubMed' 
9  2 'Structure model' '_citation.title'                   
10 2 'Structure model' '_citation.year'                    
11 2 'Structure model' '_citation_author.identifier_ORCID' 
# 
_phasing.method   MR 
# 
loop_
_software.citation_id 
_software.classification 
_software.compiler_name 
_software.compiler_version 
_software.contact_author 
_software.contact_author_email 
_software.date 
_software.description 
_software.dependencies 
_software.hardware 
_software.language 
_software.location 
_software.mods 
_software.name 
_software.os 
_software.os_version 
_software.type 
_software.version 
_software.pdbx_ordinal 
? 'data reduction'  ? ? 'Wolfgang Kabsch' Wolfgang.Kabsch@mpimf-heidelberg.mpg.de ?               ? ? ? ?          
http://www.mpimf-heidelberg.mpg.de/~kabsch/xds/     ? XDS         ? ? package .           1 
? 'data scaling'    ? ? 'Phil Evans'      ?                                       29/03/17        ? ? ? ?          
http://www.mrc-lmb.cam.ac.uk/harry/pre/aimless.html ? Aimless     ? ? program 0.5.32      2 
? phasing           ? ? 'Alexei Vaguine'  alexei@ysbl.york.ac.uk                  ?               ? ? ? Fortran_77 
http://www.ccp4.ac.uk/dist/html/molrep.html         ? MOLREP      ? ? program .           3 
? refinement        ? ? 'Paul D. Adams'   PDAdams@lbl.gov                         ?               ? ? ? C++        
http://www.phenix-online.org/                       ? PHENIX      ? ? package 1.11.1_2575 4 
? 'data extraction' ? ? PDB               deposit@deposit.rcsb.org                'Oct. 31, 2020' ? ? ? C++        
http://sw-tools.pdb.org/apps/PDB_EXTRACT/           ? PDB_EXTRACT ? ? package 3.27        5 
# 
_pdbx_entry_details.entry_id                 7LX6 
_pdbx_entry_details.has_ligand_of_interest   Y 
_pdbx_entry_details.compound_details         ? 
_pdbx_entry_details.source_details           ? 
_pdbx_entry_details.nonpolymer_details       ? 
_pdbx_entry_details.sequence_details         ? 
# 
loop_
_pdbx_unobs_or_zero_occ_residues.id 
_pdbx_unobs_or_zero_occ_residues.PDB_model_num 
_pdbx_unobs_or_zero_occ_residues.polymer_flag 
_pdbx_unobs_or_zero_occ_residues.occupancy_flag 
_pdbx_unobs_or_zero_occ_residues.auth_asym_id 
_pdbx_unobs_or_zero_occ_residues.auth_comp_id 
_pdbx_unobs_or_zero_occ_residues.auth_seq_id 
_pdbx_unobs_or_zero_occ_residues.PDB_ins_code 
_pdbx_unobs_or_zero_occ_residues.label_asym_id 
_pdbx_unobs_or_zero_occ_residues.label_comp_id 
_pdbx_unobs_or_zero_occ_residues.label_seq_id 
1  1 Y 1 A ASN 163 ? A ASN 163 
2  1 Y 1 A LEU 164 ? A LEU 164 
3  1 Y 1 A LEU 165 ? A LEU 165 
4  1 Y 1 A GLU 166 ? A GLU 166 
5  1 Y 1 A HIS 167 ? A HIS 167 
6  1 Y 1 A HIS 168 ? A HIS 168 
7  1 Y 1 A HIS 169 ? A HIS 169 
8  1 Y 1 A HIS 170 ? A HIS 170 
9  1 Y 1 A HIS 171 ? A HIS 171 
10 1 Y 1 A HIS 172 ? A HIS 172 
# 
loop_
_chem_comp_atom.comp_id 
_chem_comp_atom.atom_id 
_chem_comp_atom.type_symbol 
_chem_comp_atom.pdbx_aromatic_flag 
_chem_comp_atom.pdbx_stereo_config 
_chem_comp_atom.pdbx_ordinal 
ALA N    N N N 1   
ALA CA   C N S 2   
ALA C    C N N 3   
ALA O    O N N 4   
ALA CB   C N N 5   
ALA OXT  O N N 6   
ALA H    H N N 7   
ALA H2   H N N 8   
ALA HA   H N N 9   
ALA HB1  H N N 10  
ALA HB2  H N N 11  
ALA HB3  H N N 12  
ALA HXT  H N N 13  
ARG N    N N N 14  
ARG CA   C N S 15  
ARG C    C N N 16  
ARG O    O N N 17  
ARG CB   C N N 18  
ARG CG   C N N 19  
ARG CD   C N N 20  
ARG NE   N N N 21  
ARG CZ   C N N 22  
ARG NH1  N N N 23  
ARG NH2  N N N 24  
ARG OXT  O N N 25  
ARG H    H N N 26  
ARG H2   H N N 27  
ARG HA   H N N 28  
ARG HB2  H N N 29  
ARG HB3  H N N 30  
ARG HG2  H N N 31  
ARG HG3  H N N 32  
ARG HD2  H N N 33  
ARG HD3  H N N 34  
ARG HE   H N N 35  
ARG HH11 H N N 36  
ARG HH12 H N N 37  
ARG HH21 H N N 38  
ARG HH22 H N N 39  
ARG HXT  H N N 40  
ASN N    N N N 41  
ASN CA   C N S 42  
ASN C    C N N 43  
ASN O    O N N 44  
ASN CB   C N N 45  
ASN CG   C N N 46  
ASN OD1  O N N 47  
ASN ND2  N N N 48  
ASN OXT  O N N 49  
ASN H    H N N 50  
ASN H2   H N N 51  
ASN HA   H N N 52  
ASN HB2  H N N 53  
ASN HB3  H N N 54  
ASN HD21 H N N 55  
ASN HD22 H N N 56  
ASN HXT  H N N 57  
ASP N    N N N 58  
ASP CA   C N S 59  
ASP C    C N N 60  
ASP O    O N N 61  
ASP CB   C N N 62  
ASP CG   C N N 63  
ASP OD1  O N N 64  
ASP OD2  O N N 65  
ASP OXT  O N N 66  
ASP H    H N N 67  
ASP H2   H N N 68  
ASP HA   H N N 69  
ASP HB2  H N N 70  
ASP HB3  H N N 71  
ASP HD2  H N N 72  
ASP HXT  H N N 73  
CYS N    N N N 74  
CYS CA   C N R 75  
CYS C    C N N 76  
CYS O    O N N 77  
CYS CB   C N N 78  
CYS SG   S N N 79  
CYS OXT  O N N 80  
CYS H    H N N 81  
CYS H2   H N N 82  
CYS HA   H N N 83  
CYS HB2  H N N 84  
CYS HB3  H N N 85  
CYS HG   H N N 86  
CYS HXT  H N N 87  
GLN N    N N N 88  
GLN CA   C N S 89  
GLN C    C N N 90  
GLN O    O N N 91  
GLN CB   C N N 92  
GLN CG   C N N 93  
GLN CD   C N N 94  
GLN OE1  O N N 95  
GLN NE2  N N N 96  
GLN OXT  O N N 97  
GLN H    H N N 98  
GLN H2   H N N 99  
GLN HA   H N N 100 
GLN HB2  H N N 101 
GLN HB3  H N N 102 
GLN HG2  H N N 103 
GLN HG3  H N N 104 
GLN HE21 H N N 105 
GLN HE22 H N N 106 
GLN HXT  H N N 107 
GLU N    N N N 108 
GLU CA   C N S 109 
GLU C    C N N 110 
GLU O    O N N 111 
GLU CB   C N N 112 
GLU CG   C N N 113 
GLU CD   C N N 114 
GLU OE1  O N N 115 
GLU OE2  O N N 116 
GLU OXT  O N N 117 
GLU H    H N N 118 
GLU H2   H N N 119 
GLU HA   H N N 120 
GLU HB2  H N N 121 
GLU HB3  H N N 122 
GLU HG2  H N N 123 
GLU HG3  H N N 124 
GLU HE2  H N N 125 
GLU HXT  H N N 126 
GLY N    N N N 127 
GLY CA   C N N 128 
GLY C    C N N 129 
GLY O    O N N 130 
GLY OXT  O N N 131 
GLY H    H N N 132 
GLY H2   H N N 133 
GLY HA2  H N N 134 
GLY HA3  H N N 135 
GLY HXT  H N N 136 
HIS N    N N N 137 
HIS CA   C N S 138 
HIS C    C N N 139 
HIS O    O N N 140 
HIS CB   C N N 141 
HIS CG   C Y N 142 
HIS ND1  N Y N 143 
HIS CD2  C Y N 144 
HIS CE1  C Y N 145 
HIS NE2  N Y N 146 
HIS OXT  O N N 147 
HIS H    H N N 148 
HIS H2   H N N 149 
HIS HA   H N N 150 
HIS HB2  H N N 151 
HIS HB3  H N N 152 
HIS HD1  H N N 153 
HIS HD2  H N N 154 
HIS HE1  H N N 155 
HIS HE2  H N N 156 
HIS HXT  H N N 157 
HOH O    O N N 158 
HOH H1   H N N 159 
HOH H2   H N N 160 
ILE N    N N N 161 
ILE CA   C N S 162 
ILE C    C N N 163 
ILE O    O N N 164 
ILE CB   C N S 165 
ILE CG1  C N N 166 
ILE CG2  C N N 167 
ILE CD1  C N N 168 
ILE OXT  O N N 169 
ILE H    H N N 170 
ILE H2   H N N 171 
ILE HA   H N N 172 
ILE HB   H N N 173 
ILE HG12 H N N 174 
ILE HG13 H N N 175 
ILE HG21 H N N 176 
ILE HG22 H N N 177 
ILE HG23 H N N 178 
ILE HD11 H N N 179 
ILE HD12 H N N 180 
ILE HD13 H N N 181 
ILE HXT  H N N 182 
LEU N    N N N 183 
LEU CA   C N S 184 
LEU C    C N N 185 
LEU O    O N N 186 
LEU CB   C N N 187 
LEU CG   C N N 188 
LEU CD1  C N N 189 
LEU CD2  C N N 190 
LEU OXT  O N N 191 
LEU H    H N N 192 
LEU H2   H N N 193 
LEU HA   H N N 194 
LEU HB2  H N N 195 
LEU HB3  H N N 196 
LEU HG   H N N 197 
LEU HD11 H N N 198 
LEU HD12 H N N 199 
LEU HD13 H N N 200 
LEU HD21 H N N 201 
LEU HD22 H N N 202 
LEU HD23 H N N 203 
LEU HXT  H N N 204 
LYS N    N N N 205 
LYS CA   C N S 206 
LYS C    C N N 207 
LYS O    O N N 208 
LYS CB   C N N 209 
LYS CG   C N N 210 
LYS CD   C N N 211 
LYS CE   C N N 212 
LYS NZ   N N N 213 
LYS OXT  O N N 214 
LYS H    H N N 215 
LYS H2   H N N 216 
LYS HA   H N N 217 
LYS HB2  H N N 218 
LYS HB3  H N N 219 
LYS HG2  H N N 220 
LYS HG3  H N N 221 
LYS HD2  H N N 222 
LYS HD3  H N N 223 
LYS HE2  H N N 224 
LYS HE3  H N N 225 
LYS HZ1  H N N 226 
LYS HZ2  H N N 227 
LYS HZ3  H N N 228 
LYS HXT  H N N 229 
MET N    N N N 230 
MET CA   C N S 231 
MET C    C N N 232 
MET O    O N N 233 
MET CB   C N N 234 
MET CG   C N N 235 
MET SD   S N N 236 
MET CE   C N N 237 
MET OXT  O N N 238 
MET H    H N N 239 
MET H2   H N N 240 
MET HA   H N N 241 
MET HB2  H N N 242 
MET HB3  H N N 243 
MET HG2  H N N 244 
MET HG3  H N N 245 
MET HE1  H N N 246 
MET HE2  H N N 247 
MET HE3  H N N 248 
MET HXT  H N N 249 
PHE N    N N N 250 
PHE CA   C N S 251 
PHE C    C N N 252 
PHE O    O N N 253 
PHE CB   C N N 254 
PHE CG   C Y N 255 
PHE CD1  C Y N 256 
PHE CD2  C Y N 257 
PHE CE1  C Y N 258 
PHE CE2  C Y N 259 
PHE CZ   C Y N 260 
PHE OXT  O N N 261 
PHE H    H N N 262 
PHE H2   H N N 263 
PHE HA   H N N 264 
PHE HB2  H N N 265 
PHE HB3  H N N 266 
PHE HD1  H N N 267 
PHE HD2  H N N 268 
PHE HE1  H N N 269 
PHE HE2  H N N 270 
PHE HZ   H N N 271 
PHE HXT  H N N 272 
PRO N    N N N 273 
PRO CA   C N S 274 
PRO C    C N N 275 
PRO O    O N N 276 
PRO CB   C N N 277 
PRO CG   C N N 278 
PRO CD   C N N 279 
PRO OXT  O N N 280 
PRO H    H N N 281 
PRO HA   H N N 282 
PRO HB2  H N N 283 
PRO HB3  H N N 284 
PRO HG2  H N N 285 
PRO HG3  H N N 286 
PRO HD2  H N N 287 
PRO HD3  H N N 288 
PRO HXT  H N N 289 
SER N    N N N 290 
SER CA   C N S 291 
SER C    C N N 292 
SER O    O N N 293 
SER CB   C N N 294 
SER OG   O N N 295 
SER OXT  O N N 296 
SER H    H N N 297 
SER H2   H N N 298 
SER HA   H N N 299 
SER HB2  H N N 300 
SER HB3  H N N 301 
SER HG   H N N 302 
SER HXT  H N N 303 
THR N    N N N 304 
THR CA   C N S 305 
THR C    C N N 306 
THR O    O N N 307 
THR CB   C N R 308 
THR OG1  O N N 309 
THR CG2  C N N 310 
THR OXT  O N N 311 
THR H    H N N 312 
THR H2   H N N 313 
THR HA   H N N 314 
THR HB   H N N 315 
THR HG1  H N N 316 
THR HG21 H N N 317 
THR HG22 H N N 318 
THR HG23 H N N 319 
THR HXT  H N N 320 
TRP N    N N N 321 
TRP CA   C N S 322 
TRP C    C N N 323 
TRP O    O N N 324 
TRP CB   C N N 325 
TRP CG   C Y N 326 
TRP CD1  C Y N 327 
TRP CD2  C Y N 328 
TRP NE1  N Y N 329 
TRP CE2  C Y N 330 
TRP CE3  C Y N 331 
TRP CZ2  C Y N 332 
TRP CZ3  C Y N 333 
TRP CH2  C Y N 334 
TRP OXT  O N N 335 
TRP H    H N N 336 
TRP H2   H N N 337 
TRP HA   H N N 338 
TRP HB2  H N N 339 
TRP HB3  H N N 340 
TRP HD1  H N N 341 
TRP HE1  H N N 342 
TRP HE3  H N N 343 
TRP HZ2  H N N 344 
TRP HZ3  H N N 345 
TRP HH2  H N N 346 
TRP HXT  H N N 347 
TRS C    C N N 348 
TRS C1   C N N 349 
TRS C2   C N N 350 
TRS C3   C N N 351 
TRS N    N N N 352 
TRS O1   O N N 353 
TRS O2   O N N 354 
TRS O3   O N N 355 
TRS H11  H N N 356 
TRS H12  H N N 357 
TRS H21  H N N 358 
TRS H22  H N N 359 
TRS H31  H N N 360 
TRS H32  H N N 361 
TRS HN1  H N N 362 
TRS HN2  H N N 363 
TRS HN3  H N N 364 
TRS HO1  H N N 365 
TRS HO2  H N N 366 
TRS HO3  H N N 367 
TYR N    N N N 368 
TYR CA   C N S 369 
TYR C    C N N 370 
TYR O    O N N 371 
TYR CB   C N N 372 
TYR CG   C Y N 373 
TYR CD1  C Y N 374 
TYR CD2  C Y N 375 
TYR CE1  C Y N 376 
TYR CE2  C Y N 377 
TYR CZ   C Y N 378 
TYR OH   O N N 379 
TYR OXT  O N N 380 
TYR H    H N N 381 
TYR H2   H N N 382 
TYR HA   H N N 383 
TYR HB2  H N N 384 
TYR HB3  H N N 385 
TYR HD1  H N N 386 
TYR HD2  H N N 387 
TYR HE1  H N N 388 
TYR HE2  H N N 389 
TYR HH   H N N 390 
TYR HXT  H N N 391 
VAL N    N N N 392 
VAL CA   C N S 393 
VAL C    C N N 394 
VAL O    O N N 395 
VAL CB   C N N 396 
VAL CG1  C N N 397 
VAL CG2  C N N 398 
VAL OXT  O N N 399 
VAL H    H N N 400 
VAL H2   H N N 401 
VAL HA   H N N 402 
VAL HB   H N N 403 
VAL HG11 H N N 404 
VAL HG12 H N N 405 
VAL HG13 H N N 406 
VAL HG21 H N N 407 
VAL HG22 H N N 408 
VAL HG23 H N N 409 
VAL HXT  H N N 410 
YGG N12  N Y N 411 
YGG C13  C Y N 412 
YGG C01  C Y N 413 
YGG C02  C Y N 414 
YGG C03  C Y N 415 
YGG C04  C Y N 416 
YGG C05  C N N 417 
YGG C06  C N N 418 
YGG C08  C Y N 419 
YGG C09  C Y N 420 
YGG C14  C Y N 421 
YGG N10  N Y N 422 
YGG N11  N Y N 423 
YGG S07  S N N 424 
YGG H1   H N N 425 
YGG H2   H N N 426 
YGG H3   H N N 427 
YGG H4   H N N 428 
YGG H5   H N N 429 
YGG H6   H N N 430 
YGG H7   H N N 431 
YGG H8   H N N 432 
YGG H9   H N N 433 
YGG H10  H N N 434 
YGG H11  H N N 435 
# 
loop_
_chem_comp_bond.comp_id 
_chem_comp_bond.atom_id_1 
_chem_comp_bond.atom_id_2 
_chem_comp_bond.value_order 
_chem_comp_bond.pdbx_aromatic_flag 
_chem_comp_bond.pdbx_stereo_config 
_chem_comp_bond.pdbx_ordinal 
ALA N   CA   sing N N 1   
ALA N   H    sing N N 2   
ALA N   H2   sing N N 3   
ALA CA  C    sing N N 4   
ALA CA  CB   sing N N 5   
ALA CA  HA   sing N N 6   
ALA C   O    doub N N 7   
ALA C   OXT  sing N N 8   
ALA CB  HB1  sing N N 9   
ALA CB  HB2  sing N N 10  
ALA CB  HB3  sing N N 11  
ALA OXT HXT  sing N N 12  
ARG N   CA   sing N N 13  
ARG N   H    sing N N 14  
ARG N   H2   sing N N 15  
ARG CA  C    sing N N 16  
ARG CA  CB   sing N N 17  
ARG CA  HA   sing N N 18  
ARG C   O    doub N N 19  
ARG C   OXT  sing N N 20  
ARG CB  CG   sing N N 21  
ARG CB  HB2  sing N N 22  
ARG CB  HB3  sing N N 23  
ARG CG  CD   sing N N 24  
ARG CG  HG2  sing N N 25  
ARG CG  HG3  sing N N 26  
ARG CD  NE   sing N N 27  
ARG CD  HD2  sing N N 28  
ARG CD  HD3  sing N N 29  
ARG NE  CZ   sing N N 30  
ARG NE  HE   sing N N 31  
ARG CZ  NH1  sing N N 32  
ARG CZ  NH2  doub N N 33  
ARG NH1 HH11 sing N N 34  
ARG NH1 HH12 sing N N 35  
ARG NH2 HH21 sing N N 36  
ARG NH2 HH22 sing N N 37  
ARG OXT HXT  sing N N 38  
ASN N   CA   sing N N 39  
ASN N   H    sing N N 40  
ASN N   H2   sing N N 41  
ASN CA  C    sing N N 42  
ASN CA  CB   sing N N 43  
ASN CA  HA   sing N N 44  
ASN C   O    doub N N 45  
ASN C   OXT  sing N N 46  
ASN CB  CG   sing N N 47  
ASN CB  HB2  sing N N 48  
ASN CB  HB3  sing N N 49  
ASN CG  OD1  doub N N 50  
ASN CG  ND2  sing N N 51  
ASN ND2 HD21 sing N N 52  
ASN ND2 HD22 sing N N 53  
ASN OXT HXT  sing N N 54  
ASP N   CA   sing N N 55  
ASP N   H    sing N N 56  
ASP N   H2   sing N N 57  
ASP CA  C    sing N N 58  
ASP CA  CB   sing N N 59  
ASP CA  HA   sing N N 60  
ASP C   O    doub N N 61  
ASP C   OXT  sing N N 62  
ASP CB  CG   sing N N 63  
ASP CB  HB2  sing N N 64  
ASP CB  HB3  sing N N 65  
ASP CG  OD1  doub N N 66  
ASP CG  OD2  sing N N 67  
ASP OD2 HD2  sing N N 68  
ASP OXT HXT  sing N N 69  
CYS N   CA   sing N N 70  
CYS N   H    sing N N 71  
CYS N   H2   sing N N 72  
CYS CA  C    sing N N 73  
CYS CA  CB   sing N N 74  
CYS CA  HA   sing N N 75  
CYS C   O    doub N N 76  
CYS C   OXT  sing N N 77  
CYS CB  SG   sing N N 78  
CYS CB  HB2  sing N N 79  
CYS CB  HB3  sing N N 80  
CYS SG  HG   sing N N 81  
CYS OXT HXT  sing N N 82  
GLN N   CA   sing N N 83  
GLN N   H    sing N N 84  
GLN N   H2   sing N N 85  
GLN CA  C    sing N N 86  
GLN CA  CB   sing N N 87  
GLN CA  HA   sing N N 88  
GLN C   O    doub N N 89  
GLN C   OXT  sing N N 90  
GLN CB  CG   sing N N 91  
GLN CB  HB2  sing N N 92  
GLN CB  HB3  sing N N 93  
GLN CG  CD   sing N N 94  
GLN CG  HG2  sing N N 95  
GLN CG  HG3  sing N N 96  
GLN CD  OE1  doub N N 97  
GLN CD  NE2  sing N N 98  
GLN NE2 HE21 sing N N 99  
GLN NE2 HE22 sing N N 100 
GLN OXT HXT  sing N N 101 
GLU N   CA   sing N N 102 
GLU N   H    sing N N 103 
GLU N   H2   sing N N 104 
GLU CA  C    sing N N 105 
GLU CA  CB   sing N N 106 
GLU CA  HA   sing N N 107 
GLU C   O    doub N N 108 
GLU C   OXT  sing N N 109 
GLU CB  CG   sing N N 110 
GLU CB  HB2  sing N N 111 
GLU CB  HB3  sing N N 112 
GLU CG  CD   sing N N 113 
GLU CG  HG2  sing N N 114 
GLU CG  HG3  sing N N 115 
GLU CD  OE1  doub N N 116 
GLU CD  OE2  sing N N 117 
GLU OE2 HE2  sing N N 118 
GLU OXT HXT  sing N N 119 
GLY N   CA   sing N N 120 
GLY N   H    sing N N 121 
GLY N   H2   sing N N 122 
GLY CA  C    sing N N 123 
GLY CA  HA2  sing N N 124 
GLY CA  HA3  sing N N 125 
GLY C   O    doub N N 126 
GLY C   OXT  sing N N 127 
GLY OXT HXT  sing N N 128 
HIS N   CA   sing N N 129 
HIS N   H    sing N N 130 
HIS N   H2   sing N N 131 
HIS CA  C    sing N N 132 
HIS CA  CB   sing N N 133 
HIS CA  HA   sing N N 134 
HIS C   O    doub N N 135 
HIS C   OXT  sing N N 136 
HIS CB  CG   sing N N 137 
HIS CB  HB2  sing N N 138 
HIS CB  HB3  sing N N 139 
HIS CG  ND1  sing Y N 140 
HIS CG  CD2  doub Y N 141 
HIS ND1 CE1  doub Y N 142 
HIS ND1 HD1  sing N N 143 
HIS CD2 NE2  sing Y N 144 
HIS CD2 HD2  sing N N 145 
HIS CE1 NE2  sing Y N 146 
HIS CE1 HE1  sing N N 147 
HIS NE2 HE2  sing N N 148 
HIS OXT HXT  sing N N 149 
HOH O   H1   sing N N 150 
HOH O   H2   sing N N 151 
ILE N   CA   sing N N 152 
ILE N   H    sing N N 153 
ILE N   H2   sing N N 154 
ILE CA  C    sing N N 155 
ILE CA  CB   sing N N 156 
ILE CA  HA   sing N N 157 
ILE C   O    doub N N 158 
ILE C   OXT  sing N N 159 
ILE CB  CG1  sing N N 160 
ILE CB  CG2  sing N N 161 
ILE CB  HB   sing N N 162 
ILE CG1 CD1  sing N N 163 
ILE CG1 HG12 sing N N 164 
ILE CG1 HG13 sing N N 165 
ILE CG2 HG21 sing N N 166 
ILE CG2 HG22 sing N N 167 
ILE CG2 HG23 sing N N 168 
ILE CD1 HD11 sing N N 169 
ILE CD1 HD12 sing N N 170 
ILE CD1 HD13 sing N N 171 
ILE OXT HXT  sing N N 172 
LEU N   CA   sing N N 173 
LEU N   H    sing N N 174 
LEU N   H2   sing N N 175 
LEU CA  C    sing N N 176 
LEU CA  CB   sing N N 177 
LEU CA  HA   sing N N 178 
LEU C   O    doub N N 179 
LEU C   OXT  sing N N 180 
LEU CB  CG   sing N N 181 
LEU CB  HB2  sing N N 182 
LEU CB  HB3  sing N N 183 
LEU CG  CD1  sing N N 184 
LEU CG  CD2  sing N N 185 
LEU CG  HG   sing N N 186 
LEU CD1 HD11 sing N N 187 
LEU CD1 HD12 sing N N 188 
LEU CD1 HD13 sing N N 189 
LEU CD2 HD21 sing N N 190 
LEU CD2 HD22 sing N N 191 
LEU CD2 HD23 sing N N 192 
LEU OXT HXT  sing N N 193 
LYS N   CA   sing N N 194 
LYS N   H    sing N N 195 
LYS N   H2   sing N N 196 
LYS CA  C    sing N N 197 
LYS CA  CB   sing N N 198 
LYS CA  HA   sing N N 199 
LYS C   O    doub N N 200 
LYS C   OXT  sing N N 201 
LYS CB  CG   sing N N 202 
LYS CB  HB2  sing N N 203 
LYS CB  HB3  sing N N 204 
LYS CG  CD   sing N N 205 
LYS CG  HG2  sing N N 206 
LYS CG  HG3  sing N N 207 
LYS CD  CE   sing N N 208 
LYS CD  HD2  sing N N 209 
LYS CD  HD3  sing N N 210 
LYS CE  NZ   sing N N 211 
LYS CE  HE2  sing N N 212 
LYS CE  HE3  sing N N 213 
LYS NZ  HZ1  sing N N 214 
LYS NZ  HZ2  sing N N 215 
LYS NZ  HZ3  sing N N 216 
LYS OXT HXT  sing N N 217 
MET N   CA   sing N N 218 
MET N   H    sing N N 219 
MET N   H2   sing N N 220 
MET CA  C    sing N N 221 
MET CA  CB   sing N N 222 
MET CA  HA   sing N N 223 
MET C   O    doub N N 224 
MET C   OXT  sing N N 225 
MET CB  CG   sing N N 226 
MET CB  HB2  sing N N 227 
MET CB  HB3  sing N N 228 
MET CG  SD   sing N N 229 
MET CG  HG2  sing N N 230 
MET CG  HG3  sing N N 231 
MET SD  CE   sing N N 232 
MET CE  HE1  sing N N 233 
MET CE  HE2  sing N N 234 
MET CE  HE3  sing N N 235 
MET OXT HXT  sing N N 236 
PHE N   CA   sing N N 237 
PHE N   H    sing N N 238 
PHE N   H2   sing N N 239 
PHE CA  C    sing N N 240 
PHE CA  CB   sing N N 241 
PHE CA  HA   sing N N 242 
PHE C   O    doub N N 243 
PHE C   OXT  sing N N 244 
PHE CB  CG   sing N N 245 
PHE CB  HB2  sing N N 246 
PHE CB  HB3  sing N N 247 
PHE CG  CD1  doub Y N 248 
PHE CG  CD2  sing Y N 249 
PHE CD1 CE1  sing Y N 250 
PHE CD1 HD1  sing N N 251 
PHE CD2 CE2  doub Y N 252 
PHE CD2 HD2  sing N N 253 
PHE CE1 CZ   doub Y N 254 
PHE CE1 HE1  sing N N 255 
PHE CE2 CZ   sing Y N 256 
PHE CE2 HE2  sing N N 257 
PHE CZ  HZ   sing N N 258 
PHE OXT HXT  sing N N 259 
PRO N   CA   sing N N 260 
PRO N   CD   sing N N 261 
PRO N   H    sing N N 262 
PRO CA  C    sing N N 263 
PRO CA  CB   sing N N 264 
PRO CA  HA   sing N N 265 
PRO C   O    doub N N 266 
PRO C   OXT  sing N N 267 
PRO CB  CG   sing N N 268 
PRO CB  HB2  sing N N 269 
PRO CB  HB3  sing N N 270 
PRO CG  CD   sing N N 271 
PRO CG  HG2  sing N N 272 
PRO CG  HG3  sing N N 273 
PRO CD  HD2  sing N N 274 
PRO CD  HD3  sing N N 275 
PRO OXT HXT  sing N N 276 
SER N   CA   sing N N 277 
SER N   H    sing N N 278 
SER N   H2   sing N N 279 
SER CA  C    sing N N 280 
SER CA  CB   sing N N 281 
SER CA  HA   sing N N 282 
SER C   O    doub N N 283 
SER C   OXT  sing N N 284 
SER CB  OG   sing N N 285 
SER CB  HB2  sing N N 286 
SER CB  HB3  sing N N 287 
SER OG  HG   sing N N 288 
SER OXT HXT  sing N N 289 
THR N   CA   sing N N 290 
THR N   H    sing N N 291 
THR N   H2   sing N N 292 
THR CA  C    sing N N 293 
THR CA  CB   sing N N 294 
THR CA  HA   sing N N 295 
THR C   O    doub N N 296 
THR C   OXT  sing N N 297 
THR CB  OG1  sing N N 298 
THR CB  CG2  sing N N 299 
THR CB  HB   sing N N 300 
THR OG1 HG1  sing N N 301 
THR CG2 HG21 sing N N 302 
THR CG2 HG22 sing N N 303 
THR CG2 HG23 sing N N 304 
THR OXT HXT  sing N N 305 
TRP N   CA   sing N N 306 
TRP N   H    sing N N 307 
TRP N   H2   sing N N 308 
TRP CA  C    sing N N 309 
TRP CA  CB   sing N N 310 
TRP CA  HA   sing N N 311 
TRP C   O    doub N N 312 
TRP C   OXT  sing N N 313 
TRP CB  CG   sing N N 314 
TRP CB  HB2  sing N N 315 
TRP CB  HB3  sing N N 316 
TRP CG  CD1  doub Y N 317 
TRP CG  CD2  sing Y N 318 
TRP CD1 NE1  sing Y N 319 
TRP CD1 HD1  sing N N 320 
TRP CD2 CE2  doub Y N 321 
TRP CD2 CE3  sing Y N 322 
TRP NE1 CE2  sing Y N 323 
TRP NE1 HE1  sing N N 324 
TRP CE2 CZ2  sing Y N 325 
TRP CE3 CZ3  doub Y N 326 
TRP CE3 HE3  sing N N 327 
TRP CZ2 CH2  doub Y N 328 
TRP CZ2 HZ2  sing N N 329 
TRP CZ3 CH2  sing Y N 330 
TRP CZ3 HZ3  sing N N 331 
TRP CH2 HH2  sing N N 332 
TRP OXT HXT  sing N N 333 
TRS C   C1   sing N N 334 
TRS C   C2   sing N N 335 
TRS C   C3   sing N N 336 
TRS C   N    sing N N 337 
TRS C1  O1   sing N N 338 
TRS C1  H11  sing N N 339 
TRS C1  H12  sing N N 340 
TRS C2  O2   sing N N 341 
TRS C2  H21  sing N N 342 
TRS C2  H22  sing N N 343 
TRS C3  O3   sing N N 344 
TRS C3  H31  sing N N 345 
TRS C3  H32  sing N N 346 
TRS N   HN1  sing N N 347 
TRS N   HN2  sing N N 348 
TRS N   HN3  sing N N 349 
TRS O1  HO1  sing N N 350 
TRS O2  HO2  sing N N 351 
TRS O3  HO3  sing N N 352 
TYR N   CA   sing N N 353 
TYR N   H    sing N N 354 
TYR N   H2   sing N N 355 
TYR CA  C    sing N N 356 
TYR CA  CB   sing N N 357 
TYR CA  HA   sing N N 358 
TYR C   O    doub N N 359 
TYR C   OXT  sing N N 360 
TYR CB  CG   sing N N 361 
TYR CB  HB2  sing N N 362 
TYR CB  HB3  sing N N 363 
TYR CG  CD1  doub Y N 364 
TYR CG  CD2  sing Y N 365 
TYR CD1 CE1  sing Y N 366 
TYR CD1 HD1  sing N N 367 
TYR CD2 CE2  doub Y N 368 
TYR CD2 HD2  sing N N 369 
TYR CE1 CZ   doub Y N 370 
TYR CE1 HE1  sing N N 371 
TYR CE2 CZ   sing Y N 372 
TYR CE2 HE2  sing N N 373 
TYR CZ  OH   sing N N 374 
TYR OH  HH   sing N N 375 
TYR OXT HXT  sing N N 376 
VAL N   CA   sing N N 377 
VAL N   H    sing N N 378 
VAL N   H2   sing N N 379 
VAL CA  C    sing N N 380 
VAL CA  CB   sing N N 381 
VAL CA  HA   sing N N 382 
VAL C   O    doub N N 383 
VAL C   OXT  sing N N 384 
VAL CB  CG1  sing N N 385 
VAL CB  CG2  sing N N 386 
VAL CB  HB   sing N N 387 
VAL CG1 HG11 sing N N 388 
VAL CG1 HG12 sing N N 389 
VAL CG1 HG13 sing N N 390 
VAL CG2 HG21 sing N N 391 
VAL CG2 HG22 sing N N 392 
VAL CG2 HG23 sing N N 393 
VAL OXT HXT  sing N N 394 
YGG C13 C14  doub Y N 395 
YGG C13 C04  sing Y N 396 
YGG C14 C01  sing Y N 397 
YGG S07 C08  sing N N 398 
YGG S07 C06  sing N N 399 
YGG N12 C08  sing Y N 400 
YGG N12 N11  sing Y N 401 
YGG C05 C04  sing N N 402 
YGG C05 C06  sing N N 403 
YGG C04 C03  doub Y N 404 
YGG C01 C02  doub Y N 405 
YGG C08 C09  doub Y N 406 
YGG N11 N10  doub Y N 407 
YGG C03 C02  sing Y N 408 
YGG C09 N10  sing Y N 409 
YGG N12 H1   sing N N 410 
YGG C13 H2   sing N N 411 
YGG C01 H3   sing N N 412 
YGG C02 H4   sing N N 413 
YGG C03 H5   sing N N 414 
YGG C05 H6   sing N N 415 
YGG C05 H7   sing N N 416 
YGG C06 H8   sing N N 417 
YGG C06 H9   sing N N 418 
YGG C09 H10  sing N N 419 
YGG C14 H11  sing N N 420 
# 
_pdbx_audit_support.funding_organization   
'National Institutes of Health/National Institute of General Medical Sciences (NIH/NIGMS)' 
_pdbx_audit_support.country                'United States' 
_pdbx_audit_support.grant_number           ? 
_pdbx_audit_support.ordinal                1 
# 
_pdbx_entity_instance_feature.ordinal        1 
_pdbx_entity_instance_feature.comp_id        YGG 
_pdbx_entity_instance_feature.asym_id        ? 
_pdbx_entity_instance_feature.seq_num        ? 
_pdbx_entity_instance_feature.auth_comp_id   YGG 
_pdbx_entity_instance_feature.auth_asym_id   ? 
_pdbx_entity_instance_feature.auth_seq_num   ? 
_pdbx_entity_instance_feature.feature_type   'SUBJECT OF INVESTIGATION' 
_pdbx_entity_instance_feature.details        ? 
# 
loop_
_pdbx_entity_nonpoly.entity_id 
_pdbx_entity_nonpoly.name 
_pdbx_entity_nonpoly.comp_id 
2 '5-[(2-phenylethyl)sulfanyl]-1H-1,2,3-triazole' YGG 
3 2-AMINO-2-HYDROXYMETHYL-PROPANE-1,3-DIOL        TRS 
4 water                                           HOH 
# 
_pdbx_initial_refinement_model.id               1 
_pdbx_initial_refinement_model.entity_id_list   ? 
_pdbx_initial_refinement_model.type             'experimental model' 
_pdbx_initial_refinement_model.source_name      PDB 
_pdbx_initial_refinement_model.accession_code   4W57 
_pdbx_initial_refinement_model.details          ? 
# 
_pdbx_struct_assembly_auth_evidence.id                     1 
_pdbx_struct_assembly_auth_evidence.assembly_id            1 
_pdbx_struct_assembly_auth_evidence.experimental_support   none 
_pdbx_struct_assembly_auth_evidence.details                ? 
# 
